data_2PHE
#
_entry.id   2PHE
#
loop_
_entity.id
_entity.type
_entity.pdbx_description
1 polymer 'TRANSCRIPTIONAL COACTIVATOR PC4'
2 polymer 'Alpha trans-inducing protein'
#
loop_
_entity_poly.entity_id
_entity_poly.type
_entity_poly.pdbx_seq_one_letter_code
_entity_poly.pdbx_strand_id
1 'polypeptide(L)' AMFQIGKMRYVSVRDFKGKVLIDIREYWMDPEGEMKPGRKGISLNPEQWSQLKEQISDIDDAVRKL A,B
2 'polypeptide(L)' YGALDMADFEFEQMFTDALGIDEYGG C
#
# COMPACT_ATOMS: atom_id res chain seq x y z
N ALA A 1 11.90 -9.88 0.92
CA ALA A 1 10.84 -10.55 1.70
C ALA A 1 9.48 -10.32 1.06
N MET A 2 8.61 -11.33 1.13
CA MET A 2 7.28 -11.25 0.56
C MET A 2 6.24 -11.81 1.52
N PHE A 3 5.43 -10.93 2.07
CA PHE A 3 4.38 -11.34 3.00
C PHE A 3 3.04 -11.39 2.26
N GLN A 4 2.01 -11.94 2.89
CA GLN A 4 0.71 -12.03 2.25
C GLN A 4 -0.39 -11.56 3.20
N ILE A 5 -1.27 -10.71 2.70
CA ILE A 5 -2.38 -10.19 3.50
C ILE A 5 -3.72 -10.60 2.92
N GLY A 6 -3.68 -11.31 1.80
CA GLY A 6 -4.90 -11.75 1.16
C GLY A 6 -4.62 -12.48 -0.14
N LYS A 7 -5.65 -13.03 -0.76
CA LYS A 7 -5.51 -13.75 -2.02
C LYS A 7 -5.05 -12.79 -3.11
N MET A 8 -3.97 -13.16 -3.79
CA MET A 8 -3.40 -12.36 -4.87
C MET A 8 -2.90 -11.00 -4.35
N ARG A 9 -2.70 -10.89 -3.04
CA ARG A 9 -2.20 -9.65 -2.45
C ARG A 9 -1.01 -9.94 -1.55
N TYR A 10 0.17 -9.52 -2.00
CA TYR A 10 1.39 -9.76 -1.25
C TYR A 10 2.09 -8.44 -0.92
N VAL A 11 2.96 -8.48 0.07
CA VAL A 11 3.70 -7.30 0.49
C VAL A 11 5.18 -7.46 0.15
N SER A 12 5.65 -6.62 -0.76
CA SER A 12 7.04 -6.65 -1.19
C SER A 12 7.90 -5.79 -0.27
N VAL A 13 8.88 -6.41 0.38
CA VAL A 13 9.78 -5.70 1.27
C VAL A 13 11.22 -6.09 0.97
N ARG A 14 11.97 -5.18 0.35
CA ARG A 14 13.36 -5.46 0.00
C ARG A 14 14.15 -4.16 -0.13
N ASP A 15 15.46 -4.29 -0.25
CA ASP A 15 16.35 -3.15 -0.40
C ASP A 15 16.17 -2.53 -1.78
N PHE A 16 16.02 -1.22 -1.84
CA PHE A 16 15.83 -0.53 -3.10
C PHE A 16 16.52 0.84 -3.06
N LYS A 17 17.50 1.02 -3.93
CA LYS A 17 18.26 2.26 -4.05
C LYS A 17 18.99 2.58 -2.74
N GLY A 18 18.32 3.25 -1.83
CA GLY A 18 18.91 3.60 -0.56
C GLY A 18 17.88 3.63 0.54
N LYS A 19 16.87 2.78 0.41
CA LYS A 19 15.80 2.71 1.39
C LYS A 19 15.11 1.36 1.28
N VAL A 20 14.25 1.06 2.26
CA VAL A 20 13.52 -0.19 2.25
C VAL A 20 12.25 -0.04 1.44
N LEU A 21 12.13 -0.85 0.40
CA LEU A 21 10.98 -0.82 -0.48
C LEU A 21 9.86 -1.68 0.09
N ILE A 22 8.88 -1.03 0.70
CA ILE A 22 7.73 -1.71 1.26
C ILE A 22 6.51 -1.42 0.39
N ASP A 23 6.18 -2.34 -0.50
CA ASP A 23 5.06 -2.13 -1.40
C ASP A 23 3.96 -3.17 -1.22
N ILE A 24 2.76 -2.69 -0.92
CA ILE A 24 1.61 -3.56 -0.77
C ILE A 24 0.79 -3.48 -2.05
N ARG A 25 0.88 -4.51 -2.87
CA ARG A 25 0.18 -4.51 -4.14
C ARG A 25 -0.28 -5.91 -4.52
N GLU A 26 -1.26 -5.98 -5.41
CA GLU A 26 -1.76 -7.25 -5.89
C GLU A 26 -0.64 -7.96 -6.63
N TYR A 27 -0.55 -9.27 -6.46
CA TYR A 27 0.52 -10.03 -7.11
C TYR A 27 -0.03 -10.98 -8.16
N TRP A 28 0.42 -10.79 -9.38
CA TRP A 28 0.02 -11.63 -10.50
C TRP A 28 1.14 -12.61 -10.80
N MET A 29 0.80 -13.73 -11.41
CA MET A 29 1.79 -14.75 -11.72
C MET A 29 2.52 -14.44 -13.02
N ASP A 30 3.83 -14.68 -12.98
CA ASP A 30 4.69 -14.47 -14.14
C ASP A 30 4.62 -15.69 -15.05
N PRO A 31 4.69 -15.49 -16.38
CA PRO A 31 4.66 -16.59 -17.36
C PRO A 31 5.61 -17.74 -16.99
N GLU A 32 6.74 -17.39 -16.39
CA GLU A 32 7.71 -18.39 -15.98
C GLU A 32 7.25 -19.14 -14.74
N GLY A 33 7.02 -18.41 -13.65
CA GLY A 33 6.56 -19.07 -12.43
C GLY A 33 6.59 -18.17 -11.20
N GLU A 34 7.23 -17.00 -11.31
CA GLU A 34 7.32 -16.07 -10.19
C GLU A 34 6.04 -15.27 -10.03
N MET A 35 6.06 -14.32 -9.10
CA MET A 35 4.90 -13.45 -8.85
C MET A 35 5.37 -12.01 -8.74
N LYS A 36 4.58 -11.08 -9.26
CA LYS A 36 4.93 -9.65 -9.20
C LYS A 36 3.68 -8.78 -9.08
N PRO A 37 3.84 -7.55 -8.54
CA PRO A 37 2.72 -6.62 -8.34
C PRO A 37 2.04 -6.15 -9.63
N GLY A 38 0.78 -5.79 -9.51
CA GLY A 38 0.00 -5.31 -10.64
C GLY A 38 -0.15 -3.80 -10.64
N ARG A 39 -1.36 -3.31 -10.39
CA ARG A 39 -1.60 -1.87 -10.38
C ARG A 39 -2.18 -1.40 -9.05
N LYS A 40 -3.18 -2.11 -8.54
CA LYS A 40 -3.81 -1.74 -7.29
C LYS A 40 -2.88 -2.01 -6.11
N GLY A 41 -2.30 -0.94 -5.57
CA GLY A 41 -1.39 -1.08 -4.46
C GLY A 41 -0.76 0.24 -4.08
N ILE A 42 -0.13 0.27 -2.91
CA ILE A 42 0.52 1.46 -2.41
C ILE A 42 1.74 1.10 -1.59
N SER A 43 2.79 1.91 -1.73
CA SER A 43 4.03 1.69 -0.99
C SER A 43 3.94 2.34 0.38
N LEU A 44 4.40 1.64 1.40
CA LEU A 44 4.38 2.14 2.76
C LEU A 44 5.69 2.83 3.10
N ASN A 45 5.65 4.14 3.14
CA ASN A 45 6.81 4.94 3.49
C ASN A 45 7.24 4.62 4.92
N PRO A 46 8.55 4.55 5.19
CA PRO A 46 9.07 4.26 6.53
C PRO A 46 8.38 5.10 7.61
N GLU A 47 8.09 6.36 7.29
CA GLU A 47 7.42 7.26 8.22
C GLU A 47 5.94 6.95 8.28
N GLN A 48 5.37 6.61 7.13
CA GLN A 48 3.96 6.28 7.03
C GLN A 48 3.65 4.98 7.76
N TRP A 49 4.62 4.08 7.77
CA TRP A 49 4.49 2.78 8.44
C TRP A 49 4.11 2.97 9.91
N SER A 50 4.77 3.89 10.58
CA SER A 50 4.49 4.15 11.98
C SER A 50 3.12 4.82 12.14
N GLN A 51 2.91 5.89 11.38
CA GLN A 51 1.65 6.64 11.42
C GLN A 51 0.45 5.73 11.15
N LEU A 52 0.58 4.85 10.16
CA LEU A 52 -0.49 3.92 9.81
C LEU A 52 -0.82 3.01 10.99
N LYS A 53 0.22 2.43 11.59
CA LYS A 53 0.04 1.52 12.73
C LYS A 53 -0.62 2.24 13.90
N GLU A 54 -0.27 3.49 14.10
CA GLU A 54 -0.83 4.29 15.19
C GLU A 54 -2.27 4.70 14.91
N GLN A 55 -2.59 4.89 13.63
CA GLN A 55 -3.94 5.28 13.23
C GLN A 55 -4.87 4.07 13.18
N ILE A 56 -4.28 2.87 13.17
CA ILE A 56 -5.05 1.63 13.10
C ILE A 56 -6.19 1.58 14.13
N SER A 57 -5.89 2.01 15.36
CA SER A 57 -6.88 2.01 16.42
C SER A 57 -8.13 2.83 16.04
N ASP A 58 -7.91 3.94 15.33
CA ASP A 58 -9.01 4.80 14.92
C ASP A 58 -9.65 4.28 13.63
N ILE A 59 -8.80 3.81 12.73
CA ILE A 59 -9.26 3.26 11.45
C ILE A 59 -10.18 2.08 11.68
N ASP A 60 -9.71 1.15 12.51
CA ASP A 60 -10.46 -0.06 12.84
C ASP A 60 -11.79 0.30 13.50
N ASP A 61 -11.76 1.35 14.30
CA ASP A 61 -12.94 1.83 15.01
C ASP A 61 -13.98 2.37 14.03
N ALA A 62 -13.50 3.01 12.97
CA ALA A 62 -14.37 3.57 11.94
C ALA A 62 -15.02 2.46 11.13
N VAL A 63 -14.29 1.37 10.94
CA VAL A 63 -14.79 0.22 10.19
C VAL A 63 -16.02 -0.37 10.89
N ARG A 64 -15.94 -0.42 12.22
CA ARG A 64 -17.03 -0.97 13.03
C ARG A 64 -18.20 0.01 13.10
N LYS A 65 -17.96 1.25 12.69
CA LYS A 65 -19.00 2.28 12.72
C LYS A 65 -19.78 2.29 11.40
N LEU A 66 -19.38 1.45 10.48
CA LEU A 66 -20.04 1.37 9.18
C LEU A 66 -20.50 -0.04 8.88
N ALA B 1 -13.43 9.84 8.95
CA ALA B 1 -13.02 8.62 8.27
C ALA B 1 -11.73 8.86 7.51
N MET B 2 -11.24 10.08 7.56
CA MET B 2 -10.01 10.46 6.88
C MET B 2 -8.86 10.48 7.89
N PHE B 3 -8.04 9.45 7.87
CA PHE B 3 -6.92 9.35 8.79
C PHE B 3 -5.59 9.58 8.08
N GLN B 4 -4.90 10.65 8.45
CA GLN B 4 -3.62 10.97 7.85
C GLN B 4 -2.55 9.99 8.33
N ILE B 5 -1.88 9.35 7.37
CA ILE B 5 -0.83 8.40 7.68
C ILE B 5 0.50 8.89 7.16
N GLY B 6 0.49 10.08 6.58
CA GLY B 6 1.70 10.66 6.04
C GLY B 6 1.43 11.90 5.22
N LYS B 7 2.39 12.30 4.41
CA LYS B 7 2.23 13.48 3.57
C LYS B 7 1.53 13.12 2.27
N MET B 8 0.35 13.71 2.06
CA MET B 8 -0.47 13.49 0.87
C MET B 8 -1.03 12.07 0.83
N ARG B 9 -0.86 11.34 1.92
CA ARG B 9 -1.37 9.97 2.02
C ARG B 9 -2.34 9.87 3.18
N TYR B 10 -3.58 9.52 2.88
CA TYR B 10 -4.62 9.42 3.90
C TYR B 10 -5.43 8.15 3.74
N VAL B 11 -5.73 7.50 4.85
CA VAL B 11 -6.54 6.29 4.84
C VAL B 11 -8.00 6.69 4.99
N SER B 12 -8.79 6.39 3.98
CA SER B 12 -10.20 6.74 4.00
C SER B 12 -11.07 5.49 4.12
N VAL B 13 -11.71 5.33 5.26
CA VAL B 13 -12.59 4.21 5.50
C VAL B 13 -14.02 4.62 5.15
N ARG B 14 -14.43 4.32 3.94
CA ARG B 14 -15.75 4.69 3.47
C ARG B 14 -16.55 3.47 3.04
N ASP B 15 -17.86 3.56 3.21
CA ASP B 15 -18.76 2.49 2.82
C ASP B 15 -19.17 2.66 1.37
N PHE B 16 -18.78 1.71 0.53
CA PHE B 16 -19.09 1.79 -0.88
C PHE B 16 -20.12 0.74 -1.29
N LYS B 17 -21.34 1.20 -1.53
CA LYS B 17 -22.45 0.33 -1.94
C LYS B 17 -22.73 -0.80 -0.95
N GLY B 18 -22.47 -0.55 0.33
CA GLY B 18 -22.71 -1.56 1.34
C GLY B 18 -21.47 -2.40 1.62
N LYS B 19 -20.32 -1.77 1.46
CA LYS B 19 -19.04 -2.44 1.69
C LYS B 19 -18.04 -1.47 2.30
N VAL B 20 -17.74 -1.66 3.58
CA VAL B 20 -16.77 -0.82 4.26
C VAL B 20 -15.38 -1.10 3.72
N LEU B 21 -14.85 -0.18 2.92
CA LEU B 21 -13.54 -0.36 2.33
C LEU B 21 -12.52 0.60 2.92
N ILE B 22 -11.41 0.05 3.35
CA ILE B 22 -10.32 0.85 3.89
C ILE B 22 -9.38 1.20 2.74
N ASP B 23 -9.71 2.29 2.06
CA ASP B 23 -8.93 2.73 0.91
C ASP B 23 -7.74 3.57 1.31
N ILE B 24 -6.56 2.99 1.18
CA ILE B 24 -5.33 3.69 1.48
C ILE B 24 -4.82 4.30 0.19
N ARG B 25 -5.14 5.56 -0.02
CA ARG B 25 -4.77 6.24 -1.25
C ARG B 25 -4.16 7.60 -0.98
N GLU B 26 -3.60 8.17 -2.02
CA GLU B 26 -3.00 9.49 -1.95
C GLU B 26 -4.05 10.53 -2.26
N TYR B 27 -3.85 11.74 -1.77
CA TYR B 27 -4.78 12.82 -2.01
C TYR B 27 -4.03 14.06 -2.47
N TRP B 28 -4.34 14.51 -3.67
CA TRP B 28 -3.70 15.69 -4.24
C TRP B 28 -4.68 16.85 -4.27
N MET B 29 -4.22 18.03 -3.89
CA MET B 29 -5.08 19.20 -3.87
C MET B 29 -5.32 19.74 -5.27
N ASP B 30 -6.59 19.99 -5.56
CA ASP B 30 -6.99 20.52 -6.86
C ASP B 30 -6.85 22.04 -6.86
N PRO B 31 -7.03 22.71 -8.02
CA PRO B 31 -6.94 24.17 -8.11
C PRO B 31 -8.00 24.89 -7.28
N GLU B 32 -8.99 24.15 -6.81
CA GLU B 32 -10.06 24.72 -5.99
C GLU B 32 -9.63 24.78 -4.53
N GLY B 33 -9.02 23.71 -4.05
CA GLY B 33 -8.57 23.65 -2.68
C GLY B 33 -9.03 22.39 -1.98
N GLU B 34 -9.46 21.41 -2.75
CA GLU B 34 -9.93 20.16 -2.19
C GLU B 34 -8.95 19.05 -2.50
N MET B 35 -8.82 18.09 -1.59
CA MET B 35 -7.92 16.97 -1.78
C MET B 35 -8.65 15.84 -2.51
N LYS B 36 -8.20 15.53 -3.71
CA LYS B 36 -8.80 14.47 -4.50
C LYS B 36 -7.94 13.22 -4.48
N PRO B 37 -8.55 12.03 -4.40
CA PRO B 37 -7.81 10.77 -4.36
C PRO B 37 -7.08 10.50 -5.67
N GLY B 38 -5.80 10.19 -5.56
CA GLY B 38 -4.99 9.91 -6.73
C GLY B 38 -5.26 8.52 -7.29
N ARG B 39 -4.48 8.12 -8.28
CA ARG B 39 -4.67 6.81 -8.89
C ARG B 39 -3.87 5.74 -8.15
N LYS B 40 -2.83 6.16 -7.46
CA LYS B 40 -1.99 5.23 -6.73
C LYS B 40 -2.53 5.01 -5.32
N GLY B 41 -2.96 3.78 -5.07
CA GLY B 41 -3.50 3.41 -3.79
C GLY B 41 -4.16 2.05 -3.85
N ILE B 42 -4.63 1.54 -2.71
CA ILE B 42 -5.28 0.24 -2.67
C ILE B 42 -6.43 0.22 -1.68
N SER B 43 -7.53 -0.41 -2.07
CA SER B 43 -8.71 -0.52 -1.24
C SER B 43 -8.72 -1.88 -0.54
N LEU B 44 -8.47 -1.88 0.75
CA LEU B 44 -8.44 -3.12 1.52
C LEU B 44 -9.75 -3.31 2.28
N ASN B 45 -10.28 -4.52 2.24
CA ASN B 45 -11.52 -4.82 2.94
C ASN B 45 -11.18 -5.25 4.37
N PRO B 46 -12.17 -5.27 5.29
CA PRO B 46 -11.95 -5.64 6.70
C PRO B 46 -11.19 -6.97 6.86
N GLU B 47 -11.40 -7.88 5.91
CA GLU B 47 -10.74 -9.18 5.93
C GLU B 47 -9.22 -9.01 5.78
N GLN B 48 -8.80 -8.38 4.69
CA GLN B 48 -7.38 -8.15 4.43
C GLN B 48 -6.82 -7.19 5.46
N TRP B 49 -7.68 -6.27 5.92
CA TRP B 49 -7.29 -5.29 6.92
C TRP B 49 -6.83 -5.99 8.20
N SER B 50 -7.55 -7.04 8.59
CA SER B 50 -7.20 -7.80 9.78
C SER B 50 -5.85 -8.47 9.58
N GLN B 51 -5.68 -9.11 8.43
CA GLN B 51 -4.43 -9.79 8.11
C GLN B 51 -3.26 -8.82 8.08
N LEU B 52 -3.50 -7.62 7.56
CA LEU B 52 -2.47 -6.60 7.49
C LEU B 52 -1.95 -6.27 8.89
N LYS B 53 -2.86 -6.09 9.82
CA LYS B 53 -2.51 -5.78 11.21
C LYS B 53 -1.78 -6.95 11.86
N GLU B 54 -2.19 -8.16 11.52
CA GLU B 54 -1.57 -9.36 12.08
C GLU B 54 -0.19 -9.61 11.47
N GLN B 55 -0.02 -9.22 10.21
CA GLN B 55 1.24 -9.40 9.51
C GLN B 55 2.26 -8.36 9.96
N ILE B 56 1.80 -7.35 10.69
CA ILE B 56 2.68 -6.29 11.19
C ILE B 56 3.85 -6.87 11.99
N SER B 57 3.56 -7.90 12.80
CA SER B 57 4.57 -8.54 13.63
C SER B 57 5.71 -9.11 12.77
N ASP B 58 5.42 -9.40 11.51
CA ASP B 58 6.41 -9.95 10.60
C ASP B 58 7.04 -8.85 9.75
N ILE B 59 6.19 -7.97 9.23
CA ILE B 59 6.65 -6.86 8.38
C ILE B 59 7.56 -5.91 9.15
N ASP B 60 7.13 -5.53 10.36
CA ASP B 60 7.90 -4.60 11.19
C ASP B 60 9.30 -5.13 11.47
N ASP B 61 9.42 -6.45 11.56
CA ASP B 61 10.71 -7.08 11.81
C ASP B 61 11.68 -6.82 10.66
N ALA B 62 11.18 -6.92 9.45
CA ALA B 62 12.00 -6.68 8.26
C ALA B 62 12.35 -5.21 8.12
N VAL B 63 11.44 -4.35 8.58
CA VAL B 63 11.65 -2.90 8.51
C VAL B 63 12.65 -2.43 9.56
N ARG B 64 12.59 -3.04 10.75
CA ARG B 64 13.48 -2.69 11.85
C ARG B 64 14.86 -3.33 11.66
N LYS B 65 14.99 -4.17 10.65
CA LYS B 65 16.26 -4.84 10.38
C LYS B 65 16.93 -4.20 9.17
N LEU B 66 17.68 -3.14 9.40
CA LEU B 66 18.38 -2.45 8.33
C LEU B 66 19.75 -3.06 8.11
N TYR C 1 10.09 -14.28 -15.27
CA TYR C 1 11.02 -13.16 -15.49
C TYR C 1 10.40 -12.11 -16.41
N GLY C 2 9.51 -12.57 -17.29
CA GLY C 2 8.84 -11.68 -18.23
C GLY C 2 8.10 -10.55 -17.53
N ALA C 3 7.36 -10.91 -16.48
CA ALA C 3 6.61 -9.93 -15.72
C ALA C 3 7.40 -9.53 -14.48
N LEU C 4 8.26 -10.44 -14.03
CA LEU C 4 9.11 -10.22 -12.87
C LEU C 4 9.96 -8.97 -13.04
N ASP C 5 10.68 -8.89 -14.16
CA ASP C 5 11.55 -7.75 -14.44
C ASP C 5 10.72 -6.52 -14.79
N MET C 6 9.61 -6.75 -15.48
CA MET C 6 8.71 -5.68 -15.88
C MET C 6 8.16 -4.95 -14.66
N ALA C 7 7.64 -5.72 -13.71
CA ALA C 7 7.09 -5.16 -12.49
C ALA C 7 8.19 -4.95 -11.44
N ASP C 8 9.34 -4.49 -11.91
CA ASP C 8 10.47 -4.22 -11.04
C ASP C 8 11.05 -2.85 -11.39
N PHE C 9 11.12 -2.58 -12.69
CA PHE C 9 11.61 -1.30 -13.18
C PHE C 9 10.68 -0.18 -12.75
N GLU C 10 9.39 -0.51 -12.62
CA GLU C 10 8.39 0.47 -12.22
C GLU C 10 8.32 0.61 -10.70
N PHE C 11 9.15 -0.14 -9.97
CA PHE C 11 9.16 -0.08 -8.52
C PHE C 11 9.67 1.28 -8.04
N GLU C 12 10.66 1.82 -8.75
CA GLU C 12 11.24 3.11 -8.37
C GLU C 12 10.26 4.24 -8.67
N GLN C 13 9.26 3.95 -9.50
CA GLN C 13 8.25 4.93 -9.87
C GLN C 13 7.46 5.35 -8.63
N MET C 14 7.16 4.39 -7.77
CA MET C 14 6.41 4.67 -6.55
C MET C 14 7.38 4.81 -5.38
N PHE C 15 8.61 4.35 -5.56
CA PHE C 15 9.63 4.45 -4.54
C PHE C 15 10.00 5.91 -4.32
N THR C 16 10.13 6.64 -5.42
CA THR C 16 10.49 8.05 -5.36
C THR C 16 9.23 8.91 -5.30
N ASP C 17 8.11 8.29 -4.91
CA ASP C 17 6.84 8.99 -4.81
C ASP C 17 6.17 8.75 -3.46
N ALA C 18 5.93 7.49 -3.14
CA ALA C 18 5.31 7.13 -1.88
C ALA C 18 6.36 6.82 -0.82
N LEU C 19 7.41 6.12 -1.24
CA LEU C 19 8.49 5.75 -0.33
C LEU C 19 9.50 6.90 -0.18
N GLY C 20 9.13 8.06 -0.71
CA GLY C 20 9.98 9.23 -0.64
C GLY C 20 9.15 10.50 -0.69
N ILE C 21 8.68 10.94 0.47
CA ILE C 21 7.85 12.14 0.55
C ILE C 21 7.54 12.51 2.00
N ASP C 22 7.55 11.51 2.87
CA ASP C 22 7.26 11.75 4.28
C ASP C 22 8.47 12.28 5.01
N GLU C 23 9.64 11.96 4.48
CA GLU C 23 10.90 12.40 5.06
C GLU C 23 11.24 13.80 4.57
N TYR C 24 10.36 14.33 3.73
CA TYR C 24 10.53 15.67 3.16
C TYR C 24 10.25 16.74 4.22
N GLY C 25 9.42 16.38 5.19
CA GLY C 25 9.07 17.31 6.25
C GLY C 25 8.11 16.67 7.22
N GLY C 26 8.44 16.72 8.51
CA GLY C 26 7.56 16.13 9.51
C GLY C 26 7.79 14.64 9.63
N ALA A 1 11.27 -9.61 1.06
CA ALA A 1 10.26 -9.70 2.11
C ALA A 1 8.86 -9.48 1.54
N MET A 2 8.24 -10.56 1.10
CA MET A 2 6.89 -10.49 0.54
C MET A 2 5.91 -11.21 1.46
N PHE A 3 5.23 -10.44 2.30
CA PHE A 3 4.27 -11.00 3.24
C PHE A 3 2.89 -11.06 2.63
N GLN A 4 2.19 -12.18 2.82
CA GLN A 4 0.86 -12.34 2.27
C GLN A 4 -0.18 -11.84 3.27
N ILE A 5 -1.07 -10.98 2.80
CA ILE A 5 -2.12 -10.45 3.65
C ILE A 5 -3.49 -10.86 3.14
N GLY A 6 -3.49 -11.76 2.17
CA GLY A 6 -4.73 -12.24 1.60
C GLY A 6 -4.54 -12.85 0.24
N LYS A 7 -5.59 -13.44 -0.30
CA LYS A 7 -5.53 -14.07 -1.61
C LYS A 7 -5.19 -13.04 -2.68
N MET A 8 -4.05 -13.27 -3.34
CA MET A 8 -3.56 -12.40 -4.41
C MET A 8 -3.11 -11.03 -3.88
N ARG A 9 -2.90 -10.93 -2.57
CA ARG A 9 -2.47 -9.68 -1.96
C ARG A 9 -1.15 -9.89 -1.22
N TYR A 10 -0.12 -9.16 -1.61
CA TYR A 10 1.19 -9.30 -0.99
C TYR A 10 1.80 -7.94 -0.65
N VAL A 11 2.51 -7.91 0.47
CA VAL A 11 3.18 -6.72 0.94
C VAL A 11 4.68 -6.92 0.77
N SER A 12 5.28 -6.19 -0.14
CA SER A 12 6.70 -6.35 -0.41
C SER A 12 7.53 -5.24 0.24
N VAL A 13 8.38 -5.63 1.17
CA VAL A 13 9.27 -4.70 1.87
C VAL A 13 10.68 -4.83 1.31
N ARG A 14 11.15 -3.81 0.61
CA ARG A 14 12.49 -3.83 0.04
C ARG A 14 12.99 -2.43 -0.22
N ASP A 15 14.20 -2.35 -0.74
CA ASP A 15 14.84 -1.09 -1.07
C ASP A 15 14.98 -0.96 -2.58
N PHE A 16 14.61 0.19 -3.11
CA PHE A 16 14.70 0.43 -4.54
C PHE A 16 15.26 1.82 -4.82
N LYS A 17 16.40 1.87 -5.49
CA LYS A 17 17.07 3.12 -5.83
C LYS A 17 17.37 3.96 -4.58
N GLY A 18 17.88 3.31 -3.53
CA GLY A 18 18.18 4.01 -2.31
C GLY A 18 16.93 4.54 -1.64
N LYS A 19 15.89 3.72 -1.65
CA LYS A 19 14.61 4.09 -1.07
C LYS A 19 13.89 2.84 -0.58
N VAL A 20 13.92 2.63 0.72
CA VAL A 20 13.25 1.48 1.31
C VAL A 20 11.76 1.76 1.41
N LEU A 21 10.97 0.90 0.77
CA LEU A 21 9.53 1.09 0.77
C LEU A 21 8.78 -0.23 0.95
N ILE A 22 7.66 -0.13 1.65
CA ILE A 22 6.79 -1.25 1.90
C ILE A 22 5.58 -1.12 0.99
N ASP A 23 5.58 -1.84 -0.13
CA ASP A 23 4.49 -1.75 -1.09
C ASP A 23 3.43 -2.82 -0.87
N ILE A 24 2.22 -2.36 -0.64
CA ILE A 24 1.07 -3.23 -0.45
C ILE A 24 0.34 -3.29 -1.79
N ARG A 25 0.42 -4.41 -2.48
CA ARG A 25 -0.19 -4.52 -3.78
C ARG A 25 -0.76 -5.90 -4.06
N GLU A 26 -1.62 -5.97 -5.07
CA GLU A 26 -2.22 -7.20 -5.49
C GLU A 26 -1.34 -7.85 -6.57
N TYR A 27 -1.24 -9.16 -6.52
CA TYR A 27 -0.42 -9.89 -7.48
C TYR A 27 -1.29 -10.77 -8.36
N TRP A 28 -1.02 -10.76 -9.66
CA TRP A 28 -1.78 -11.55 -10.61
C TRP A 28 -0.91 -12.71 -11.10
N MET A 29 -1.49 -13.90 -11.16
CA MET A 29 -0.77 -15.07 -11.62
C MET A 29 -0.83 -15.15 -13.13
N ASP A 30 0.33 -15.07 -13.75
CA ASP A 30 0.44 -15.13 -15.21
C ASP A 30 0.11 -16.53 -15.72
N PRO A 31 -0.16 -16.67 -17.05
CA PRO A 31 -0.48 -17.97 -17.67
C PRO A 31 0.57 -19.05 -17.39
N GLU A 32 1.83 -18.65 -17.27
CA GLU A 32 2.90 -19.60 -16.99
C GLU A 32 2.77 -20.12 -15.56
N GLY A 33 2.78 -19.22 -14.60
CA GLY A 33 2.66 -19.63 -13.21
C GLY A 33 3.45 -18.74 -12.27
N GLU A 34 3.76 -17.54 -12.72
CA GLU A 34 4.51 -16.59 -11.90
C GLU A 34 3.59 -15.48 -11.40
N MET A 35 3.90 -14.95 -10.23
CA MET A 35 3.10 -13.88 -9.64
C MET A 35 3.63 -12.53 -10.11
N LYS A 36 2.78 -11.79 -10.82
CA LYS A 36 3.16 -10.48 -11.34
C LYS A 36 2.43 -9.38 -10.57
N PRO A 37 3.16 -8.32 -10.17
CA PRO A 37 2.58 -7.19 -9.45
C PRO A 37 1.67 -6.34 -10.33
N GLY A 38 0.52 -5.96 -9.79
CA GLY A 38 -0.41 -5.15 -10.55
C GLY A 38 -0.10 -3.66 -10.45
N ARG A 39 -1.11 -2.83 -10.72
CA ARG A 39 -0.95 -1.39 -10.67
C ARG A 39 -1.57 -0.82 -9.40
N LYS A 40 -2.50 -1.56 -8.81
CA LYS A 40 -3.17 -1.11 -7.60
C LYS A 40 -2.33 -1.45 -6.38
N GLY A 41 -1.37 -0.58 -6.08
CA GLY A 41 -0.51 -0.79 -4.94
C GLY A 41 0.01 0.52 -4.40
N ILE A 42 0.57 0.49 -3.19
CA ILE A 42 1.10 1.69 -2.58
C ILE A 42 2.31 1.37 -1.69
N SER A 43 3.43 2.03 -1.97
CA SER A 43 4.64 1.84 -1.20
C SER A 43 4.76 2.88 -0.10
N LEU A 44 4.93 2.42 1.13
CA LEU A 44 5.06 3.33 2.26
C LEU A 44 6.39 3.09 2.97
N ASN A 45 7.09 4.16 3.31
CA ASN A 45 8.37 4.04 3.99
C ASN A 45 8.14 3.84 5.50
N PRO A 46 9.17 3.38 6.23
CA PRO A 46 9.09 3.12 7.68
C PRO A 46 8.35 4.21 8.47
N GLU A 47 8.56 5.47 8.08
CA GLU A 47 7.91 6.60 8.74
C GLU A 47 6.38 6.51 8.61
N GLN A 48 5.91 6.29 7.37
CA GLN A 48 4.48 6.18 7.13
C GLN A 48 3.94 4.91 7.77
N TRP A 49 4.75 3.85 7.72
CA TRP A 49 4.39 2.56 8.30
C TRP A 49 4.12 2.70 9.79
N SER A 50 4.96 3.47 10.48
CA SER A 50 4.80 3.68 11.91
C SER A 50 3.52 4.45 12.20
N GLN A 51 3.26 5.49 11.41
CA GLN A 51 2.07 6.31 11.59
C GLN A 51 0.80 5.50 11.31
N LEU A 52 0.88 4.61 10.33
CA LEU A 52 -0.25 3.75 9.97
C LEU A 52 -0.67 2.90 11.17
N LYS A 53 0.31 2.39 11.90
CA LYS A 53 0.05 1.56 13.08
C LYS A 53 -0.63 2.36 14.18
N GLU A 54 -0.33 3.64 14.25
CA GLU A 54 -0.91 4.51 15.27
C GLU A 54 -2.34 4.89 14.93
N GLN A 55 -2.65 4.93 13.64
CA GLN A 55 -3.98 5.30 13.19
C GLN A 55 -4.93 4.09 13.18
N ILE A 56 -4.38 2.90 13.40
CA ILE A 56 -5.15 1.66 13.40
C ILE A 56 -6.35 1.74 14.37
N SER A 57 -6.12 2.27 15.56
CA SER A 57 -7.18 2.39 16.56
C SER A 57 -8.39 3.17 16.05
N ASP A 58 -8.14 4.11 15.13
CA ASP A 58 -9.22 4.92 14.58
C ASP A 58 -9.79 4.26 13.33
N ILE A 59 -8.91 3.73 12.50
CA ILE A 59 -9.31 3.06 11.27
C ILE A 59 -10.17 1.83 11.56
N ASP A 60 -9.69 0.99 12.48
CA ASP A 60 -10.41 -0.22 12.86
C ASP A 60 -11.75 0.12 13.49
N ASP A 61 -11.79 1.23 14.21
CA ASP A 61 -13.00 1.68 14.86
C ASP A 61 -14.01 2.13 13.81
N ALA A 62 -13.52 2.83 12.79
CA ALA A 62 -14.36 3.32 11.70
C ALA A 62 -15.01 2.14 10.99
N VAL A 63 -14.27 1.05 10.84
CA VAL A 63 -14.77 -0.15 10.19
C VAL A 63 -15.98 -0.68 10.95
N ARG A 64 -15.87 -0.67 12.27
CA ARG A 64 -16.94 -1.14 13.14
C ARG A 64 -18.13 -0.16 13.12
N LYS A 65 -17.81 1.13 13.07
CA LYS A 65 -18.82 2.17 13.03
C LYS A 65 -19.64 2.08 11.75
N LEU A 66 -18.94 1.87 10.63
CA LEU A 66 -19.60 1.75 9.34
C LEU A 66 -20.14 0.34 9.13
N ALA B 1 -12.23 13.42 9.89
CA ALA B 1 -12.35 12.01 9.51
C ALA B 1 -11.27 11.63 8.50
N MET B 2 -10.35 12.55 8.25
CA MET B 2 -9.26 12.32 7.33
C MET B 2 -8.05 11.79 8.08
N PHE B 3 -7.90 10.47 8.07
CA PHE B 3 -6.79 9.82 8.76
C PHE B 3 -5.52 9.90 7.92
N GLN B 4 -4.54 10.64 8.42
CA GLN B 4 -3.26 10.80 7.73
C GLN B 4 -2.24 9.83 8.31
N ILE B 5 -1.60 9.06 7.45
CA ILE B 5 -0.61 8.09 7.91
C ILE B 5 0.77 8.41 7.36
N GLY B 6 0.96 9.62 6.88
CA GLY B 6 2.25 10.00 6.34
C GLY B 6 2.16 11.16 5.38
N LYS B 7 3.21 11.32 4.58
CA LYS B 7 3.29 12.39 3.61
C LYS B 7 2.27 12.21 2.49
N MET B 8 1.21 13.02 2.55
CA MET B 8 0.12 13.02 1.55
C MET B 8 -0.66 11.70 1.49
N ARG B 9 -0.39 10.78 2.41
CA ARG B 9 -1.09 9.51 2.41
C ARG B 9 -2.19 9.50 3.44
N TYR B 10 -3.40 9.27 2.99
CA TYR B 10 -4.56 9.25 3.87
C TYR B 10 -5.28 7.91 3.75
N VAL B 11 -5.90 7.49 4.84
CA VAL B 11 -6.65 6.25 4.86
C VAL B 11 -8.13 6.56 4.68
N SER B 12 -8.62 6.32 3.48
CA SER B 12 -10.01 6.59 3.16
C SER B 12 -10.89 5.38 3.48
N VAL B 13 -11.36 5.33 4.71
CA VAL B 13 -12.24 4.25 5.14
C VAL B 13 -13.67 4.60 4.74
N ARG B 14 -14.09 4.16 3.57
CA ARG B 14 -15.42 4.47 3.09
C ARG B 14 -16.18 3.21 2.70
N ASP B 15 -17.49 3.25 2.89
CA ASP B 15 -18.35 2.13 2.55
C ASP B 15 -18.64 2.11 1.06
N PHE B 16 -18.19 1.07 0.39
CA PHE B 16 -18.41 0.92 -1.04
C PHE B 16 -19.74 0.24 -1.32
N LYS B 17 -20.83 0.89 -0.90
CA LYS B 17 -22.19 0.39 -1.10
C LYS B 17 -22.38 -0.95 -0.38
N GLY B 18 -22.19 -0.93 0.93
CA GLY B 18 -22.35 -2.14 1.71
C GLY B 18 -21.04 -2.90 1.83
N LYS B 19 -19.94 -2.21 1.62
CA LYS B 19 -18.63 -2.81 1.68
C LYS B 19 -17.61 -1.82 2.25
N VAL B 20 -17.46 -1.82 3.56
CA VAL B 20 -16.51 -0.93 4.22
C VAL B 20 -15.09 -1.33 3.83
N LEU B 21 -14.48 -0.53 2.96
CA LEU B 21 -13.12 -0.83 2.50
C LEU B 21 -12.14 0.24 2.95
N ILE B 22 -10.95 -0.21 3.31
CA ILE B 22 -9.88 0.67 3.74
C ILE B 22 -9.05 1.04 2.52
N ASP B 23 -9.44 2.11 1.84
CA ASP B 23 -8.75 2.55 0.64
C ASP B 23 -7.61 3.50 1.00
N ILE B 24 -6.41 2.93 1.13
CA ILE B 24 -5.23 3.73 1.44
C ILE B 24 -4.72 4.34 0.15
N ARG B 25 -5.14 5.58 -0.10
CA ARG B 25 -4.77 6.25 -1.32
C ARG B 25 -4.07 7.58 -1.04
N GLU B 26 -3.12 7.92 -1.89
CA GLU B 26 -2.40 9.17 -1.77
C GLU B 26 -3.29 10.31 -2.24
N TYR B 27 -3.43 11.34 -1.44
CA TYR B 27 -4.26 12.46 -1.80
C TYR B 27 -3.40 13.60 -2.34
N TRP B 28 -3.39 13.72 -3.66
CA TRP B 28 -2.62 14.76 -4.32
C TRP B 28 -3.43 16.05 -4.36
N MET B 29 -2.88 17.06 -5.01
CA MET B 29 -3.56 18.34 -5.12
C MET B 29 -3.48 18.84 -6.55
N ASP B 30 -4.60 19.32 -7.05
CA ASP B 30 -4.66 19.84 -8.41
C ASP B 30 -4.39 21.35 -8.40
N PRO B 31 -4.24 21.98 -9.58
CA PRO B 31 -3.99 23.43 -9.68
C PRO B 31 -5.13 24.26 -9.09
N GLU B 32 -6.30 23.65 -8.96
CA GLU B 32 -7.46 24.34 -8.42
C GLU B 32 -7.35 24.44 -6.90
N GLY B 33 -6.88 23.37 -6.28
CA GLY B 33 -6.72 23.36 -4.85
C GLY B 33 -7.53 22.25 -4.19
N GLU B 34 -7.88 21.24 -4.98
CA GLU B 34 -8.65 20.11 -4.48
C GLU B 34 -7.75 18.92 -4.20
N MET B 35 -8.10 18.13 -3.21
CA MET B 35 -7.34 16.94 -2.86
C MET B 35 -7.85 15.76 -3.66
N LYS B 36 -7.17 15.49 -4.77
CA LYS B 36 -7.57 14.39 -5.65
C LYS B 36 -6.81 13.11 -5.33
N PRO B 37 -7.53 12.00 -5.16
CA PRO B 37 -6.92 10.70 -4.87
C PRO B 37 -6.10 10.20 -6.06
N GLY B 38 -4.86 9.83 -5.80
CA GLY B 38 -3.99 9.35 -6.86
C GLY B 38 -4.33 7.95 -7.32
N ARG B 39 -3.50 7.44 -8.23
CA ARG B 39 -3.70 6.11 -8.79
C ARG B 39 -3.02 5.07 -7.93
N LYS B 40 -1.90 5.47 -7.33
CA LYS B 40 -1.13 4.58 -6.48
C LYS B 40 -1.78 4.45 -5.11
N GLY B 41 -2.51 3.37 -4.93
CA GLY B 41 -3.19 3.10 -3.68
C GLY B 41 -3.91 1.78 -3.74
N ILE B 42 -4.22 1.21 -2.58
CA ILE B 42 -4.91 -0.09 -2.53
C ILE B 42 -6.11 -0.05 -1.58
N SER B 43 -7.18 -0.74 -1.99
CA SER B 43 -8.38 -0.81 -1.19
C SER B 43 -8.45 -2.17 -0.47
N LEU B 44 -8.19 -2.16 0.83
CA LEU B 44 -8.21 -3.39 1.60
C LEU B 44 -9.57 -3.63 2.23
N ASN B 45 -10.00 -4.88 2.29
CA ASN B 45 -11.28 -5.22 2.89
C ASN B 45 -11.04 -5.60 4.35
N PRO B 46 -12.08 -5.65 5.19
CA PRO B 46 -11.93 -6.00 6.62
C PRO B 46 -11.13 -7.30 6.84
N GLU B 47 -11.23 -8.20 5.88
CA GLU B 47 -10.53 -9.47 5.94
C GLU B 47 -9.02 -9.26 5.83
N GLN B 48 -8.57 -8.67 4.74
CA GLN B 48 -7.15 -8.41 4.52
C GLN B 48 -6.63 -7.39 5.52
N TRP B 49 -7.51 -6.49 5.95
CA TRP B 49 -7.15 -5.49 6.95
C TRP B 49 -6.72 -6.17 8.25
N SER B 50 -7.45 -7.21 8.63
CA SER B 50 -7.14 -7.95 9.82
C SER B 50 -5.82 -8.70 9.63
N GLN B 51 -5.69 -9.35 8.47
CA GLN B 51 -4.48 -10.11 8.14
C GLN B 51 -3.25 -9.20 8.19
N LEU B 52 -3.41 -7.98 7.70
CA LEU B 52 -2.33 -6.99 7.70
C LEU B 52 -1.87 -6.70 9.12
N LYS B 53 -2.82 -6.47 10.01
CA LYS B 53 -2.51 -6.17 11.42
C LYS B 53 -1.82 -7.37 12.06
N GLU B 54 -2.21 -8.56 11.65
CA GLU B 54 -1.64 -9.78 12.19
C GLU B 54 -0.23 -10.00 11.63
N GLN B 55 0.00 -9.52 10.41
CA GLN B 55 1.31 -9.68 9.76
C GLN B 55 2.29 -8.61 10.23
N ILE B 56 1.79 -7.60 10.94
CA ILE B 56 2.64 -6.51 11.43
C ILE B 56 3.81 -7.06 12.26
N SER B 57 3.56 -8.14 13.00
CA SER B 57 4.59 -8.76 13.82
C SER B 57 5.78 -9.24 12.98
N ASP B 58 5.55 -9.44 11.69
CA ASP B 58 6.61 -9.88 10.81
C ASP B 58 7.10 -8.74 9.91
N ILE B 59 6.15 -7.96 9.39
CA ILE B 59 6.47 -6.83 8.52
C ILE B 59 7.32 -5.80 9.26
N ASP B 60 6.84 -5.39 10.43
CA ASP B 60 7.54 -4.39 11.24
C ASP B 60 8.91 -4.89 11.68
N ASP B 61 8.97 -6.17 12.00
CA ASP B 61 10.21 -6.80 12.44
C ASP B 61 11.28 -6.73 11.34
N ALA B 62 10.86 -6.89 10.10
CA ALA B 62 11.78 -6.86 8.96
C ALA B 62 12.21 -5.44 8.61
N VAL B 63 11.42 -4.45 9.05
CA VAL B 63 11.72 -3.04 8.78
C VAL B 63 13.10 -2.65 9.32
N ARG B 64 13.46 -3.21 10.46
CA ARG B 64 14.75 -2.89 11.08
C ARG B 64 15.75 -4.02 10.85
N LYS B 65 15.44 -4.92 9.92
CA LYS B 65 16.31 -6.04 9.60
C LYS B 65 16.58 -6.08 8.10
N LEU B 66 17.10 -4.99 7.58
CA LEU B 66 17.40 -4.91 6.16
C LEU B 66 18.86 -5.28 5.90
N TYR C 1 8.41 -16.75 -17.42
CA TYR C 1 9.80 -17.01 -17.86
C TYR C 1 9.86 -17.29 -19.37
N GLY C 2 8.99 -18.18 -19.84
CA GLY C 2 8.97 -18.52 -21.25
C GLY C 2 8.50 -17.37 -22.11
N ALA C 3 7.48 -16.66 -21.63
CA ALA C 3 6.94 -15.53 -22.34
C ALA C 3 7.31 -14.24 -21.61
N LEU C 4 7.04 -14.21 -20.32
CA LEU C 4 7.36 -13.05 -19.49
C LEU C 4 8.66 -13.27 -18.74
N ASP C 5 9.71 -12.60 -19.20
CA ASP C 5 11.02 -12.71 -18.57
C ASP C 5 11.77 -11.39 -18.67
N MET C 6 11.92 -10.89 -19.89
CA MET C 6 12.62 -9.63 -20.11
C MET C 6 11.75 -8.45 -19.69
N ALA C 7 10.50 -8.44 -20.14
CA ALA C 7 9.56 -7.38 -19.80
C ALA C 7 9.20 -7.41 -18.31
N ASP C 8 9.57 -8.50 -17.65
CA ASP C 8 9.29 -8.67 -16.23
C ASP C 8 10.08 -7.67 -15.40
N PHE C 9 11.18 -7.18 -15.96
CA PHE C 9 12.01 -6.21 -15.26
C PHE C 9 11.29 -4.87 -15.10
N GLU C 10 10.29 -4.64 -15.95
CA GLU C 10 9.53 -3.39 -15.89
C GLU C 10 8.59 -3.38 -14.69
N PHE C 11 8.25 -4.58 -14.20
CA PHE C 11 7.37 -4.72 -13.06
C PHE C 11 7.98 -4.08 -11.82
N GLU C 12 9.31 -4.05 -11.78
CA GLU C 12 10.02 -3.46 -10.65
C GLU C 12 9.86 -1.95 -10.64
N GLN C 13 9.92 -1.35 -11.83
CA GLN C 13 9.76 0.10 -11.96
C GLN C 13 8.32 0.50 -11.68
N MET C 14 7.40 -0.34 -12.10
CA MET C 14 5.98 -0.08 -11.89
C MET C 14 5.60 -0.38 -10.44
N PHE C 15 6.49 -1.04 -9.71
CA PHE C 15 6.25 -1.41 -8.32
C PHE C 15 6.74 -0.34 -7.35
N THR C 16 7.93 -0.57 -6.79
CA THR C 16 8.51 0.34 -5.80
C THR C 16 9.03 1.64 -6.41
N ASP C 17 9.52 1.59 -7.64
CA ASP C 17 10.06 2.79 -8.30
C ASP C 17 8.98 3.85 -8.49
N ALA C 18 7.83 3.43 -9.01
CA ALA C 18 6.71 4.33 -9.28
C ALA C 18 6.21 5.02 -8.02
N LEU C 19 6.40 4.37 -6.87
CA LEU C 19 5.95 4.92 -5.60
C LEU C 19 7.13 5.37 -4.75
N GLY C 20 8.30 5.42 -5.36
CA GLY C 20 9.48 5.84 -4.64
C GLY C 20 9.98 7.18 -5.11
N ILE C 21 9.68 7.50 -6.36
CA ILE C 21 10.09 8.76 -6.95
C ILE C 21 9.40 9.95 -6.29
N ASP C 22 8.18 9.74 -5.82
CA ASP C 22 7.43 10.80 -5.16
C ASP C 22 7.54 10.67 -3.64
N GLU C 23 7.55 9.43 -3.14
CA GLU C 23 7.66 9.17 -1.71
C GLU C 23 8.98 9.72 -1.17
N TYR C 24 9.97 9.84 -2.06
CA TYR C 24 11.27 10.36 -1.71
C TYR C 24 11.15 11.73 -1.05
N GLY C 25 10.21 12.53 -1.54
CA GLY C 25 10.01 13.85 -1.00
C GLY C 25 8.73 13.95 -0.20
N GLY C 26 7.63 13.50 -0.79
CA GLY C 26 6.35 13.55 -0.12
C GLY C 26 5.52 12.33 -0.41
N ALA A 1 12.03 -11.06 0.48
CA ALA A 1 11.15 -10.67 1.61
C ALA A 1 9.80 -10.19 1.09
N MET A 2 8.80 -11.05 1.16
CA MET A 2 7.46 -10.72 0.69
C MET A 2 6.40 -11.36 1.58
N PHE A 3 5.59 -10.52 2.22
CA PHE A 3 4.53 -11.01 3.10
C PHE A 3 3.21 -11.10 2.34
N GLN A 4 2.20 -11.68 2.95
CA GLN A 4 0.89 -11.81 2.32
C GLN A 4 -0.20 -11.38 3.29
N ILE A 5 -1.14 -10.58 2.80
CA ILE A 5 -2.24 -10.11 3.63
C ILE A 5 -3.58 -10.52 3.02
N GLY A 6 -3.53 -11.40 2.05
CA GLY A 6 -4.74 -11.87 1.40
C GLY A 6 -4.47 -12.38 -0.01
N LYS A 7 -5.50 -12.92 -0.64
CA LYS A 7 -5.38 -13.47 -1.98
C LYS A 7 -4.88 -12.41 -2.97
N MET A 8 -3.70 -12.67 -3.53
CA MET A 8 -3.06 -11.78 -4.51
C MET A 8 -2.58 -10.47 -3.90
N ARG A 9 -2.58 -10.39 -2.57
CA ARG A 9 -2.12 -9.19 -1.88
C ARG A 9 -0.81 -9.48 -1.16
N TYR A 10 0.28 -9.01 -1.72
CA TYR A 10 1.59 -9.27 -1.15
C TYR A 10 2.33 -7.98 -0.79
N VAL A 11 3.09 -8.06 0.30
CA VAL A 11 3.89 -6.95 0.78
C VAL A 11 5.33 -7.12 0.31
N SER A 12 5.73 -6.33 -0.67
CA SER A 12 7.07 -6.43 -1.21
C SER A 12 8.04 -5.54 -0.45
N VAL A 13 8.97 -6.17 0.26
CA VAL A 13 9.97 -5.44 1.03
C VAL A 13 11.32 -5.50 0.32
N ARG A 14 11.59 -4.49 -0.50
CA ARG A 14 12.84 -4.43 -1.23
C ARG A 14 13.56 -3.12 -0.92
N ASP A 15 14.61 -2.83 -1.66
CA ASP A 15 15.37 -1.61 -1.45
C ASP A 15 15.03 -0.58 -2.52
N PHE A 16 15.31 0.68 -2.25
CA PHE A 16 15.03 1.77 -3.18
C PHE A 16 16.32 2.48 -3.58
N LYS A 17 17.35 1.70 -3.89
CA LYS A 17 18.65 2.25 -4.31
C LYS A 17 19.19 3.20 -3.27
N GLY A 18 19.04 2.83 -2.01
CA GLY A 18 19.48 3.66 -0.90
C GLY A 18 18.45 3.71 0.20
N LYS A 19 17.19 3.85 -0.20
CA LYS A 19 16.09 3.90 0.75
C LYS A 19 15.40 2.54 0.81
N VAL A 20 14.23 2.50 1.42
CA VAL A 20 13.49 1.25 1.54
C VAL A 20 12.29 1.25 0.60
N LEU A 21 12.01 0.09 0.02
CA LEU A 21 10.91 -0.06 -0.92
C LEU A 21 9.90 -1.06 -0.37
N ILE A 22 9.07 -0.61 0.56
CA ILE A 22 8.04 -1.45 1.15
C ILE A 22 6.69 -1.11 0.52
N ASP A 23 6.39 -1.77 -0.58
CA ASP A 23 5.15 -1.52 -1.30
C ASP A 23 4.21 -2.71 -1.24
N ILE A 24 2.95 -2.43 -0.99
CA ILE A 24 1.93 -3.45 -0.93
C ILE A 24 1.05 -3.32 -2.16
N ARG A 25 1.35 -4.11 -3.17
CA ARG A 25 0.62 -4.06 -4.43
C ARG A 25 -0.06 -5.38 -4.72
N GLU A 26 -1.13 -5.32 -5.50
CA GLU A 26 -1.84 -6.53 -5.89
C GLU A 26 -1.02 -7.27 -6.93
N TYR A 27 -0.73 -8.53 -6.66
CA TYR A 27 0.07 -9.34 -7.56
C TYR A 27 -0.81 -10.31 -8.33
N TRP A 28 -0.76 -10.21 -9.64
CA TRP A 28 -1.54 -11.08 -10.50
C TRP A 28 -0.63 -12.08 -11.21
N MET A 29 -1.07 -13.32 -11.27
CA MET A 29 -0.28 -14.36 -11.91
C MET A 29 -0.34 -14.22 -13.43
N ASP A 30 0.82 -14.16 -14.06
CA ASP A 30 0.89 -14.01 -15.51
C ASP A 30 0.84 -15.38 -16.20
N PRO A 31 0.73 -15.41 -17.55
CA PRO A 31 0.67 -16.68 -18.31
C PRO A 31 1.88 -17.57 -18.09
N GLU A 32 3.01 -16.98 -17.71
CA GLU A 32 4.23 -17.74 -17.47
C GLU A 32 4.15 -18.47 -16.14
N GLY A 33 3.45 -17.88 -15.19
CA GLY A 33 3.30 -18.49 -13.89
C GLY A 33 4.00 -17.70 -12.81
N GLU A 34 4.22 -16.42 -13.07
CA GLU A 34 4.88 -15.54 -12.13
C GLU A 34 3.90 -14.53 -11.57
N MET A 35 4.28 -13.89 -10.48
CA MET A 35 3.43 -12.89 -9.85
C MET A 35 3.85 -11.50 -10.30
N LYS A 36 2.98 -10.84 -11.04
CA LYS A 36 3.26 -9.50 -11.54
C LYS A 36 2.33 -8.47 -10.89
N PRO A 37 2.90 -7.36 -10.39
CA PRO A 37 2.11 -6.31 -9.73
C PRO A 37 1.17 -5.60 -10.71
N GLY A 38 -0.07 -5.42 -10.28
CA GLY A 38 -1.06 -4.77 -11.12
C GLY A 38 -0.96 -3.26 -11.08
N ARG A 39 -2.10 -2.61 -10.82
CA ARG A 39 -2.16 -1.16 -10.78
C ARG A 39 -2.37 -0.64 -9.36
N LYS A 40 -3.12 -1.40 -8.57
CA LYS A 40 -3.41 -0.99 -7.20
C LYS A 40 -2.33 -1.45 -6.24
N GLY A 41 -1.67 -0.49 -5.62
CA GLY A 41 -0.62 -0.75 -4.67
C GLY A 41 -0.26 0.49 -3.89
N ILE A 42 0.27 0.34 -2.69
CA ILE A 42 0.63 1.49 -1.88
C ILE A 42 2.01 1.33 -1.25
N SER A 43 2.82 2.37 -1.40
CA SER A 43 4.16 2.40 -0.84
C SER A 43 4.12 3.04 0.53
N LEU A 44 4.47 2.26 1.55
CA LEU A 44 4.45 2.76 2.92
C LEU A 44 5.87 2.91 3.46
N ASN A 45 6.28 4.15 3.70
CA ASN A 45 7.61 4.43 4.22
C ASN A 45 7.62 4.24 5.74
N PRO A 46 8.83 4.23 6.37
CA PRO A 46 8.97 4.06 7.82
C PRO A 46 7.97 4.87 8.65
N GLU A 47 7.83 6.16 8.32
CA GLU A 47 6.92 7.03 9.05
C GLU A 47 5.47 6.62 8.80
N GLN A 48 5.11 6.48 7.53
CA GLN A 48 3.75 6.09 7.15
C GLN A 48 3.34 4.78 7.83
N TRP A 49 4.21 3.79 7.78
CA TRP A 49 3.95 2.50 8.40
C TRP A 49 3.75 2.65 9.91
N SER A 50 4.61 3.45 10.54
CA SER A 50 4.53 3.69 11.97
C SER A 50 3.24 4.40 12.33
N GLN A 51 2.90 5.44 11.58
CA GLN A 51 1.67 6.20 11.83
C GLN A 51 0.45 5.32 11.57
N LEU A 52 0.53 4.48 10.53
CA LEU A 52 -0.57 3.59 10.19
C LEU A 52 -0.94 2.68 11.35
N LYS A 53 0.07 2.15 12.02
CA LYS A 53 -0.14 1.26 13.16
C LYS A 53 -0.86 2.00 14.29
N GLU A 54 -0.53 3.27 14.47
CA GLU A 54 -1.14 4.09 15.51
C GLU A 54 -2.49 4.63 15.06
N GLN A 55 -2.74 4.59 13.76
CA GLN A 55 -4.00 5.06 13.20
C GLN A 55 -5.04 3.95 13.24
N ILE A 56 -4.58 2.71 13.39
CA ILE A 56 -5.45 1.54 13.44
C ILE A 56 -6.52 1.70 14.51
N SER A 57 -6.12 2.24 15.67
CA SER A 57 -7.03 2.44 16.78
C SER A 57 -8.22 3.32 16.39
N ASP A 58 -8.03 4.16 15.38
CA ASP A 58 -9.09 5.05 14.92
C ASP A 58 -9.76 4.49 13.66
N ILE A 59 -8.97 3.82 12.82
CA ILE A 59 -9.46 3.22 11.59
C ILE A 59 -10.44 2.09 11.89
N ASP A 60 -10.06 1.21 12.81
CA ASP A 60 -10.89 0.08 13.19
C ASP A 60 -12.19 0.55 13.82
N ASP A 61 -12.12 1.68 14.52
CA ASP A 61 -13.29 2.25 15.16
C ASP A 61 -14.33 2.67 14.12
N ALA A 62 -13.85 3.25 13.03
CA ALA A 62 -14.72 3.68 11.94
C ALA A 62 -15.35 2.47 11.26
N VAL A 63 -14.58 1.39 11.17
CA VAL A 63 -15.06 0.15 10.55
C VAL A 63 -16.23 -0.42 11.34
N ARG A 64 -16.15 -0.30 12.65
CA ARG A 64 -17.20 -0.80 13.54
C ARG A 64 -18.43 0.13 13.50
N LYS A 65 -18.20 1.39 13.18
CA LYS A 65 -19.27 2.38 13.11
C LYS A 65 -20.08 2.24 11.82
N LEU A 66 -19.49 1.61 10.83
CA LEU A 66 -20.16 1.42 9.55
C LEU A 66 -20.81 0.03 9.48
N ALA B 1 -13.24 10.67 8.33
CA ALA B 1 -13.21 9.29 7.84
C ALA B 1 -11.87 8.98 7.17
N MET B 2 -11.14 10.03 6.83
CA MET B 2 -9.84 9.86 6.20
C MET B 2 -8.74 10.13 7.21
N PHE B 3 -7.81 9.19 7.31
CA PHE B 3 -6.71 9.31 8.24
C PHE B 3 -5.39 9.44 7.49
N GLN B 4 -4.62 10.46 7.82
CA GLN B 4 -3.35 10.70 7.15
C GLN B 4 -2.26 9.80 7.70
N ILE B 5 -1.49 9.21 6.79
CA ILE B 5 -0.39 8.32 7.16
C ILE B 5 0.94 8.96 6.78
N GLY B 6 0.90 9.83 5.78
CA GLY B 6 2.09 10.51 5.31
C GLY B 6 1.73 11.65 4.38
N LYS B 7 2.73 12.29 3.80
CA LYS B 7 2.49 13.39 2.89
C LYS B 7 1.88 12.91 1.58
N MET B 8 0.76 13.53 1.21
CA MET B 8 0.03 13.21 -0.02
C MET B 8 -0.53 11.79 0.00
N ARG B 9 -0.76 11.26 1.20
CA ARG B 9 -1.31 9.90 1.35
C ARG B 9 -2.33 9.88 2.48
N TYR B 10 -3.58 9.62 2.13
CA TYR B 10 -4.66 9.58 3.10
C TYR B 10 -5.42 8.26 3.02
N VAL B 11 -5.67 7.64 4.17
CA VAL B 11 -6.39 6.40 4.22
C VAL B 11 -7.88 6.68 4.34
N SER B 12 -8.64 6.30 3.33
CA SER B 12 -10.08 6.52 3.31
C SER B 12 -10.83 5.33 3.93
N VAL B 13 -11.24 5.49 5.17
CA VAL B 13 -11.98 4.46 5.87
C VAL B 13 -13.47 4.73 5.79
N ARG B 14 -14.15 4.06 4.87
CA ARG B 14 -15.58 4.24 4.68
C ARG B 14 -16.17 3.05 3.95
N ASP B 15 -17.48 2.95 3.95
CA ASP B 15 -18.16 1.85 3.27
C ASP B 15 -18.40 2.20 1.81
N PHE B 16 -18.32 1.20 0.97
CA PHE B 16 -18.55 1.37 -0.45
C PHE B 16 -19.59 0.37 -0.90
N LYS B 17 -20.82 0.86 -1.05
CA LYS B 17 -21.94 0.03 -1.48
C LYS B 17 -22.29 -1.03 -0.43
N GLY B 18 -22.12 -0.67 0.84
CA GLY B 18 -22.44 -1.59 1.92
C GLY B 18 -21.24 -2.35 2.42
N LYS B 19 -20.13 -2.25 1.71
CA LYS B 19 -18.92 -2.94 2.10
C LYS B 19 -17.87 -1.96 2.61
N VAL B 20 -17.55 -2.06 3.89
CA VAL B 20 -16.55 -1.18 4.49
C VAL B 20 -15.19 -1.45 3.86
N LEU B 21 -14.62 -0.44 3.21
CA LEU B 21 -13.34 -0.60 2.55
C LEU B 21 -12.35 0.45 3.01
N ILE B 22 -11.17 -0.02 3.39
CA ILE B 22 -10.10 0.84 3.82
C ILE B 22 -9.21 1.15 2.62
N ASP B 23 -9.48 2.27 1.98
CA ASP B 23 -8.74 2.67 0.78
C ASP B 23 -7.46 3.40 1.13
N ILE B 24 -6.34 2.71 0.92
CA ILE B 24 -5.03 3.30 1.16
C ILE B 24 -4.47 3.75 -0.18
N ARG B 25 -4.86 4.94 -0.59
CA ARG B 25 -4.43 5.49 -1.86
C ARG B 25 -3.76 6.84 -1.68
N GLU B 26 -3.03 7.27 -2.71
CA GLU B 26 -2.37 8.56 -2.68
C GLU B 26 -3.43 9.65 -2.77
N TYR B 27 -3.14 10.81 -2.23
CA TYR B 27 -4.09 11.91 -2.26
C TYR B 27 -3.38 13.23 -2.52
N TRP B 28 -3.63 13.78 -3.70
CA TRP B 28 -3.03 15.04 -4.10
C TRP B 28 -4.11 16.12 -4.10
N MET B 29 -3.77 17.28 -4.62
CA MET B 29 -4.72 18.38 -4.67
C MET B 29 -4.81 18.94 -6.09
N ASP B 30 -6.01 19.31 -6.49
CA ASP B 30 -6.23 19.85 -7.82
C ASP B 30 -6.32 21.38 -7.78
N PRO B 31 -6.31 22.05 -8.95
CA PRO B 31 -6.40 23.51 -9.02
C PRO B 31 -7.68 24.05 -8.39
N GLU B 32 -8.68 23.19 -8.26
CA GLU B 32 -9.96 23.57 -7.67
C GLU B 32 -9.80 23.71 -6.16
N GLY B 33 -9.10 22.77 -5.56
CA GLY B 33 -8.89 22.81 -4.13
C GLY B 33 -9.47 21.60 -3.43
N GLU B 34 -9.58 20.49 -4.17
CA GLU B 34 -10.11 19.27 -3.60
C GLU B 34 -9.04 18.20 -3.54
N MET B 35 -9.19 17.28 -2.59
CA MET B 35 -8.25 16.19 -2.42
C MET B 35 -8.60 15.08 -3.40
N LYS B 36 -7.80 14.96 -4.45
CA LYS B 36 -8.04 13.95 -5.47
C LYS B 36 -7.07 12.80 -5.31
N PRO B 37 -7.51 11.57 -5.62
CA PRO B 37 -6.67 10.37 -5.52
C PRO B 37 -5.45 10.47 -6.42
N GLY B 38 -4.36 9.87 -5.97
CA GLY B 38 -3.12 9.88 -6.72
C GLY B 38 -3.15 8.96 -7.91
N ARG B 39 -2.06 8.28 -8.18
CA ARG B 39 -1.99 7.38 -9.32
C ARG B 39 -2.12 5.93 -8.87
N LYS B 40 -1.62 5.63 -7.68
CA LYS B 40 -1.69 4.27 -7.17
C LYS B 40 -2.30 4.25 -5.76
N GLY B 41 -2.82 3.08 -5.40
CA GLY B 41 -3.43 2.90 -4.10
C GLY B 41 -4.15 1.56 -4.03
N ILE B 42 -4.42 1.06 -2.83
CA ILE B 42 -5.08 -0.23 -2.71
C ILE B 42 -6.23 -0.17 -1.70
N SER B 43 -7.32 -0.85 -2.01
CA SER B 43 -8.48 -0.88 -1.14
C SER B 43 -8.52 -2.19 -0.37
N LEU B 44 -8.31 -2.12 0.93
CA LEU B 44 -8.32 -3.31 1.76
C LEU B 44 -9.67 -3.50 2.43
N ASN B 45 -10.17 -4.72 2.40
CA ASN B 45 -11.45 -5.04 3.03
C ASN B 45 -11.21 -5.42 4.48
N PRO B 46 -12.26 -5.54 5.31
CA PRO B 46 -12.12 -5.90 6.73
C PRO B 46 -11.24 -7.11 6.97
N GLU B 47 -11.35 -8.12 6.10
CA GLU B 47 -10.55 -9.33 6.22
C GLU B 47 -9.07 -9.05 5.99
N GLN B 48 -8.75 -8.45 4.85
CA GLN B 48 -7.36 -8.12 4.52
C GLN B 48 -6.78 -7.16 5.54
N TRP B 49 -7.62 -6.24 6.03
CA TRP B 49 -7.20 -5.27 7.03
C TRP B 49 -6.76 -6.00 8.29
N SER B 50 -7.51 -7.03 8.67
CA SER B 50 -7.19 -7.83 9.84
C SER B 50 -5.85 -8.53 9.65
N GLN B 51 -5.69 -9.13 8.48
CA GLN B 51 -4.47 -9.84 8.14
C GLN B 51 -3.26 -8.91 8.22
N LEU B 52 -3.45 -7.68 7.75
CA LEU B 52 -2.38 -6.68 7.79
C LEU B 52 -1.95 -6.41 9.22
N LYS B 53 -2.93 -6.33 10.11
CA LYS B 53 -2.66 -6.07 11.52
C LYS B 53 -1.97 -7.27 12.17
N GLU B 54 -2.37 -8.46 11.74
CA GLU B 54 -1.80 -9.69 12.27
C GLU B 54 -0.39 -9.93 11.75
N GLN B 55 -0.08 -9.35 10.59
CA GLN B 55 1.23 -9.51 9.98
C GLN B 55 2.20 -8.45 10.51
N ILE B 56 1.70 -7.52 11.32
CA ILE B 56 2.54 -6.47 11.89
C ILE B 56 3.71 -7.05 12.67
N SER B 57 3.43 -8.10 13.44
CA SER B 57 4.45 -8.74 14.24
C SER B 57 5.55 -9.39 13.39
N ASP B 58 5.31 -9.49 12.09
CA ASP B 58 6.29 -10.08 11.18
C ASP B 58 6.93 -8.99 10.31
N ILE B 59 6.09 -8.14 9.75
CA ILE B 59 6.55 -7.06 8.87
C ILE B 59 7.38 -6.03 9.64
N ASP B 60 6.89 -5.62 10.80
CA ASP B 60 7.58 -4.61 11.61
C ASP B 60 8.95 -5.10 12.05
N ASP B 61 9.04 -6.40 12.34
CA ASP B 61 10.31 -6.99 12.76
C ASP B 61 11.30 -6.98 11.60
N ALA B 62 10.81 -7.17 10.39
CA ALA B 62 11.64 -7.15 9.21
C ALA B 62 12.17 -5.74 8.98
N VAL B 63 11.32 -4.75 9.24
CA VAL B 63 11.69 -3.35 9.06
C VAL B 63 12.80 -2.97 10.04
N ARG B 64 12.68 -3.42 11.28
CA ARG B 64 13.68 -3.12 12.30
C ARG B 64 14.94 -3.95 12.09
N LYS B 65 14.89 -4.88 11.13
CA LYS B 65 16.03 -5.73 10.83
C LYS B 65 16.70 -5.28 9.54
N LEU B 66 16.19 -4.21 8.95
CA LEU B 66 16.76 -3.69 7.72
C LEU B 66 17.87 -2.71 8.04
N TYR C 1 9.95 -7.57 -23.86
CA TYR C 1 10.61 -7.41 -22.54
C TYR C 1 10.34 -6.01 -21.96
N GLY C 2 10.14 -5.02 -22.83
CA GLY C 2 9.90 -3.66 -22.40
C GLY C 2 8.74 -3.54 -21.42
N ALA C 3 7.67 -4.29 -21.67
CA ALA C 3 6.49 -4.26 -20.80
C ALA C 3 6.85 -4.67 -19.39
N LEU C 4 7.73 -5.65 -19.26
CA LEU C 4 8.16 -6.14 -17.95
C LEU C 4 9.22 -5.22 -17.36
N ASP C 5 10.04 -4.66 -18.23
CA ASP C 5 11.10 -3.76 -17.80
C ASP C 5 10.52 -2.52 -17.14
N MET C 6 9.48 -1.98 -17.76
CA MET C 6 8.82 -0.79 -17.23
C MET C 6 7.84 -1.15 -16.12
N ALA C 7 7.53 -2.44 -16.00
CA ALA C 7 6.61 -2.91 -14.97
C ALA C 7 7.22 -2.70 -13.60
N ASP C 8 8.51 -3.03 -13.47
CA ASP C 8 9.21 -2.84 -12.20
C ASP C 8 9.36 -1.36 -11.91
N PHE C 9 9.51 -0.59 -12.99
CA PHE C 9 9.66 0.85 -12.88
C PHE C 9 8.40 1.47 -12.31
N GLU C 10 7.25 1.04 -12.80
CA GLU C 10 5.97 1.56 -12.32
C GLU C 10 5.72 1.13 -10.87
N PHE C 11 6.42 0.10 -10.44
CA PHE C 11 6.29 -0.40 -9.08
C PHE C 11 7.19 0.42 -8.15
N GLU C 12 8.45 0.55 -8.53
CA GLU C 12 9.44 1.29 -7.75
C GLU C 12 9.15 2.79 -7.77
N GLN C 13 8.72 3.29 -8.92
CA GLN C 13 8.41 4.70 -9.08
C GLN C 13 7.12 5.04 -8.32
N MET C 14 7.31 5.44 -7.07
CA MET C 14 6.23 5.81 -6.18
C MET C 14 6.83 6.30 -4.87
N PHE C 15 7.83 5.56 -4.38
CA PHE C 15 8.51 5.91 -3.15
C PHE C 15 9.32 7.19 -3.32
N THR C 16 9.56 7.55 -4.57
CA THR C 16 10.31 8.77 -4.89
C THR C 16 9.57 9.99 -4.34
N ASP C 17 8.27 9.85 -4.21
CA ASP C 17 7.43 10.91 -3.68
C ASP C 17 6.88 10.51 -2.32
N ALA C 18 6.50 9.24 -2.20
CA ALA C 18 5.95 8.70 -0.96
C ALA C 18 7.04 8.37 0.07
N LEU C 19 8.14 9.10 0.03
CA LEU C 19 9.24 8.91 0.96
C LEU C 19 10.27 10.01 0.78
N GLY C 20 10.68 10.22 -0.47
CA GLY C 20 11.67 11.25 -0.79
C GLY C 20 11.40 12.59 -0.13
N ILE C 21 10.13 13.00 -0.14
CA ILE C 21 9.75 14.26 0.48
C ILE C 21 8.94 14.03 1.75
N ASP C 22 8.63 12.77 2.04
CA ASP C 22 7.83 12.42 3.21
C ASP C 22 8.71 12.24 4.44
N GLU C 23 9.95 11.82 4.24
CA GLU C 23 10.87 11.61 5.36
C GLU C 23 11.35 12.96 5.90
N TYR C 24 11.11 14.01 5.12
CA TYR C 24 11.50 15.36 5.52
C TYR C 24 10.29 16.12 6.04
N GLY C 25 10.11 16.08 7.35
CA GLY C 25 8.99 16.75 7.97
C GLY C 25 7.85 15.78 8.28
N GLY C 26 6.80 16.30 8.89
CA GLY C 26 5.67 15.47 9.24
C GLY C 26 4.43 15.88 8.49
N ALA A 1 11.91 -9.41 1.53
CA ALA A 1 10.88 -10.28 2.12
C ALA A 1 9.51 -9.98 1.54
N MET A 2 8.62 -10.95 1.56
CA MET A 2 7.27 -10.77 1.04
C MET A 2 6.27 -11.51 1.91
N PHE A 3 5.22 -10.83 2.31
CA PHE A 3 4.19 -11.41 3.15
C PHE A 3 2.84 -11.33 2.46
N GLN A 4 1.99 -12.31 2.70
CA GLN A 4 0.67 -12.35 2.09
C GLN A 4 -0.38 -11.82 3.06
N ILE A 5 -1.02 -10.72 2.70
CA ILE A 5 -2.05 -10.12 3.55
C ILE A 5 -3.44 -10.39 2.99
N GLY A 6 -3.50 -11.27 2.00
CA GLY A 6 -4.77 -11.60 1.39
C GLY A 6 -4.58 -12.30 0.07
N LYS A 7 -5.67 -12.78 -0.52
CA LYS A 7 -5.61 -13.47 -1.79
C LYS A 7 -5.09 -12.55 -2.89
N MET A 8 -3.98 -12.96 -3.50
CA MET A 8 -3.34 -12.22 -4.58
C MET A 8 -2.83 -10.86 -4.10
N ARG A 9 -2.48 -10.76 -2.83
CA ARG A 9 -1.95 -9.52 -2.28
C ARG A 9 -0.68 -9.80 -1.49
N TYR A 10 0.45 -9.31 -2.00
CA TYR A 10 1.73 -9.53 -1.35
C TYR A 10 2.39 -8.22 -0.98
N VAL A 11 3.02 -8.20 0.19
CA VAL A 11 3.72 -7.02 0.66
C VAL A 11 5.18 -7.12 0.28
N SER A 12 5.60 -6.27 -0.65
CA SER A 12 6.97 -6.26 -1.12
C SER A 12 7.88 -5.50 -0.14
N VAL A 13 8.33 -6.18 0.89
CA VAL A 13 9.21 -5.58 1.88
C VAL A 13 10.65 -5.79 1.43
N ARG A 14 11.13 -4.87 0.62
CA ARG A 14 12.49 -4.95 0.09
C ARG A 14 13.02 -3.56 -0.20
N ASP A 15 14.30 -3.49 -0.54
CA ASP A 15 14.97 -2.24 -0.86
C ASP A 15 15.21 -2.16 -2.36
N PHE A 16 14.97 -0.99 -2.93
CA PHE A 16 15.18 -0.78 -4.35
C PHE A 16 16.08 0.43 -4.58
N LYS A 17 17.37 0.15 -4.75
CA LYS A 17 18.38 1.18 -4.99
C LYS A 17 18.42 2.22 -3.87
N GLY A 18 18.23 1.76 -2.64
CA GLY A 18 18.25 2.67 -1.51
C GLY A 18 16.87 3.00 -1.00
N LYS A 19 15.88 2.74 -1.83
CA LYS A 19 14.49 3.00 -1.48
C LYS A 19 13.89 1.79 -0.78
N VAL A 20 13.92 1.80 0.54
CA VAL A 20 13.38 0.71 1.33
C VAL A 20 12.01 1.10 1.86
N LEU A 21 10.98 0.72 1.12
CA LEU A 21 9.62 1.05 1.51
C LEU A 21 8.74 -0.19 1.51
N ILE A 22 7.65 -0.14 2.27
CA ILE A 22 6.71 -1.24 2.34
C ILE A 22 5.78 -1.16 1.14
N ASP A 23 6.17 -1.82 0.06
CA ASP A 23 5.40 -1.80 -1.18
C ASP A 23 4.25 -2.79 -1.15
N ILE A 24 3.06 -2.28 -0.94
CA ILE A 24 1.87 -3.11 -0.93
C ILE A 24 1.40 -3.27 -2.36
N ARG A 25 1.56 -4.47 -2.92
CA ARG A 25 1.21 -4.69 -4.30
C ARG A 25 0.30 -5.90 -4.48
N GLU A 26 -0.55 -5.82 -5.50
CA GLU A 26 -1.46 -6.92 -5.82
C GLU A 26 -0.78 -7.82 -6.84
N TYR A 27 -1.10 -9.10 -6.81
CA TYR A 27 -0.48 -10.05 -7.72
C TYR A 27 -1.52 -10.73 -8.59
N TRP A 28 -1.09 -11.15 -9.77
CA TRP A 28 -1.95 -11.83 -10.71
C TRP A 28 -1.13 -12.88 -11.47
N MET A 29 -1.78 -13.91 -11.96
CA MET A 29 -1.08 -14.97 -12.68
C MET A 29 -0.97 -14.63 -14.16
N ASP A 30 0.22 -14.83 -14.71
CA ASP A 30 0.48 -14.55 -16.12
C ASP A 30 0.08 -15.75 -16.99
N PRO A 31 0.17 -15.64 -18.33
CA PRO A 31 -0.16 -16.73 -19.24
C PRO A 31 0.73 -17.96 -19.05
N GLU A 32 1.87 -17.77 -18.40
CA GLU A 32 2.79 -18.87 -18.15
C GLU A 32 2.35 -19.68 -16.95
N GLY A 33 1.92 -19.00 -15.90
CA GLY A 33 1.48 -19.67 -14.70
C GLY A 33 2.25 -19.21 -13.49
N GLU A 34 2.90 -18.06 -13.60
CA GLU A 34 3.69 -17.51 -12.53
C GLU A 34 2.95 -16.35 -11.86
N MET A 35 3.41 -15.99 -10.68
CA MET A 35 2.81 -14.89 -9.93
C MET A 35 3.47 -13.58 -10.33
N LYS A 36 2.72 -12.74 -11.02
CA LYS A 36 3.24 -11.46 -11.48
C LYS A 36 2.62 -10.31 -10.70
N PRO A 37 3.45 -9.41 -10.18
CA PRO A 37 2.98 -8.25 -9.42
C PRO A 37 2.34 -7.21 -10.34
N GLY A 38 1.18 -6.72 -9.95
CA GLY A 38 0.49 -5.72 -10.74
C GLY A 38 1.28 -4.43 -10.85
N ARG A 39 0.97 -3.62 -11.85
CA ARG A 39 1.66 -2.35 -12.04
C ARG A 39 1.16 -1.31 -11.06
N LYS A 40 0.10 -1.67 -10.34
CA LYS A 40 -0.49 -0.78 -9.34
C LYS A 40 -0.10 -1.25 -7.95
N GLY A 41 0.43 -0.33 -7.16
CA GLY A 41 0.84 -0.65 -5.81
C GLY A 41 1.11 0.61 -5.01
N ILE A 42 1.61 0.46 -3.80
CA ILE A 42 1.92 1.61 -2.96
C ILE A 42 3.05 1.27 -1.98
N SER A 43 4.19 1.92 -2.15
CA SER A 43 5.35 1.68 -1.31
C SER A 43 5.38 2.66 -0.13
N LEU A 44 4.77 2.27 0.98
CA LEU A 44 4.73 3.11 2.17
C LEU A 44 6.13 3.30 2.76
N ASN A 45 6.49 4.54 3.04
CA ASN A 45 7.81 4.82 3.62
C ASN A 45 7.82 4.52 5.11
N PRO A 46 9.02 4.47 5.73
CA PRO A 46 9.17 4.18 7.16
C PRO A 46 8.23 4.99 8.07
N GLU A 47 8.07 6.28 7.76
CA GLU A 47 7.20 7.14 8.57
C GLU A 47 5.74 6.74 8.40
N GLN A 48 5.30 6.52 7.15
CA GLN A 48 3.93 6.11 6.87
C GLN A 48 3.60 4.82 7.61
N TRP A 49 4.57 3.91 7.64
CA TRP A 49 4.42 2.63 8.33
C TRP A 49 4.11 2.85 9.82
N SER A 50 4.86 3.77 10.43
CA SER A 50 4.67 4.08 11.83
C SER A 50 3.32 4.75 12.07
N GLN A 51 3.03 5.76 11.25
CA GLN A 51 1.77 6.49 11.35
C GLN A 51 0.57 5.57 11.16
N LEU A 52 0.70 4.61 10.24
CA LEU A 52 -0.37 3.66 9.98
C LEU A 52 -0.67 2.84 11.21
N LYS A 53 0.37 2.29 11.83
CA LYS A 53 0.22 1.47 13.04
C LYS A 53 -0.41 2.27 14.18
N GLU A 54 -0.02 3.54 14.28
CA GLU A 54 -0.53 4.42 15.32
C GLU A 54 -1.99 4.82 15.07
N GLN A 55 -2.41 4.81 13.82
CA GLN A 55 -3.77 5.18 13.47
C GLN A 55 -4.69 3.96 13.39
N ILE A 56 -4.09 2.77 13.46
CA ILE A 56 -4.85 1.52 13.38
C ILE A 56 -6.02 1.48 14.38
N SER A 57 -5.76 1.91 15.61
CA SER A 57 -6.79 1.91 16.64
C SER A 57 -7.98 2.79 16.26
N ASP A 58 -7.72 3.88 15.56
CA ASP A 58 -8.77 4.80 15.14
C ASP A 58 -9.46 4.29 13.88
N ILE A 59 -8.65 3.77 12.96
CA ILE A 59 -9.15 3.23 11.69
C ILE A 59 -10.01 2.00 11.92
N ASP A 60 -9.51 1.06 12.72
CA ASP A 60 -10.23 -0.17 13.00
C ASP A 60 -11.57 0.13 13.66
N ASP A 61 -11.59 1.14 14.52
CA ASP A 61 -12.81 1.53 15.20
C ASP A 61 -13.84 2.02 14.19
N ALA A 62 -13.37 2.75 13.18
CA ALA A 62 -14.23 3.27 12.12
C ALA A 62 -14.84 2.12 11.31
N VAL A 63 -14.07 1.05 11.16
CA VAL A 63 -14.52 -0.12 10.41
C VAL A 63 -15.70 -0.77 11.14
N ARG A 64 -15.63 -0.75 12.46
CA ARG A 64 -16.69 -1.32 13.30
C ARG A 64 -17.87 -0.35 13.39
N LYS A 65 -17.58 0.94 13.25
CA LYS A 65 -18.60 1.98 13.31
C LYS A 65 -19.50 1.91 12.07
N LEU A 66 -18.90 1.58 10.93
CA LEU A 66 -19.63 1.48 9.68
C LEU A 66 -20.10 0.05 9.41
N ALA B 1 -13.21 10.58 9.36
CA ALA B 1 -12.99 9.27 8.74
C ALA B 1 -11.76 9.30 7.86
N MET B 2 -11.17 10.49 7.73
CA MET B 2 -9.97 10.67 6.91
C MET B 2 -8.74 10.66 7.81
N PHE B 3 -8.11 9.51 7.92
CA PHE B 3 -6.94 9.35 8.75
C PHE B 3 -5.66 9.63 7.97
N GLN B 4 -4.84 10.53 8.48
CA GLN B 4 -3.58 10.86 7.82
C GLN B 4 -2.49 9.92 8.31
N ILE B 5 -2.13 8.96 7.47
CA ILE B 5 -1.09 8.00 7.80
C ILE B 5 0.22 8.39 7.14
N GLY B 6 0.21 9.54 6.50
CA GLY B 6 1.39 10.03 5.82
C GLY B 6 1.11 11.36 5.16
N LYS B 7 2.16 12.11 4.89
CA LYS B 7 2.02 13.40 4.24
C LYS B 7 1.47 13.22 2.83
N MET B 8 0.25 13.74 2.63
CA MET B 8 -0.48 13.67 1.35
C MET B 8 -1.12 12.29 1.17
N ARG B 9 -1.01 11.45 2.19
CA ARG B 9 -1.60 10.11 2.15
C ARG B 9 -2.68 9.99 3.21
N TYR B 10 -3.88 9.61 2.80
CA TYR B 10 -4.99 9.49 3.72
C TYR B 10 -5.70 8.17 3.56
N VAL B 11 -6.18 7.65 4.68
CA VAL B 11 -6.93 6.41 4.69
C VAL B 11 -8.41 6.74 4.87
N SER B 12 -9.13 6.82 3.76
CA SER B 12 -10.53 7.14 3.79
C SER B 12 -11.38 5.89 3.98
N VAL B 13 -11.75 5.61 5.22
CA VAL B 13 -12.58 4.46 5.52
C VAL B 13 -14.04 4.80 5.32
N ARG B 14 -14.66 4.16 4.35
CA ARG B 14 -16.06 4.42 4.07
C ARG B 14 -16.75 3.20 3.51
N ASP B 15 -18.07 3.19 3.57
CA ASP B 15 -18.87 2.09 3.07
C ASP B 15 -19.12 2.28 1.58
N PHE B 16 -18.65 1.33 0.79
CA PHE B 16 -18.82 1.37 -0.64
C PHE B 16 -19.81 0.33 -1.11
N LYS B 17 -21.09 0.71 -1.13
CA LYS B 17 -22.18 -0.16 -1.57
C LYS B 17 -22.30 -1.43 -0.71
N GLY B 18 -22.22 -1.25 0.61
CA GLY B 18 -22.33 -2.38 1.51
C GLY B 18 -21.02 -3.10 1.65
N LYS B 19 -19.94 -2.33 1.69
CA LYS B 19 -18.59 -2.86 1.81
C LYS B 19 -17.70 -1.85 2.50
N VAL B 20 -17.35 -2.11 3.75
CA VAL B 20 -16.47 -1.22 4.50
C VAL B 20 -15.05 -1.39 3.96
N LEU B 21 -14.64 -0.48 3.09
CA LEU B 21 -13.33 -0.57 2.49
C LEU B 21 -12.35 0.44 3.06
N ILE B 22 -11.17 -0.05 3.40
CA ILE B 22 -10.10 0.77 3.91
C ILE B 22 -9.23 1.18 2.71
N ASP B 23 -9.53 2.35 2.16
CA ASP B 23 -8.81 2.83 1.00
C ASP B 23 -7.57 3.63 1.37
N ILE B 24 -6.42 3.02 1.17
CA ILE B 24 -5.15 3.67 1.43
C ILE B 24 -4.66 4.31 0.14
N ARG B 25 -4.88 5.61 -0.01
CA ARG B 25 -4.50 6.28 -1.25
C ARG B 25 -3.93 7.67 -0.99
N GLU B 26 -3.30 8.23 -2.01
CA GLU B 26 -2.73 9.56 -1.92
C GLU B 26 -3.74 10.56 -2.45
N TYR B 27 -3.79 11.73 -1.85
CA TYR B 27 -4.74 12.74 -2.28
C TYR B 27 -4.04 14.06 -2.61
N TRP B 28 -4.29 14.55 -3.81
CA TRP B 28 -3.69 15.78 -4.30
C TRP B 28 -4.71 16.90 -4.27
N MET B 29 -4.30 18.07 -3.81
CA MET B 29 -5.19 19.22 -3.74
C MET B 29 -5.34 19.86 -5.11
N ASP B 30 -6.55 19.83 -5.63
CA ASP B 30 -6.85 20.39 -6.94
C ASP B 30 -7.07 21.91 -6.82
N PRO B 31 -6.99 22.65 -7.94
CA PRO B 31 -7.17 24.10 -7.97
C PRO B 31 -8.49 24.58 -7.33
N GLU B 32 -9.51 23.72 -7.34
CA GLU B 32 -10.80 24.07 -6.75
C GLU B 32 -10.74 23.99 -5.22
N GLY B 33 -9.72 23.30 -4.70
CA GLY B 33 -9.55 23.17 -3.28
C GLY B 33 -9.97 21.83 -2.71
N GLU B 34 -10.21 20.86 -3.59
CA GLU B 34 -10.63 19.53 -3.16
C GLU B 34 -9.47 18.55 -3.25
N MET B 35 -9.54 17.48 -2.47
CA MET B 35 -8.50 16.46 -2.46
C MET B 35 -8.86 15.34 -3.43
N LYS B 36 -8.22 15.34 -4.58
CA LYS B 36 -8.47 14.33 -5.60
C LYS B 36 -7.50 13.18 -5.45
N PRO B 37 -7.92 11.95 -5.78
CA PRO B 37 -7.05 10.77 -5.69
C PRO B 37 -5.83 10.89 -6.59
N GLY B 38 -4.70 10.35 -6.14
CA GLY B 38 -3.48 10.43 -6.92
C GLY B 38 -3.46 9.47 -8.09
N ARG B 39 -2.59 8.48 -8.02
CA ARG B 39 -2.47 7.48 -9.08
C ARG B 39 -2.29 6.08 -8.52
N LYS B 40 -1.85 6.02 -7.28
CA LYS B 40 -1.63 4.75 -6.62
C LYS B 40 -2.79 4.44 -5.68
N GLY B 41 -2.49 3.79 -4.57
CA GLY B 41 -3.53 3.47 -3.61
C GLY B 41 -4.10 2.09 -3.81
N ILE B 42 -4.61 1.52 -2.73
CA ILE B 42 -5.18 0.19 -2.77
C ILE B 42 -6.37 0.09 -1.80
N SER B 43 -7.46 -0.49 -2.27
CA SER B 43 -8.64 -0.66 -1.45
C SER B 43 -8.60 -2.03 -0.77
N LEU B 44 -8.52 -2.02 0.55
CA LEU B 44 -8.47 -3.26 1.32
C LEU B 44 -9.75 -3.44 2.12
N ASN B 45 -10.26 -4.67 2.15
CA ASN B 45 -11.48 -4.97 2.89
C ASN B 45 -11.11 -5.35 4.33
N PRO B 46 -12.10 -5.48 5.23
CA PRO B 46 -11.84 -5.84 6.64
C PRO B 46 -10.98 -7.10 6.79
N GLU B 47 -11.16 -8.04 5.88
CA GLU B 47 -10.39 -9.29 5.90
C GLU B 47 -8.91 -9.00 5.71
N GLN B 48 -8.59 -8.28 4.63
CA GLN B 48 -7.21 -7.94 4.33
C GLN B 48 -6.67 -6.97 5.38
N TRP B 49 -7.54 -6.10 5.86
CA TRP B 49 -7.18 -5.12 6.87
C TRP B 49 -6.73 -5.84 8.15
N SER B 50 -7.49 -6.85 8.55
CA SER B 50 -7.15 -7.63 9.74
C SER B 50 -5.83 -8.35 9.53
N GLN B 51 -5.68 -8.94 8.34
CA GLN B 51 -4.45 -9.66 8.01
C GLN B 51 -3.25 -8.72 8.05
N LEU B 52 -3.44 -7.50 7.56
CA LEU B 52 -2.37 -6.51 7.56
C LEU B 52 -1.90 -6.23 8.98
N LYS B 53 -2.87 -6.10 9.89
CA LYS B 53 -2.56 -5.84 11.30
C LYS B 53 -1.85 -7.04 11.92
N GLU B 54 -2.31 -8.23 11.55
CA GLU B 54 -1.74 -9.46 12.08
C GLU B 54 -0.38 -9.76 11.45
N GLN B 55 -0.08 -9.08 10.34
CA GLN B 55 1.19 -9.28 9.66
C GLN B 55 2.25 -8.31 10.17
N ILE B 56 1.85 -7.41 11.06
CA ILE B 56 2.76 -6.43 11.63
C ILE B 56 3.93 -7.13 12.34
N SER B 57 3.63 -8.26 12.97
CA SER B 57 4.65 -9.03 13.69
C SER B 57 5.73 -9.57 12.75
N ASP B 58 5.47 -9.49 11.45
CA ASP B 58 6.43 -9.97 10.45
C ASP B 58 7.00 -8.79 9.67
N ILE B 59 6.12 -7.93 9.16
CA ILE B 59 6.53 -6.77 8.39
C ILE B 59 7.35 -5.79 9.23
N ASP B 60 6.79 -5.37 10.36
CA ASP B 60 7.45 -4.41 11.25
C ASP B 60 8.75 -4.99 11.78
N ASP B 61 8.78 -6.31 11.94
CA ASP B 61 9.96 -7.01 12.42
C ASP B 61 11.12 -6.81 11.45
N ALA B 62 10.84 -7.01 10.16
CA ALA B 62 11.85 -6.85 9.13
C ALA B 62 12.22 -5.37 8.97
N VAL B 63 11.23 -4.51 9.08
CA VAL B 63 11.44 -3.07 8.95
C VAL B 63 12.31 -2.54 10.09
N ARG B 64 12.13 -3.08 11.29
CA ARG B 64 12.91 -2.66 12.44
C ARG B 64 14.28 -3.33 12.46
N LYS B 65 14.49 -4.26 11.55
CA LYS B 65 15.77 -4.97 11.45
C LYS B 65 16.66 -4.32 10.40
N LEU B 66 16.19 -3.21 9.87
CA LEU B 66 16.95 -2.48 8.86
C LEU B 66 17.81 -1.43 9.52
N TYR C 1 9.53 -15.63 -25.63
CA TYR C 1 9.75 -15.31 -24.20
C TYR C 1 10.78 -14.22 -24.03
N GLY C 2 11.80 -14.22 -24.90
CA GLY C 2 12.87 -13.23 -24.84
C GLY C 2 12.39 -11.80 -24.89
N ALA C 3 11.29 -11.56 -25.61
CA ALA C 3 10.74 -10.21 -25.72
C ALA C 3 10.19 -9.73 -24.37
N LEU C 4 9.27 -10.51 -23.81
CA LEU C 4 8.65 -10.17 -22.53
C LEU C 4 9.68 -10.22 -21.40
N ASP C 5 10.67 -11.10 -21.56
CA ASP C 5 11.73 -11.28 -20.57
C ASP C 5 12.56 -10.02 -20.39
N MET C 6 12.54 -9.14 -21.38
CA MET C 6 13.31 -7.90 -21.31
C MET C 6 12.41 -6.67 -21.17
N ALA C 7 11.39 -6.60 -22.01
CA ALA C 7 10.48 -5.45 -22.02
C ALA C 7 9.67 -5.34 -20.72
N ASP C 8 8.91 -6.37 -20.40
CA ASP C 8 8.07 -6.36 -19.20
C ASP C 8 8.91 -6.39 -17.93
N PHE C 9 10.10 -6.97 -18.01
CA PHE C 9 10.98 -7.05 -16.85
C PHE C 9 11.29 -5.66 -16.32
N GLU C 10 11.50 -4.72 -17.22
CA GLU C 10 11.80 -3.34 -16.84
C GLU C 10 10.62 -2.76 -16.09
N PHE C 11 9.41 -2.98 -16.59
CA PHE C 11 8.19 -2.48 -15.96
C PHE C 11 8.03 -3.08 -14.57
N GLU C 12 8.28 -4.37 -14.47
CA GLU C 12 8.16 -5.09 -13.21
C GLU C 12 9.08 -4.46 -12.16
N GLN C 13 10.27 -4.08 -12.59
CA GLN C 13 11.25 -3.47 -11.71
C GLN C 13 10.95 -1.99 -11.45
N MET C 14 10.81 -1.23 -12.54
CA MET C 14 10.55 0.21 -12.48
C MET C 14 9.29 0.55 -11.69
N PHE C 15 8.21 -0.18 -11.92
CA PHE C 15 6.95 0.10 -11.23
C PHE C 15 7.04 -0.22 -9.74
N THR C 16 8.06 -0.99 -9.36
CA THR C 16 8.26 -1.35 -7.97
C THR C 16 9.51 -0.61 -7.44
N ASP C 17 9.96 0.36 -8.23
CA ASP C 17 11.13 1.16 -7.88
C ASP C 17 10.76 2.63 -7.77
N ALA C 18 10.19 3.16 -8.85
CA ALA C 18 9.79 4.55 -8.90
C ALA C 18 8.49 4.79 -8.14
N LEU C 19 7.80 3.70 -7.80
CA LEU C 19 6.54 3.78 -7.07
C LEU C 19 6.71 4.55 -5.77
N GLY C 20 7.81 4.28 -5.07
CA GLY C 20 8.05 4.94 -3.80
C GLY C 20 9.07 6.06 -3.91
N ILE C 21 9.14 6.72 -5.06
CA ILE C 21 10.09 7.82 -5.23
C ILE C 21 9.65 9.05 -4.44
N ASP C 22 8.35 9.28 -4.37
CA ASP C 22 7.81 10.42 -3.63
C ASP C 22 7.09 9.94 -2.37
N GLU C 23 7.08 8.62 -2.18
CA GLU C 23 6.44 8.03 -1.01
C GLU C 23 7.31 8.24 0.22
N TYR C 24 8.59 8.49 -0.02
CA TYR C 24 9.56 8.70 1.04
C TYR C 24 9.24 9.95 1.84
N GLY C 25 8.37 10.80 1.29
CA GLY C 25 8.00 12.03 1.97
C GLY C 25 6.79 11.83 2.86
N GLY C 26 6.19 10.63 2.82
CA GLY C 26 5.02 10.34 3.62
C GLY C 26 5.30 10.48 5.10
N ALA A 1 11.81 -9.75 1.51
CA ALA A 1 10.80 -9.75 2.58
C ALA A 1 9.41 -9.54 2.00
N MET A 2 8.79 -10.63 1.53
CA MET A 2 7.46 -10.56 0.95
C MET A 2 6.47 -11.34 1.80
N PHE A 3 5.48 -10.63 2.33
CA PHE A 3 4.45 -11.25 3.15
C PHE A 3 3.15 -11.30 2.37
N GLN A 4 2.10 -11.85 2.97
CA GLN A 4 0.81 -11.93 2.30
C GLN A 4 -0.32 -11.53 3.23
N ILE A 5 -1.27 -10.77 2.70
CA ILE A 5 -2.40 -10.32 3.50
C ILE A 5 -3.71 -10.85 2.94
N GLY A 6 -3.66 -11.46 1.76
CA GLY A 6 -4.86 -12.01 1.15
C GLY A 6 -4.59 -12.56 -0.23
N LYS A 7 -5.64 -13.07 -0.87
CA LYS A 7 -5.53 -13.64 -2.21
C LYS A 7 -5.00 -12.60 -3.20
N MET A 8 -3.84 -12.91 -3.77
CA MET A 8 -3.16 -12.06 -4.76
C MET A 8 -2.66 -10.75 -4.13
N ARG A 9 -2.74 -10.63 -2.82
CA ARG A 9 -2.27 -9.42 -2.14
C ARG A 9 -1.06 -9.74 -1.28
N TYR A 10 0.08 -9.19 -1.67
CA TYR A 10 1.32 -9.43 -0.97
C TYR A 10 1.92 -8.12 -0.47
N VAL A 11 2.86 -8.24 0.46
CA VAL A 11 3.54 -7.11 1.04
C VAL A 11 5.04 -7.24 0.78
N SER A 12 5.55 -6.51 -0.19
CA SER A 12 6.96 -6.58 -0.52
C SER A 12 7.76 -5.46 0.12
N VAL A 13 8.43 -5.77 1.23
CA VAL A 13 9.27 -4.80 1.91
C VAL A 13 10.62 -4.76 1.19
N ARG A 14 10.67 -4.00 0.11
CA ARG A 14 11.89 -3.90 -0.69
C ARG A 14 12.44 -2.49 -0.69
N ASP A 15 13.66 -2.34 -1.17
CA ASP A 15 14.33 -1.06 -1.22
C ASP A 15 14.52 -0.62 -2.66
N PHE A 16 14.35 0.66 -2.91
CA PHE A 16 14.50 1.21 -4.25
C PHE A 16 15.47 2.39 -4.25
N LYS A 17 16.71 2.12 -4.69
CA LYS A 17 17.75 3.14 -4.78
C LYS A 17 18.09 3.74 -3.42
N GLY A 18 18.02 2.94 -2.37
CA GLY A 18 18.33 3.43 -1.03
C GLY A 18 17.10 3.93 -0.33
N LYS A 19 15.94 3.51 -0.82
CA LYS A 19 14.67 3.91 -0.24
C LYS A 19 13.82 2.68 0.05
N VAL A 20 13.82 2.24 1.31
CA VAL A 20 13.03 1.09 1.71
C VAL A 20 11.54 1.44 1.66
N LEU A 21 10.84 0.82 0.73
CA LEU A 21 9.41 1.08 0.57
C LEU A 21 8.62 -0.21 0.70
N ILE A 22 7.74 -0.26 1.68
CA ILE A 22 6.89 -1.43 1.88
C ILE A 22 5.79 -1.44 0.84
N ASP A 23 5.97 -2.26 -0.18
CA ASP A 23 5.02 -2.37 -1.28
C ASP A 23 3.74 -3.08 -0.87
N ILE A 24 2.71 -2.30 -0.62
CA ILE A 24 1.40 -2.84 -0.27
C ILE A 24 0.54 -2.79 -1.51
N ARG A 25 0.54 -3.88 -2.27
CA ARG A 25 -0.20 -3.93 -3.51
C ARG A 25 -0.45 -5.37 -3.94
N GLU A 26 -1.43 -5.56 -4.81
CA GLU A 26 -1.77 -6.87 -5.33
C GLU A 26 -0.78 -7.28 -6.43
N TYR A 27 -0.54 -8.58 -6.52
CA TYR A 27 0.37 -9.14 -7.50
C TYR A 27 -0.34 -10.23 -8.28
N TRP A 28 -0.35 -10.09 -9.60
CA TRP A 28 -1.00 -11.07 -10.46
C TRP A 28 0.05 -11.93 -11.16
N MET A 29 -0.39 -13.01 -11.77
CA MET A 29 0.53 -13.90 -12.47
C MET A 29 0.39 -13.73 -13.98
N ASP A 30 1.52 -13.57 -14.65
CA ASP A 30 1.54 -13.41 -16.10
C ASP A 30 1.57 -14.78 -16.79
N PRO A 31 1.41 -14.81 -18.13
CA PRO A 31 1.43 -16.07 -18.90
C PRO A 31 2.81 -16.73 -18.95
N GLU A 32 3.83 -16.01 -18.49
CA GLU A 32 5.19 -16.54 -18.49
C GLU A 32 5.41 -17.37 -17.22
N GLY A 33 4.94 -16.85 -16.10
CA GLY A 33 5.08 -17.54 -14.84
C GLY A 33 5.73 -16.66 -13.79
N GLU A 34 5.69 -15.36 -14.01
CA GLU A 34 6.27 -14.43 -13.06
C GLU A 34 5.19 -13.69 -12.28
N MET A 35 5.61 -12.83 -11.37
CA MET A 35 4.70 -12.06 -10.55
C MET A 35 4.66 -10.61 -11.02
N LYS A 36 3.53 -10.20 -11.57
CA LYS A 36 3.37 -8.85 -12.08
C LYS A 36 2.59 -7.97 -11.12
N PRO A 37 3.19 -6.85 -10.70
CA PRO A 37 2.54 -5.90 -9.80
C PRO A 37 1.57 -4.99 -10.55
N GLY A 38 0.34 -4.91 -10.05
CA GLY A 38 -0.65 -4.04 -10.68
C GLY A 38 -0.31 -2.58 -10.51
N ARG A 39 -0.82 -1.73 -11.39
CA ARG A 39 -0.55 -0.29 -11.34
C ARG A 39 -1.04 0.28 -10.01
N LYS A 40 -2.19 -0.21 -9.56
CA LYS A 40 -2.79 0.23 -8.31
C LYS A 40 -2.03 -0.36 -7.12
N GLY A 41 -1.11 0.40 -6.57
CA GLY A 41 -0.35 -0.06 -5.43
C GLY A 41 0.37 1.07 -4.74
N ILE A 42 0.32 1.08 -3.42
CA ILE A 42 0.98 2.11 -2.64
C ILE A 42 2.09 1.53 -1.77
N SER A 43 3.28 2.06 -1.94
CA SER A 43 4.43 1.61 -1.18
C SER A 43 4.73 2.60 -0.07
N LEU A 44 4.52 2.17 1.16
CA LEU A 44 4.74 3.03 2.32
C LEU A 44 6.09 2.76 2.95
N ASN A 45 6.82 3.82 3.20
CA ASN A 45 8.15 3.72 3.82
C ASN A 45 8.00 3.62 5.34
N PRO A 46 9.08 3.26 6.08
CA PRO A 46 9.06 3.14 7.54
C PRO A 46 8.32 4.28 8.24
N GLU A 47 8.54 5.51 7.77
CA GLU A 47 7.88 6.69 8.35
C GLU A 47 6.36 6.57 8.25
N GLN A 48 5.88 6.18 7.06
CA GLN A 48 4.46 6.02 6.82
C GLN A 48 3.95 4.81 7.58
N TRP A 49 4.76 3.76 7.58
CA TRP A 49 4.43 2.52 8.27
C TRP A 49 4.16 2.77 9.75
N SER A 50 4.99 3.60 10.38
CA SER A 50 4.83 3.93 11.78
C SER A 50 3.48 4.63 12.00
N GLN A 51 3.25 5.68 11.21
CA GLN A 51 2.01 6.45 11.29
C GLN A 51 0.81 5.55 11.05
N LEU A 52 0.92 4.66 10.07
CA LEU A 52 -0.14 3.73 9.72
C LEU A 52 -0.57 2.92 10.93
N LYS A 53 0.40 2.30 11.60
CA LYS A 53 0.13 1.48 12.78
C LYS A 53 -0.47 2.30 13.91
N GLU A 54 0.03 3.52 14.06
CA GLU A 54 -0.45 4.42 15.11
C GLU A 54 -1.90 4.84 14.87
N GLN A 55 -2.26 5.04 13.61
CA GLN A 55 -3.61 5.46 13.27
C GLN A 55 -4.57 4.27 13.23
N ILE A 56 -4.02 3.06 13.14
CA ILE A 56 -4.82 1.84 13.08
C ILE A 56 -5.87 1.78 14.18
N SER A 57 -5.51 2.27 15.37
CA SER A 57 -6.42 2.29 16.51
C SER A 57 -7.70 3.06 16.19
N ASP A 58 -7.58 4.13 15.41
CA ASP A 58 -8.72 4.95 15.04
C ASP A 58 -9.34 4.45 13.74
N ILE A 59 -8.50 3.93 12.85
CA ILE A 59 -8.95 3.42 11.57
C ILE A 59 -9.91 2.26 11.77
N ASP A 60 -9.52 1.33 12.64
CA ASP A 60 -10.34 0.15 12.93
C ASP A 60 -11.66 0.57 13.56
N ASP A 61 -11.62 1.65 14.35
CA ASP A 61 -12.81 2.17 15.00
C ASP A 61 -13.79 2.69 13.96
N ALA A 62 -13.26 3.23 12.87
CA ALA A 62 -14.08 3.75 11.79
C ALA A 62 -14.78 2.61 11.05
N VAL A 63 -14.10 1.46 11.00
CA VAL A 63 -14.66 0.29 10.34
C VAL A 63 -15.93 -0.18 11.07
N ARG A 64 -15.89 -0.09 12.39
CA ARG A 64 -17.03 -0.47 13.22
C ARG A 64 -18.17 0.54 13.05
N LYS A 65 -17.81 1.75 12.65
CA LYS A 65 -18.79 2.82 12.44
C LYS A 65 -19.50 2.64 11.10
N LEU A 66 -18.85 1.94 10.19
CA LEU A 66 -19.42 1.70 8.87
C LEU A 66 -19.85 0.25 8.70
N ALA B 1 -12.58 12.43 9.46
CA ALA B 1 -12.57 10.99 9.22
C ALA B 1 -11.43 10.61 8.27
N MET B 2 -10.68 11.60 7.82
CA MET B 2 -9.57 11.36 6.92
C MET B 2 -8.27 11.21 7.70
N PHE B 3 -7.96 9.97 8.08
CA PHE B 3 -6.75 9.68 8.82
C PHE B 3 -5.52 9.91 7.96
N GLN B 4 -4.60 10.72 8.46
CA GLN B 4 -3.38 11.01 7.72
C GLN B 4 -2.24 10.11 8.17
N ILE B 5 -1.57 9.50 7.20
CA ILE B 5 -0.45 8.61 7.47
C ILE B 5 0.82 9.11 6.78
N GLY B 6 0.72 10.31 6.21
CA GLY B 6 1.84 10.91 5.52
C GLY B 6 1.42 12.15 4.79
N LYS B 7 2.36 12.82 4.14
CA LYS B 7 2.07 14.04 3.41
C LYS B 7 1.19 13.73 2.20
N MET B 8 -0.09 14.09 2.31
CA MET B 8 -1.08 13.87 1.25
C MET B 8 -1.56 12.42 1.21
N ARG B 9 -1.03 11.59 2.10
CA ARG B 9 -1.40 10.18 2.16
C ARG B 9 -2.42 9.97 3.28
N TYR B 10 -3.58 9.45 2.91
CA TYR B 10 -4.64 9.23 3.88
C TYR B 10 -5.18 7.81 3.82
N VAL B 11 -5.97 7.46 4.82
CA VAL B 11 -6.60 6.16 4.90
C VAL B 11 -8.08 6.35 4.60
N SER B 12 -8.48 5.99 3.39
CA SER B 12 -9.85 6.16 2.97
C SER B 12 -10.74 4.99 3.37
N VAL B 13 -11.30 5.07 4.57
CA VAL B 13 -12.21 4.05 5.06
C VAL B 13 -13.61 4.44 4.62
N ARG B 14 -14.09 3.82 3.55
CA ARG B 14 -15.40 4.15 3.03
C ARG B 14 -16.24 2.91 2.76
N ASP B 15 -17.53 3.11 2.62
CA ASP B 15 -18.46 2.02 2.35
C ASP B 15 -18.71 1.94 0.84
N PHE B 16 -18.16 0.91 0.21
CA PHE B 16 -18.32 0.74 -1.22
C PHE B 16 -19.53 -0.14 -1.51
N LYS B 17 -20.70 0.47 -1.56
CA LYS B 17 -21.95 -0.23 -1.85
C LYS B 17 -22.23 -1.34 -0.84
N GLY B 18 -22.05 -1.03 0.44
CA GLY B 18 -22.29 -2.01 1.48
C GLY B 18 -21.05 -2.81 1.81
N LYS B 19 -19.94 -2.44 1.20
CA LYS B 19 -18.68 -3.14 1.44
C LYS B 19 -17.66 -2.17 2.03
N VAL B 20 -17.46 -2.26 3.34
CA VAL B 20 -16.51 -1.40 4.03
C VAL B 20 -15.10 -1.71 3.55
N LEU B 21 -14.47 -0.75 2.90
CA LEU B 21 -13.13 -0.95 2.38
C LEU B 21 -12.16 0.11 2.90
N ILE B 22 -11.01 -0.35 3.35
CA ILE B 22 -9.97 0.52 3.84
C ILE B 22 -9.00 0.76 2.69
N ASP B 23 -9.26 1.83 1.95
CA ASP B 23 -8.46 2.17 0.79
C ASP B 23 -7.30 3.08 1.15
N ILE B 24 -6.10 2.49 1.21
CA ILE B 24 -4.90 3.26 1.51
C ILE B 24 -4.47 3.94 0.22
N ARG B 25 -4.65 5.26 0.16
CA ARG B 25 -4.33 5.99 -1.05
C ARG B 25 -3.97 7.44 -0.76
N GLU B 26 -3.18 8.03 -1.64
CA GLU B 26 -2.79 9.43 -1.48
C GLU B 26 -3.75 10.31 -2.28
N TYR B 27 -3.94 11.53 -1.80
CA TYR B 27 -4.84 12.47 -2.44
C TYR B 27 -4.09 13.71 -2.87
N TRP B 28 -4.23 14.09 -4.15
CA TRP B 28 -3.56 15.26 -4.68
C TRP B 28 -4.59 16.35 -4.94
N MET B 29 -4.27 17.58 -4.57
CA MET B 29 -5.18 18.70 -4.77
C MET B 29 -5.21 19.10 -6.24
N ASP B 30 -6.41 19.14 -6.80
CA ASP B 30 -6.59 19.49 -8.21
C ASP B 30 -6.91 20.99 -8.36
N PRO B 31 -6.94 21.51 -9.61
CA PRO B 31 -7.24 22.92 -9.90
C PRO B 31 -8.55 23.40 -9.25
N GLU B 32 -9.53 22.50 -9.14
CA GLU B 32 -10.80 22.85 -8.52
C GLU B 32 -10.63 23.07 -7.02
N GLY B 33 -9.65 22.40 -6.44
CA GLY B 33 -9.39 22.56 -5.02
C GLY B 33 -9.82 21.34 -4.23
N GLU B 34 -10.06 20.24 -4.93
CA GLU B 34 -10.49 19.01 -4.28
C GLU B 34 -9.34 18.01 -4.27
N MET B 35 -9.30 17.19 -3.24
CA MET B 35 -8.26 16.18 -3.11
C MET B 35 -8.64 14.96 -3.94
N LYS B 36 -7.97 14.80 -5.07
CA LYS B 36 -8.23 13.68 -5.97
C LYS B 36 -7.41 12.46 -5.58
N PRO B 37 -8.07 11.31 -5.39
CA PRO B 37 -7.39 10.06 -5.05
C PRO B 37 -6.49 9.58 -6.18
N GLY B 38 -5.22 9.38 -5.86
CA GLY B 38 -4.25 8.95 -6.86
C GLY B 38 -4.59 7.59 -7.47
N ARG B 39 -3.93 7.30 -8.58
CA ARG B 39 -4.15 6.04 -9.29
C ARG B 39 -3.45 4.88 -8.58
N LYS B 40 -2.71 5.20 -7.54
CA LYS B 40 -1.99 4.19 -6.77
C LYS B 40 -2.54 4.09 -5.35
N GLY B 41 -3.11 2.95 -5.04
CA GLY B 41 -3.66 2.71 -3.73
C GLY B 41 -4.17 1.28 -3.61
N ILE B 42 -4.60 0.90 -2.42
CA ILE B 42 -5.09 -0.45 -2.22
C ILE B 42 -6.30 -0.46 -1.27
N SER B 43 -7.41 -0.99 -1.76
CA SER B 43 -8.62 -1.07 -0.97
C SER B 43 -8.70 -2.43 -0.27
N LEU B 44 -8.39 -2.44 1.02
CA LEU B 44 -8.41 -3.66 1.80
C LEU B 44 -9.72 -3.82 2.55
N ASN B 45 -10.30 -5.00 2.45
CA ASN B 45 -11.56 -5.31 3.14
C ASN B 45 -11.24 -5.72 4.57
N PRO B 46 -12.23 -5.73 5.49
CA PRO B 46 -12.02 -6.10 6.89
C PRO B 46 -11.26 -7.42 7.04
N GLU B 47 -11.48 -8.33 6.09
CA GLU B 47 -10.83 -9.63 6.08
C GLU B 47 -9.31 -9.47 5.96
N GLN B 48 -8.86 -8.83 4.90
CA GLN B 48 -7.43 -8.63 4.67
C GLN B 48 -6.88 -7.57 5.62
N TRP B 49 -7.74 -6.64 6.02
CA TRP B 49 -7.36 -5.58 6.96
C TRP B 49 -6.91 -6.21 8.27
N SER B 50 -7.64 -7.21 8.72
CA SER B 50 -7.30 -7.92 9.95
C SER B 50 -5.96 -8.62 9.78
N GLN B 51 -5.79 -9.28 8.63
CA GLN B 51 -4.56 -9.98 8.32
C GLN B 51 -3.38 -9.03 8.35
N LEU B 52 -3.58 -7.83 7.83
CA LEU B 52 -2.54 -6.81 7.81
C LEU B 52 -2.10 -6.48 9.24
N LYS B 53 -3.07 -6.32 10.13
CA LYS B 53 -2.78 -6.00 11.53
C LYS B 53 -2.03 -7.14 12.20
N GLU B 54 -2.34 -8.37 11.79
CA GLU B 54 -1.67 -9.55 12.32
C GLU B 54 -0.26 -9.67 11.78
N GLN B 55 -0.12 -9.48 10.48
CA GLN B 55 1.17 -9.59 9.80
C GLN B 55 2.17 -8.55 10.30
N ILE B 56 1.66 -7.49 10.94
CA ILE B 56 2.52 -6.44 11.48
C ILE B 56 3.61 -7.02 12.37
N SER B 57 3.24 -8.05 13.14
CA SER B 57 4.16 -8.71 14.06
C SER B 57 5.36 -9.31 13.32
N ASP B 58 5.17 -9.69 12.05
CA ASP B 58 6.24 -10.27 11.25
C ASP B 58 6.89 -9.23 10.34
N ILE B 59 6.07 -8.36 9.76
CA ILE B 59 6.55 -7.32 8.86
C ILE B 59 7.48 -6.36 9.60
N ASP B 60 7.04 -5.90 10.76
CA ASP B 60 7.82 -4.98 11.57
C ASP B 60 9.13 -5.63 12.02
N ASP B 61 9.07 -6.95 12.21
CA ASP B 61 10.23 -7.73 12.62
C ASP B 61 11.31 -7.67 11.55
N ALA B 62 10.88 -7.67 10.29
CA ALA B 62 11.79 -7.62 9.17
C ALA B 62 12.32 -6.20 8.96
N VAL B 63 11.43 -5.22 9.11
CA VAL B 63 11.79 -3.81 8.94
C VAL B 63 12.84 -3.38 9.95
N ARG B 64 12.70 -3.79 11.20
CA ARG B 64 13.65 -3.43 12.25
C ARG B 64 15.00 -4.13 12.06
N LYS B 65 15.03 -5.11 11.15
CA LYS B 65 16.26 -5.85 10.89
C LYS B 65 16.89 -5.40 9.57
N LEU B 66 16.29 -4.40 8.94
CA LEU B 66 16.80 -3.88 7.68
C LEU B 66 18.02 -3.01 7.93
N TYR C 1 7.55 -13.08 -24.68
CA TYR C 1 6.63 -12.24 -23.87
C TYR C 1 7.41 -11.22 -23.05
N GLY C 2 8.61 -11.59 -22.61
CA GLY C 2 9.44 -10.71 -21.82
C GLY C 2 9.69 -9.35 -22.45
N ALA C 3 9.75 -9.31 -23.78
CA ALA C 3 9.98 -8.05 -24.50
C ALA C 3 8.93 -7.00 -24.16
N LEU C 4 7.69 -7.42 -24.05
CA LEU C 4 6.60 -6.51 -23.73
C LEU C 4 6.38 -6.44 -22.23
N ASP C 5 6.60 -7.55 -21.56
CA ASP C 5 6.42 -7.64 -20.12
C ASP C 5 7.39 -6.71 -19.37
N MET C 6 8.65 -6.75 -19.78
CA MET C 6 9.67 -5.92 -19.15
C MET C 6 9.35 -4.45 -19.29
N ALA C 7 8.71 -4.08 -20.40
CA ALA C 7 8.35 -2.69 -20.64
C ALA C 7 7.38 -2.18 -19.57
N ASP C 8 6.44 -3.03 -19.18
CA ASP C 8 5.46 -2.67 -18.16
C ASP C 8 6.07 -2.79 -16.77
N PHE C 9 6.80 -3.89 -16.55
CA PHE C 9 7.43 -4.16 -15.26
C PHE C 9 8.43 -3.05 -14.90
N GLU C 10 9.19 -2.58 -15.89
CA GLU C 10 10.16 -1.52 -15.67
C GLU C 10 9.44 -0.22 -15.29
N PHE C 11 8.34 0.06 -15.99
CA PHE C 11 7.55 1.25 -15.72
C PHE C 11 6.99 1.22 -14.31
N GLU C 12 6.40 0.09 -13.95
CA GLU C 12 5.81 -0.09 -12.64
C GLU C 12 6.87 0.03 -11.54
N GLN C 13 8.04 -0.56 -11.79
CA GLN C 13 9.13 -0.50 -10.83
C GLN C 13 9.53 0.94 -10.56
N MET C 14 9.63 1.73 -11.63
CA MET C 14 10.01 3.14 -11.49
C MET C 14 8.87 3.93 -10.85
N PHE C 15 7.64 3.59 -11.22
CA PHE C 15 6.46 4.25 -10.67
C PHE C 15 6.36 3.99 -9.18
N THR C 16 6.89 2.85 -8.76
CA THR C 16 6.90 2.46 -7.36
C THR C 16 8.07 3.13 -6.64
N ASP C 17 9.23 3.13 -7.31
CA ASP C 17 10.44 3.71 -6.77
C ASP C 17 10.25 5.20 -6.49
N ALA C 18 9.52 5.86 -7.35
CA ALA C 18 9.26 7.30 -7.20
C ALA C 18 7.92 7.57 -6.54
N LEU C 19 7.35 6.55 -5.90
CA LEU C 19 6.06 6.71 -5.23
C LEU C 19 6.24 7.35 -3.86
N GLY C 20 6.66 6.57 -2.88
CA GLY C 20 6.88 7.09 -1.54
C GLY C 20 8.27 7.65 -1.36
N ILE C 21 8.82 8.22 -2.42
CA ILE C 21 10.17 8.77 -2.38
C ILE C 21 10.22 10.07 -1.58
N ASP C 22 9.12 10.82 -1.60
CA ASP C 22 9.05 12.08 -0.88
C ASP C 22 8.75 11.87 0.60
N GLU C 23 8.19 10.71 0.93
CA GLU C 23 7.85 10.41 2.31
C GLU C 23 8.96 9.67 3.03
N TYR C 24 9.98 9.29 2.28
CA TYR C 24 11.11 8.57 2.86
C TYR C 24 11.83 9.44 3.87
N GLY C 25 11.61 9.15 5.15
CA GLY C 25 12.24 9.93 6.20
C GLY C 25 11.39 11.11 6.63
N GLY C 26 10.16 11.17 6.13
CA GLY C 26 9.26 12.26 6.47
C GLY C 26 9.16 13.28 5.36
N ALA A 1 11.32 -10.77 0.59
CA ALA A 1 10.26 -10.34 1.53
C ALA A 1 8.90 -10.31 0.86
N MET A 2 8.16 -11.40 1.01
CA MET A 2 6.84 -11.52 0.42
C MET A 2 5.80 -11.81 1.50
N PHE A 3 5.20 -10.75 2.03
CA PHE A 3 4.20 -10.90 3.08
C PHE A 3 2.80 -10.89 2.49
N GLN A 4 2.05 -11.95 2.72
CA GLN A 4 0.70 -12.04 2.21
C GLN A 4 -0.29 -11.42 3.19
N ILE A 5 -1.00 -10.41 2.74
CA ILE A 5 -1.96 -9.71 3.58
C ILE A 5 -3.39 -10.00 3.13
N GLY A 6 -3.52 -10.80 2.08
CA GLY A 6 -4.82 -11.14 1.57
C GLY A 6 -4.74 -11.86 0.25
N LYS A 7 -5.90 -12.18 -0.31
CA LYS A 7 -5.97 -12.89 -1.58
C LYS A 7 -5.44 -12.01 -2.71
N MET A 8 -4.32 -12.45 -3.29
CA MET A 8 -3.66 -11.75 -4.41
C MET A 8 -3.04 -10.42 -3.96
N ARG A 9 -2.83 -10.27 -2.65
CA ARG A 9 -2.23 -9.06 -2.11
C ARG A 9 -0.97 -9.40 -1.35
N TYR A 10 0.18 -8.98 -1.88
CA TYR A 10 1.46 -9.26 -1.26
C TYR A 10 2.25 -7.99 -1.00
N VAL A 11 2.97 -8.00 0.11
CA VAL A 11 3.80 -6.88 0.51
C VAL A 11 5.26 -7.22 0.23
N SER A 12 5.83 -6.60 -0.79
CA SER A 12 7.20 -6.87 -1.18
C SER A 12 8.15 -5.76 -0.71
N VAL A 13 8.73 -5.95 0.46
CA VAL A 13 9.66 -4.98 1.01
C VAL A 13 11.06 -5.22 0.44
N ARG A 14 11.43 -4.42 -0.55
CA ARG A 14 12.74 -4.55 -1.18
C ARG A 14 13.19 -3.21 -1.75
N ASP A 15 14.49 -3.05 -1.93
CA ASP A 15 15.05 -1.82 -2.47
C ASP A 15 15.01 -1.85 -4.00
N PHE A 16 14.61 -0.73 -4.58
CA PHE A 16 14.55 -0.61 -6.02
C PHE A 16 15.13 0.72 -6.47
N LYS A 17 16.38 0.68 -6.91
CA LYS A 17 17.10 1.86 -7.39
C LYS A 17 17.18 2.93 -6.30
N GLY A 18 17.46 2.50 -5.08
CA GLY A 18 17.58 3.43 -3.98
C GLY A 18 16.22 3.75 -3.39
N LYS A 19 15.47 2.71 -3.06
CA LYS A 19 14.14 2.87 -2.50
C LYS A 19 13.94 1.87 -1.36
N VAL A 20 14.28 2.28 -0.15
CA VAL A 20 14.14 1.44 1.01
C VAL A 20 12.83 1.74 1.71
N LEU A 21 11.79 1.01 1.33
CA LEU A 21 10.46 1.22 1.90
C LEU A 21 9.60 -0.04 1.75
N ILE A 22 8.42 -0.01 2.35
CA ILE A 22 7.50 -1.13 2.27
C ILE A 22 6.62 -0.97 1.04
N ASP A 23 7.09 -1.51 -0.08
CA ASP A 23 6.37 -1.41 -1.33
C ASP A 23 5.31 -2.50 -1.47
N ILE A 24 4.06 -2.08 -1.57
CA ILE A 24 2.96 -3.02 -1.72
C ILE A 24 2.48 -3.00 -3.16
N ARG A 25 2.20 -4.18 -3.70
CA ARG A 25 1.74 -4.30 -5.06
C ARG A 25 0.73 -5.45 -5.16
N GLU A 26 -0.25 -5.30 -6.05
CA GLU A 26 -1.24 -6.35 -6.23
C GLU A 26 -0.65 -7.47 -7.08
N TYR A 27 -0.09 -8.47 -6.42
CA TYR A 27 0.55 -9.60 -7.09
C TYR A 27 -0.48 -10.59 -7.63
N TRP A 28 -0.52 -10.72 -8.94
CA TRP A 28 -1.43 -11.65 -9.59
C TRP A 28 -0.68 -12.93 -9.93
N MET A 29 -1.19 -13.67 -10.91
CA MET A 29 -0.54 -14.90 -11.33
C MET A 29 -0.41 -14.92 -12.85
N ASP A 30 0.78 -15.25 -13.32
CA ASP A 30 1.04 -15.31 -14.75
C ASP A 30 0.85 -16.74 -15.28
N PRO A 31 0.81 -16.91 -16.62
CA PRO A 31 0.63 -18.23 -17.25
C PRO A 31 1.77 -19.21 -16.95
N GLU A 32 2.88 -18.70 -16.44
CA GLU A 32 4.02 -19.54 -16.12
C GLU A 32 3.84 -20.16 -14.74
N GLY A 33 3.33 -19.37 -13.81
CA GLY A 33 3.09 -19.86 -12.47
C GLY A 33 3.80 -19.02 -11.43
N GLU A 34 4.16 -17.80 -11.80
CA GLU A 34 4.83 -16.89 -10.87
C GLU A 34 3.86 -15.80 -10.43
N MET A 35 4.23 -15.07 -9.39
CA MET A 35 3.38 -14.01 -8.88
C MET A 35 3.67 -12.70 -9.61
N LYS A 36 3.05 -12.52 -10.76
CA LYS A 36 3.23 -11.32 -11.56
C LYS A 36 2.20 -10.27 -11.15
N PRO A 37 2.64 -9.22 -10.47
CA PRO A 37 1.74 -8.15 -10.01
C PRO A 37 1.28 -7.25 -11.15
N GLY A 38 0.10 -6.67 -10.97
CA GLY A 38 -0.42 -5.77 -11.97
C GLY A 38 -0.08 -4.34 -11.65
N ARG A 39 -0.49 -3.41 -12.49
CA ARG A 39 -0.20 -1.99 -12.25
C ARG A 39 -1.16 -1.43 -11.21
N LYS A 40 -0.95 -1.84 -9.97
CA LYS A 40 -1.77 -1.39 -8.85
C LYS A 40 -1.04 -1.67 -7.54
N GLY A 41 -1.02 -0.69 -6.66
CA GLY A 41 -0.34 -0.85 -5.38
C GLY A 41 0.09 0.48 -4.81
N ILE A 42 0.90 0.45 -3.77
CA ILE A 42 1.39 1.66 -3.13
C ILE A 42 2.50 1.33 -2.13
N SER A 43 3.53 2.16 -2.10
CA SER A 43 4.64 1.95 -1.20
C SER A 43 4.45 2.78 0.07
N LEU A 44 4.90 2.24 1.20
CA LEU A 44 4.79 2.92 2.47
C LEU A 44 6.18 3.09 3.10
N ASN A 45 6.60 4.32 3.28
CA ASN A 45 7.90 4.60 3.88
C ASN A 45 7.83 4.42 5.40
N PRO A 46 8.98 4.32 6.07
CA PRO A 46 9.06 4.15 7.54
C PRO A 46 8.10 5.05 8.32
N GLU A 47 8.03 6.32 7.96
CA GLU A 47 7.15 7.26 8.64
C GLU A 47 5.68 6.88 8.46
N GLN A 48 5.32 6.50 7.25
CA GLN A 48 3.95 6.08 6.95
C GLN A 48 3.60 4.83 7.74
N TRP A 49 4.53 3.89 7.77
CA TRP A 49 4.35 2.63 8.49
C TRP A 49 4.10 2.89 9.97
N SER A 50 4.85 3.82 10.53
CA SER A 50 4.71 4.16 11.94
C SER A 50 3.35 4.81 12.22
N GLN A 51 2.95 5.73 11.36
CA GLN A 51 1.68 6.42 11.53
C GLN A 51 0.51 5.48 11.32
N LEU A 52 0.63 4.58 10.35
CA LEU A 52 -0.42 3.61 10.05
C LEU A 52 -0.73 2.74 11.27
N LYS A 53 0.32 2.28 11.94
CA LYS A 53 0.16 1.44 13.12
C LYS A 53 -0.52 2.20 14.26
N GLU A 54 -0.27 3.50 14.32
CA GLU A 54 -0.87 4.35 15.35
C GLU A 54 -2.33 4.62 15.04
N GLN A 55 -2.65 4.72 13.77
CA GLN A 55 -4.00 5.01 13.33
C GLN A 55 -4.92 3.79 13.41
N ILE A 56 -4.35 2.62 13.68
CA ILE A 56 -5.14 1.40 13.77
C ILE A 56 -6.29 1.54 14.78
N SER A 57 -5.98 2.12 15.94
CA SER A 57 -6.95 2.32 17.00
C SER A 57 -8.10 3.23 16.56
N ASP A 58 -7.88 3.99 15.50
CA ASP A 58 -8.90 4.90 14.98
C ASP A 58 -9.57 4.30 13.76
N ILE A 59 -8.75 3.82 12.82
CA ILE A 59 -9.25 3.21 11.58
C ILE A 59 -10.16 2.04 11.88
N ASP A 60 -9.68 1.12 12.71
CA ASP A 60 -10.43 -0.08 13.07
C ASP A 60 -11.74 0.28 13.76
N ASP A 61 -11.74 1.35 14.55
CA ASP A 61 -12.95 1.78 15.25
C ASP A 61 -13.99 2.25 14.25
N ALA A 62 -13.55 2.93 13.20
CA ALA A 62 -14.44 3.42 12.15
C ALA A 62 -15.03 2.24 11.39
N VAL A 63 -14.21 1.23 11.15
CA VAL A 63 -14.65 0.03 10.44
C VAL A 63 -15.74 -0.68 11.22
N ARG A 64 -15.58 -0.71 12.54
CA ARG A 64 -16.56 -1.35 13.42
C ARG A 64 -17.83 -0.52 13.53
N LYS A 65 -17.68 0.80 13.40
CA LYS A 65 -18.81 1.72 13.47
C LYS A 65 -19.69 1.59 12.23
N LEU A 66 -19.07 1.35 11.09
CA LEU A 66 -19.79 1.21 9.84
C LEU A 66 -20.20 -0.24 9.62
N ALA B 1 -13.57 10.41 9.32
CA ALA B 1 -13.35 9.06 8.80
C ALA B 1 -12.12 9.02 7.90
N MET B 2 -11.47 10.18 7.76
CA MET B 2 -10.26 10.28 6.95
C MET B 2 -9.06 10.36 7.88
N PHE B 3 -8.37 9.24 8.01
CA PHE B 3 -7.21 9.15 8.89
C PHE B 3 -5.91 9.42 8.13
N GLN B 4 -5.24 10.51 8.48
CA GLN B 4 -3.99 10.88 7.85
C GLN B 4 -2.85 9.99 8.35
N ILE B 5 -2.20 9.31 7.43
CA ILE B 5 -1.09 8.42 7.79
C ILE B 5 0.21 8.91 7.17
N GLY B 6 0.18 10.14 6.67
CA GLY B 6 1.35 10.72 6.06
C GLY B 6 1.02 11.98 5.31
N LYS B 7 2.04 12.58 4.69
CA LYS B 7 1.86 13.80 3.93
C LYS B 7 1.05 13.52 2.67
N MET B 8 -0.17 14.06 2.64
CA MET B 8 -1.09 13.89 1.52
C MET B 8 -1.65 12.47 1.47
N ARG B 9 -1.39 11.69 2.51
CA ARG B 9 -1.88 10.32 2.59
C ARG B 9 -3.02 10.22 3.58
N TYR B 10 -4.19 9.81 3.09
CA TYR B 10 -5.36 9.73 3.94
C TYR B 10 -6.09 8.40 3.76
N VAL B 11 -6.27 7.67 4.85
CA VAL B 11 -6.99 6.42 4.82
C VAL B 11 -8.48 6.69 4.71
N SER B 12 -9.02 6.47 3.53
CA SER B 12 -10.43 6.73 3.28
C SER B 12 -11.30 5.54 3.71
N VAL B 13 -11.70 5.55 4.98
CA VAL B 13 -12.55 4.51 5.51
C VAL B 13 -14.00 4.95 5.41
N ARG B 14 -14.80 4.17 4.68
CA ARG B 14 -16.21 4.49 4.50
C ARG B 14 -16.96 3.27 3.98
N ASP B 15 -18.29 3.40 3.90
CA ASP B 15 -19.12 2.32 3.42
C ASP B 15 -19.39 2.50 1.93
N PHE B 16 -18.95 1.54 1.13
CA PHE B 16 -19.15 1.60 -0.30
C PHE B 16 -20.19 0.58 -0.74
N LYS B 17 -21.44 1.03 -0.80
CA LYS B 17 -22.57 0.18 -1.21
C LYS B 17 -22.75 -1.02 -0.30
N GLY B 18 -22.45 -0.84 0.99
CA GLY B 18 -22.61 -1.92 1.94
C GLY B 18 -21.29 -2.58 2.32
N LYS B 19 -20.20 -2.12 1.72
CA LYS B 19 -18.89 -2.68 2.00
C LYS B 19 -17.95 -1.63 2.57
N VAL B 20 -17.53 -1.83 3.81
CA VAL B 20 -16.60 -0.91 4.46
C VAL B 20 -15.20 -1.14 3.90
N LEU B 21 -14.74 -0.21 3.08
CA LEU B 21 -13.43 -0.35 2.47
C LEU B 21 -12.41 0.62 3.06
N ILE B 22 -11.29 0.07 3.46
CA ILE B 22 -10.19 0.84 4.01
C ILE B 22 -9.25 1.18 2.87
N ASP B 23 -9.42 2.36 2.31
CA ASP B 23 -8.62 2.79 1.17
C ASP B 23 -7.36 3.53 1.58
N ILE B 24 -6.22 2.95 1.24
CA ILE B 24 -4.94 3.56 1.53
C ILE B 24 -4.44 4.22 0.25
N ARG B 25 -4.64 5.52 0.14
CA ARG B 25 -4.26 6.26 -1.04
C ARG B 25 -3.82 7.68 -0.71
N GLU B 26 -3.20 8.34 -1.66
CA GLU B 26 -2.77 9.72 -1.49
C GLU B 26 -3.70 10.63 -2.27
N TYR B 27 -3.76 11.88 -1.88
CA TYR B 27 -4.64 12.84 -2.56
C TYR B 27 -3.82 14.00 -3.10
N TRP B 28 -3.89 14.18 -4.42
CA TRP B 28 -3.16 15.25 -5.09
C TRP B 28 -4.10 16.39 -5.45
N MET B 29 -3.66 17.62 -5.26
CA MET B 29 -4.47 18.78 -5.58
C MET B 29 -4.23 19.23 -7.01
N ASP B 30 -5.31 19.47 -7.74
CA ASP B 30 -5.21 19.93 -9.12
C ASP B 30 -5.23 21.46 -9.17
N PRO B 31 -5.02 22.07 -10.36
CA PRO B 31 -5.04 23.54 -10.51
C PRO B 31 -6.38 24.14 -10.12
N GLU B 32 -7.45 23.36 -10.22
CA GLU B 32 -8.78 23.81 -9.87
C GLU B 32 -8.91 23.97 -8.36
N GLY B 33 -8.10 23.19 -7.63
CA GLY B 33 -8.11 23.26 -6.19
C GLY B 33 -8.81 22.09 -5.56
N GLU B 34 -9.00 21.03 -6.33
CA GLU B 34 -9.66 19.83 -5.83
C GLU B 34 -8.64 18.78 -5.42
N MET B 35 -9.04 17.90 -4.52
CA MET B 35 -8.17 16.83 -4.04
C MET B 35 -8.54 15.52 -4.72
N LYS B 36 -7.79 15.15 -5.73
CA LYS B 36 -8.05 13.93 -6.49
C LYS B 36 -7.18 12.79 -6.00
N PRO B 37 -7.74 11.58 -5.91
CA PRO B 37 -7.01 10.39 -5.48
C PRO B 37 -5.82 10.10 -6.39
N GLY B 38 -4.73 9.65 -5.81
CA GLY B 38 -3.54 9.34 -6.57
C GLY B 38 -3.75 8.21 -7.56
N ARG B 39 -2.79 8.04 -8.45
CA ARG B 39 -2.86 6.99 -9.47
C ARG B 39 -2.48 5.63 -8.89
N LYS B 40 -2.08 5.63 -7.63
CA LYS B 40 -1.71 4.41 -6.95
C LYS B 40 -2.65 4.19 -5.78
N GLY B 41 -2.24 3.36 -4.82
CA GLY B 41 -3.08 3.11 -3.67
C GLY B 41 -3.67 1.71 -3.68
N ILE B 42 -4.24 1.31 -2.56
CA ILE B 42 -4.83 -0.01 -2.45
C ILE B 42 -6.08 0.02 -1.56
N SER B 43 -7.10 -0.72 -1.97
CA SER B 43 -8.35 -0.79 -1.23
C SER B 43 -8.42 -2.09 -0.44
N LEU B 44 -8.32 -2.00 0.87
CA LEU B 44 -8.36 -3.18 1.71
C LEU B 44 -9.71 -3.32 2.40
N ASN B 45 -10.23 -4.53 2.40
CA ASN B 45 -11.50 -4.82 3.05
C ASN B 45 -11.22 -5.31 4.47
N PRO B 46 -12.23 -5.36 5.36
CA PRO B 46 -12.05 -5.82 6.74
C PRO B 46 -11.32 -7.16 6.83
N GLU B 47 -11.54 -8.00 5.82
CA GLU B 47 -10.91 -9.31 5.75
C GLU B 47 -9.39 -9.18 5.63
N GLN B 48 -8.93 -8.41 4.66
CA GLN B 48 -7.49 -8.21 4.46
C GLN B 48 -6.93 -7.29 5.53
N TRP B 49 -7.77 -6.36 5.99
CA TRP B 49 -7.39 -5.41 7.02
C TRP B 49 -6.98 -6.17 8.29
N SER B 50 -7.73 -7.21 8.62
CA SER B 50 -7.43 -8.02 9.79
C SER B 50 -6.06 -8.69 9.61
N GLN B 51 -5.88 -9.31 8.45
CA GLN B 51 -4.63 -10.00 8.13
C GLN B 51 -3.45 -9.05 8.20
N LEU B 52 -3.64 -7.83 7.69
CA LEU B 52 -2.60 -6.82 7.72
C LEU B 52 -2.15 -6.56 9.16
N LYS B 53 -3.12 -6.43 10.05
CA LYS B 53 -2.83 -6.18 11.47
C LYS B 53 -2.07 -7.35 12.07
N GLU B 54 -2.48 -8.56 11.70
CA GLU B 54 -1.85 -9.78 12.20
C GLU B 54 -0.43 -9.94 11.65
N GLN B 55 -0.24 -9.53 10.40
CA GLN B 55 1.06 -9.63 9.75
C GLN B 55 2.03 -8.57 10.27
N ILE B 56 1.50 -7.56 10.96
CA ILE B 56 2.33 -6.49 11.52
C ILE B 56 3.38 -7.07 12.47
N SER B 57 3.00 -8.08 13.23
CA SER B 57 3.89 -8.73 14.18
C SER B 57 5.06 -9.44 13.47
N ASP B 58 5.01 -9.48 12.14
CA ASP B 58 6.04 -10.13 11.34
C ASP B 58 6.74 -9.09 10.46
N ILE B 59 5.94 -8.29 9.78
CA ILE B 59 6.45 -7.26 8.87
C ILE B 59 7.25 -6.20 9.61
N ASP B 60 6.68 -5.66 10.69
CA ASP B 60 7.33 -4.62 11.49
C ASP B 60 8.68 -5.09 12.01
N ASP B 61 8.74 -6.35 12.43
CA ASP B 61 9.97 -6.93 12.96
C ASP B 61 11.04 -7.00 11.87
N ALA B 62 10.60 -7.29 10.65
CA ALA B 62 11.51 -7.39 9.50
C ALA B 62 11.99 -6.02 9.05
N VAL B 63 11.22 -4.98 9.34
CA VAL B 63 11.58 -3.61 8.95
C VAL B 63 12.93 -3.23 9.56
N ARG B 64 13.17 -3.67 10.79
CA ARG B 64 14.43 -3.37 11.48
C ARG B 64 15.38 -4.55 11.40
N LYS B 65 15.10 -5.48 10.50
CA LYS B 65 15.93 -6.66 10.32
C LYS B 65 16.22 -6.89 8.85
N LEU B 66 16.30 -5.79 8.10
CA LEU B 66 16.57 -5.86 6.67
C LEU B 66 17.96 -6.42 6.43
N TYR C 1 8.79 -17.27 -26.53
CA TYR C 1 8.84 -17.60 -25.08
C TYR C 1 9.74 -16.62 -24.34
N GLY C 2 10.77 -16.14 -25.02
CA GLY C 2 11.71 -15.21 -24.40
C GLY C 2 11.23 -13.77 -24.34
N ALA C 3 9.93 -13.59 -24.17
CA ALA C 3 9.35 -12.24 -24.08
C ALA C 3 9.44 -11.74 -22.64
N LEU C 4 9.44 -12.68 -21.70
CA LEU C 4 9.52 -12.35 -20.29
C LEU C 4 10.96 -12.19 -19.87
N ASP C 5 11.58 -11.10 -20.29
CA ASP C 5 12.97 -10.83 -19.95
C ASP C 5 13.17 -9.35 -19.62
N MET C 6 13.96 -8.64 -20.44
CA MET C 6 14.24 -7.22 -20.22
C MET C 6 12.95 -6.39 -20.21
N ALA C 7 11.96 -6.83 -20.98
CA ALA C 7 10.68 -6.13 -21.06
C ALA C 7 10.02 -6.06 -19.69
N ASP C 8 9.96 -7.21 -19.00
CA ASP C 8 9.36 -7.28 -17.68
C ASP C 8 10.31 -6.75 -16.63
N PHE C 9 11.60 -6.92 -16.89
CA PHE C 9 12.67 -6.47 -16.00
C PHE C 9 12.48 -5.01 -15.60
N GLU C 10 12.47 -4.13 -16.59
CA GLU C 10 12.30 -2.71 -16.32
C GLU C 10 10.85 -2.40 -15.97
N PHE C 11 9.94 -3.22 -16.46
CA PHE C 11 8.50 -3.02 -16.21
C PHE C 11 8.21 -3.01 -14.72
N GLU C 12 8.76 -3.99 -14.00
CA GLU C 12 8.54 -4.08 -12.57
C GLU C 12 9.41 -3.10 -11.81
N GLN C 13 10.62 -2.85 -12.33
CA GLN C 13 11.55 -1.92 -11.71
C GLN C 13 10.99 -0.50 -11.73
N MET C 14 10.66 -0.03 -12.92
CA MET C 14 10.15 1.33 -13.13
C MET C 14 8.85 1.56 -12.35
N PHE C 15 8.06 0.50 -12.18
CA PHE C 15 6.80 0.65 -11.45
C PHE C 15 7.06 1.04 -10.00
N THR C 16 8.13 0.51 -9.43
CA THR C 16 8.50 0.84 -8.05
C THR C 16 8.95 2.29 -7.98
N ASP C 17 9.54 2.77 -9.07
CA ASP C 17 10.01 4.14 -9.16
C ASP C 17 8.82 5.09 -9.14
N ALA C 18 7.70 4.64 -9.68
CA ALA C 18 6.49 5.43 -9.73
C ALA C 18 5.68 5.28 -8.44
N LEU C 19 5.69 4.08 -7.88
CA LEU C 19 4.95 3.79 -6.64
C LEU C 19 5.55 4.57 -5.48
N GLY C 20 6.87 4.53 -5.35
CA GLY C 20 7.52 5.23 -4.25
C GLY C 20 8.33 6.43 -4.71
N ILE C 21 7.82 7.15 -5.70
CA ILE C 21 8.52 8.34 -6.20
C ILE C 21 8.36 9.51 -5.24
N ASP C 22 7.16 9.64 -4.68
CA ASP C 22 6.87 10.72 -3.74
C ASP C 22 6.85 10.17 -2.33
N GLU C 23 7.19 8.89 -2.19
CA GLU C 23 7.20 8.24 -0.89
C GLU C 23 8.36 8.74 -0.04
N TYR C 24 9.39 9.26 -0.70
CA TYR C 24 10.55 9.80 -0.01
C TYR C 24 10.23 11.19 0.54
N GLY C 25 9.22 11.23 1.37
CA GLY C 25 8.77 12.46 1.96
C GLY C 25 7.27 12.42 2.22
N GLY C 26 6.80 11.23 2.59
CA GLY C 26 5.39 11.04 2.86
C GLY C 26 5.16 10.68 4.31
N ALA A 1 11.97 -9.12 0.53
CA ALA A 1 11.04 -9.84 1.43
C ALA A 1 9.61 -9.64 0.96
N MET A 2 8.96 -10.74 0.58
CA MET A 2 7.60 -10.67 0.09
C MET A 2 6.64 -11.34 1.06
N PHE A 3 5.91 -10.53 1.81
CA PHE A 3 4.93 -11.04 2.77
C PHE A 3 3.58 -11.19 2.09
N GLN A 4 2.61 -11.75 2.78
CA GLN A 4 1.28 -11.93 2.21
C GLN A 4 0.22 -11.35 3.14
N ILE A 5 -0.62 -10.48 2.61
CA ILE A 5 -1.68 -9.86 3.39
C ILE A 5 -3.06 -10.23 2.84
N GLY A 6 -3.09 -11.27 2.02
CA GLY A 6 -4.35 -11.71 1.45
C GLY A 6 -4.18 -12.42 0.13
N LYS A 7 -5.29 -12.92 -0.39
CA LYS A 7 -5.29 -13.64 -1.67
C LYS A 7 -4.81 -12.74 -2.79
N MET A 8 -3.65 -13.09 -3.36
CA MET A 8 -3.04 -12.36 -4.48
C MET A 8 -2.52 -10.99 -4.03
N ARG A 9 -2.35 -10.81 -2.72
CA ARG A 9 -1.84 -9.56 -2.20
C ARG A 9 -0.56 -9.80 -1.42
N TYR A 10 0.55 -9.39 -2.02
CA TYR A 10 1.86 -9.58 -1.42
C TYR A 10 2.51 -8.25 -1.07
N VAL A 11 3.35 -8.27 -0.06
CA VAL A 11 4.04 -7.08 0.40
C VAL A 11 5.48 -7.09 -0.11
N SER A 12 5.79 -6.17 -1.02
CA SER A 12 7.13 -6.08 -1.59
C SER A 12 8.05 -5.24 -0.71
N VAL A 13 8.69 -5.88 0.25
CA VAL A 13 9.64 -5.20 1.13
C VAL A 13 11.01 -5.21 0.48
N ARG A 14 11.44 -4.05 -0.01
CA ARG A 14 12.73 -3.96 -0.69
C ARG A 14 13.34 -2.58 -0.58
N ASP A 15 14.51 -2.43 -1.19
CA ASP A 15 15.22 -1.17 -1.22
C ASP A 15 15.41 -0.75 -2.67
N PHE A 16 14.93 0.43 -3.02
CA PHE A 16 15.08 0.92 -4.38
C PHE A 16 15.95 2.17 -4.40
N LYS A 17 17.27 1.95 -4.48
CA LYS A 17 18.25 3.02 -4.52
C LYS A 17 18.12 3.95 -3.31
N GLY A 18 17.92 3.36 -2.15
CA GLY A 18 17.79 4.16 -0.94
C GLY A 18 16.39 4.11 -0.36
N LYS A 19 15.42 3.83 -1.22
CA LYS A 19 14.04 3.75 -0.79
C LYS A 19 13.72 2.38 -0.22
N VAL A 20 14.07 2.18 1.04
CA VAL A 20 13.82 0.92 1.72
C VAL A 20 12.45 0.97 2.38
N LEU A 21 11.47 0.32 1.77
CA LEU A 21 10.12 0.34 2.29
C LEU A 21 9.31 -0.85 1.80
N ILE A 22 8.10 -0.98 2.31
CA ILE A 22 7.23 -2.09 1.92
C ILE A 22 6.33 -1.65 0.77
N ASP A 23 5.58 -2.58 0.20
CA ASP A 23 4.71 -2.28 -0.92
C ASP A 23 3.51 -3.21 -0.95
N ILE A 24 2.39 -2.69 -1.43
CA ILE A 24 1.16 -3.47 -1.53
C ILE A 24 0.71 -3.47 -2.99
N ARG A 25 0.87 -4.60 -3.65
CA ARG A 25 0.46 -4.72 -5.05
C ARG A 25 -0.41 -5.94 -5.28
N GLU A 26 -1.27 -5.86 -6.28
CA GLU A 26 -2.14 -6.96 -6.65
C GLU A 26 -1.36 -7.92 -7.55
N TYR A 27 -0.82 -8.97 -6.94
CA TYR A 27 0.00 -9.95 -7.63
C TYR A 27 -0.83 -10.98 -8.39
N TRP A 28 -0.33 -11.36 -9.55
CA TRP A 28 -0.95 -12.37 -10.39
C TRP A 28 0.09 -13.42 -10.75
N MET A 29 -0.31 -14.45 -11.47
CA MET A 29 0.62 -15.49 -11.88
C MET A 29 0.98 -15.32 -13.35
N ASP A 30 2.27 -15.28 -13.64
CA ASP A 30 2.73 -15.13 -15.02
C ASP A 30 2.80 -16.50 -15.71
N PRO A 31 2.94 -16.51 -17.05
CA PRO A 31 3.01 -17.76 -17.83
C PRO A 31 4.20 -18.65 -17.45
N GLU A 32 5.20 -18.07 -16.81
CA GLU A 32 6.38 -18.80 -16.40
C GLU A 32 6.08 -19.62 -15.15
N GLY A 33 5.45 -18.98 -14.18
CA GLY A 33 5.11 -19.65 -12.95
C GLY A 33 5.46 -18.84 -11.73
N GLU A 34 5.71 -17.56 -11.93
CA GLU A 34 6.06 -16.68 -10.83
C GLU A 34 4.90 -15.74 -10.51
N MET A 35 5.09 -14.89 -9.51
CA MET A 35 4.05 -13.96 -9.10
C MET A 35 4.41 -12.54 -9.53
N LYS A 36 3.67 -12.03 -10.50
CA LYS A 36 3.88 -10.69 -11.02
C LYS A 36 2.58 -9.90 -10.94
N PRO A 37 2.64 -8.70 -10.35
CA PRO A 37 1.47 -7.84 -10.18
C PRO A 37 1.14 -7.02 -11.43
N GLY A 38 0.05 -6.27 -11.35
CA GLY A 38 -0.35 -5.43 -12.47
C GLY A 38 0.04 -3.98 -12.25
N ARG A 39 -0.46 -3.10 -13.09
CA ARG A 39 -0.15 -1.67 -13.00
C ARG A 39 -0.99 -1.00 -11.91
N LYS A 40 -0.91 -1.52 -10.69
CA LYS A 40 -1.64 -0.97 -9.56
C LYS A 40 -1.02 -1.44 -8.25
N GLY A 41 -0.82 -0.49 -7.33
CA GLY A 41 -0.23 -0.81 -6.05
C GLY A 41 0.08 0.43 -5.25
N ILE A 42 0.79 0.27 -4.15
CA ILE A 42 1.16 1.39 -3.29
C ILE A 42 2.24 0.98 -2.30
N SER A 43 3.32 1.74 -2.26
CA SER A 43 4.40 1.47 -1.33
C SER A 43 4.36 2.50 -0.20
N LEU A 44 4.71 2.07 1.00
CA LEU A 44 4.72 2.97 2.14
C LEU A 44 6.02 2.86 2.90
N ASN A 45 6.63 4.01 3.16
CA ASN A 45 7.90 4.09 3.87
C ASN A 45 7.72 3.84 5.38
N PRO A 46 8.82 3.55 6.10
CA PRO A 46 8.81 3.28 7.55
C PRO A 46 8.01 4.31 8.37
N GLU A 47 8.10 5.58 8.00
CA GLU A 47 7.39 6.64 8.72
C GLU A 47 5.89 6.45 8.56
N GLN A 48 5.46 6.13 7.34
CA GLN A 48 4.05 5.89 7.06
C GLN A 48 3.56 4.67 7.82
N TRP A 49 4.36 3.61 7.76
CA TRP A 49 4.07 2.37 8.44
C TRP A 49 3.86 2.60 9.94
N SER A 50 4.72 3.43 10.52
CA SER A 50 4.63 3.74 11.95
C SER A 50 3.35 4.51 12.25
N GLN A 51 3.06 5.52 11.42
CA GLN A 51 1.86 6.32 11.59
C GLN A 51 0.60 5.48 11.46
N LEU A 52 0.61 4.59 10.48
CA LEU A 52 -0.51 3.69 10.22
C LEU A 52 -0.84 2.84 11.44
N LYS A 53 0.20 2.27 12.06
CA LYS A 53 0.03 1.43 13.24
C LYS A 53 -0.65 2.19 14.38
N GLU A 54 -0.24 3.43 14.58
CA GLU A 54 -0.79 4.26 15.63
C GLU A 54 -2.20 4.75 15.30
N GLN A 55 -2.57 4.67 14.02
CA GLN A 55 -3.89 5.11 13.60
C GLN A 55 -4.88 3.95 13.59
N ILE A 56 -4.36 2.73 13.75
CA ILE A 56 -5.20 1.53 13.75
C ILE A 56 -6.30 1.61 14.81
N SER A 57 -5.96 2.19 15.97
CA SER A 57 -6.91 2.32 17.07
C SER A 57 -8.13 3.16 16.65
N ASP A 58 -7.95 3.99 15.64
CA ASP A 58 -9.02 4.85 15.14
C ASP A 58 -9.66 4.21 13.91
N ILE A 59 -8.83 3.70 13.01
CA ILE A 59 -9.30 3.05 11.80
C ILE A 59 -10.18 1.85 12.11
N ASP A 60 -9.66 0.95 12.94
CA ASP A 60 -10.39 -0.26 13.33
C ASP A 60 -11.68 0.11 14.06
N ASP A 61 -11.62 1.21 14.81
CA ASP A 61 -12.77 1.69 15.56
C ASP A 61 -13.87 2.15 14.61
N ALA A 62 -13.46 2.73 13.48
CA ALA A 62 -14.39 3.22 12.47
C ALA A 62 -15.00 2.07 11.70
N VAL A 63 -14.20 1.05 11.43
CA VAL A 63 -14.65 -0.13 10.70
C VAL A 63 -15.77 -0.84 11.46
N ARG A 64 -15.68 -0.82 12.78
CA ARG A 64 -16.68 -1.46 13.63
C ARG A 64 -17.94 -0.61 13.75
N LYS A 65 -17.85 0.65 13.33
CA LYS A 65 -18.99 1.56 13.40
C LYS A 65 -19.74 1.60 12.07
N LEU A 66 -19.02 1.41 10.97
CA LEU A 66 -19.63 1.43 9.65
C LEU A 66 -20.07 0.02 9.26
N ALA B 1 -13.40 9.66 9.59
CA ALA B 1 -13.09 8.48 8.80
C ALA B 1 -11.92 8.73 7.88
N MET B 2 -11.45 9.97 7.86
CA MET B 2 -10.31 10.35 7.03
C MET B 2 -9.10 10.59 7.90
N PHE B 3 -8.32 9.54 8.13
CA PHE B 3 -7.13 9.63 8.97
C PHE B 3 -5.88 9.79 8.11
N GLN B 4 -5.03 10.73 8.48
CA GLN B 4 -3.80 10.97 7.73
C GLN B 4 -2.65 10.17 8.32
N ILE B 5 -1.91 9.49 7.45
CA ILE B 5 -0.76 8.70 7.88
C ILE B 5 0.49 9.12 7.10
N GLY B 6 0.41 10.29 6.50
CA GLY B 6 1.53 10.82 5.74
C GLY B 6 1.10 12.01 4.91
N LYS B 7 2.06 12.76 4.41
CA LYS B 7 1.77 13.93 3.59
C LYS B 7 1.07 13.51 2.31
N MET B 8 -0.18 13.96 2.15
CA MET B 8 -1.00 13.64 0.98
C MET B 8 -1.40 12.16 0.98
N ARG B 9 -1.26 11.51 2.13
CA ARG B 9 -1.61 10.11 2.27
C ARG B 9 -2.69 9.97 3.33
N TYR B 10 -3.89 9.62 2.90
CA TYR B 10 -5.01 9.49 3.81
C TYR B 10 -5.63 8.10 3.75
N VAL B 11 -6.04 7.62 4.92
CA VAL B 11 -6.70 6.34 5.04
C VAL B 11 -8.20 6.59 5.01
N SER B 12 -8.78 6.49 3.83
CA SER B 12 -10.19 6.75 3.65
C SER B 12 -11.03 5.51 3.97
N VAL B 13 -11.53 5.45 5.20
CA VAL B 13 -12.36 4.34 5.62
C VAL B 13 -13.82 4.71 5.31
N ARG B 14 -14.26 4.39 4.12
CA ARG B 14 -15.62 4.71 3.69
C ARG B 14 -16.41 3.45 3.37
N ASP B 15 -17.69 3.62 3.12
CA ASP B 15 -18.57 2.50 2.81
C ASP B 15 -18.91 2.49 1.33
N PHE B 16 -18.72 1.35 0.69
CA PHE B 16 -19.02 1.21 -0.72
C PHE B 16 -20.26 0.34 -0.89
N LYS B 17 -21.42 0.93 -0.67
CA LYS B 17 -22.71 0.24 -0.82
C LYS B 17 -22.81 -0.96 0.12
N GLY B 18 -22.53 -0.74 1.40
CA GLY B 18 -22.61 -1.80 2.38
C GLY B 18 -21.31 -2.55 2.54
N LYS B 19 -20.28 -2.07 1.86
CA LYS B 19 -18.97 -2.67 1.92
C LYS B 19 -17.95 -1.69 2.48
N VAL B 20 -17.65 -1.83 3.77
CA VAL B 20 -16.67 -0.95 4.41
C VAL B 20 -15.28 -1.23 3.84
N LEU B 21 -14.70 -0.23 3.20
CA LEU B 21 -13.39 -0.39 2.60
C LEU B 21 -12.40 0.65 3.11
N ILE B 22 -11.23 0.16 3.49
CA ILE B 22 -10.16 1.01 3.98
C ILE B 22 -9.28 1.39 2.79
N ASP B 23 -9.65 2.46 2.12
CA ASP B 23 -8.92 2.91 0.94
C ASP B 23 -7.74 3.79 1.29
N ILE B 24 -6.57 3.17 1.40
CA ILE B 24 -5.36 3.91 1.69
C ILE B 24 -4.79 4.38 0.36
N ARG B 25 -5.04 5.62 0.03
CA ARG B 25 -4.59 6.16 -1.25
C ARG B 25 -4.03 7.57 -1.11
N GLU B 26 -3.16 7.93 -2.05
CA GLU B 26 -2.56 9.24 -2.07
C GLU B 26 -3.52 10.23 -2.73
N TYR B 27 -3.47 11.48 -2.30
CA TYR B 27 -4.32 12.51 -2.85
C TYR B 27 -3.50 13.74 -3.18
N TRP B 28 -3.52 14.15 -4.44
CA TRP B 28 -2.75 15.31 -4.88
C TRP B 28 -3.65 16.54 -4.97
N MET B 29 -3.10 17.69 -4.62
CA MET B 29 -3.85 18.94 -4.67
C MET B 29 -3.81 19.52 -6.08
N ASP B 30 -4.97 19.68 -6.67
CA ASP B 30 -5.08 20.22 -8.02
C ASP B 30 -5.01 21.75 -8.01
N PRO B 31 -4.75 22.38 -9.19
CA PRO B 31 -4.65 23.84 -9.31
C PRO B 31 -5.91 24.58 -8.84
N GLU B 32 -7.08 23.97 -9.02
CA GLU B 32 -8.32 24.58 -8.60
C GLU B 32 -8.38 24.71 -7.08
N GLY B 33 -8.09 23.61 -6.40
CA GLY B 33 -8.10 23.61 -4.95
C GLY B 33 -8.77 22.40 -4.37
N GLU B 34 -8.78 21.31 -5.13
CA GLU B 34 -9.38 20.07 -4.67
C GLU B 34 -8.32 18.99 -4.53
N MET B 35 -8.66 17.94 -3.79
CA MET B 35 -7.75 16.82 -3.58
C MET B 35 -8.16 15.67 -4.48
N LYS B 36 -7.39 15.45 -5.53
CA LYS B 36 -7.68 14.38 -6.48
C LYS B 36 -6.83 13.15 -6.17
N PRO B 37 -7.44 11.95 -6.20
CA PRO B 37 -6.72 10.70 -5.92
C PRO B 37 -5.54 10.48 -6.87
N GLY B 38 -4.45 10.00 -6.33
CA GLY B 38 -3.26 9.75 -7.13
C GLY B 38 -3.32 8.42 -7.85
N ARG B 39 -2.19 7.72 -7.90
CA ARG B 39 -2.11 6.44 -8.58
C ARG B 39 -1.75 5.33 -7.59
N LYS B 40 -1.05 5.71 -6.53
CA LYS B 40 -0.66 4.77 -5.51
C LYS B 40 -1.75 4.65 -4.45
N GLY B 41 -2.36 3.48 -4.36
CA GLY B 41 -3.41 3.28 -3.38
C GLY B 41 -4.21 2.02 -3.65
N ILE B 42 -4.84 1.50 -2.61
CA ILE B 42 -5.66 0.29 -2.73
C ILE B 42 -6.69 0.25 -1.60
N SER B 43 -7.89 -0.20 -1.93
CA SER B 43 -8.96 -0.31 -0.95
C SER B 43 -8.92 -1.67 -0.27
N LEU B 44 -8.51 -1.68 0.99
CA LEU B 44 -8.42 -2.91 1.76
C LEU B 44 -9.76 -3.24 2.41
N ASN B 45 -10.21 -4.47 2.27
CA ASN B 45 -11.48 -4.89 2.87
C ASN B 45 -11.21 -5.40 4.29
N PRO B 46 -12.26 -5.57 5.11
CA PRO B 46 -12.13 -6.06 6.49
C PRO B 46 -11.22 -7.29 6.60
N GLU B 47 -11.22 -8.12 5.57
CA GLU B 47 -10.39 -9.32 5.55
C GLU B 47 -8.91 -8.95 5.49
N GLN B 48 -8.55 -8.17 4.46
CA GLN B 48 -7.17 -7.74 4.28
C GLN B 48 -6.73 -6.86 5.45
N TRP B 49 -7.67 -6.09 5.98
CA TRP B 49 -7.41 -5.22 7.12
C TRP B 49 -6.98 -6.06 8.32
N SER B 50 -7.67 -7.18 8.53
CA SER B 50 -7.36 -8.08 9.62
C SER B 50 -5.99 -8.71 9.38
N GLN B 51 -5.78 -9.15 8.15
CA GLN B 51 -4.52 -9.78 7.75
C GLN B 51 -3.34 -8.85 8.02
N LEU B 52 -3.47 -7.60 7.60
CA LEU B 52 -2.42 -6.62 7.80
C LEU B 52 -2.10 -6.45 9.28
N LYS B 53 -3.14 -6.38 10.11
CA LYS B 53 -2.97 -6.22 11.55
C LYS B 53 -2.24 -7.43 12.15
N GLU B 54 -2.57 -8.61 11.66
CA GLU B 54 -1.96 -9.84 12.16
C GLU B 54 -0.57 -10.07 11.55
N GLN B 55 -0.20 -9.23 10.59
CA GLN B 55 1.11 -9.35 9.94
C GLN B 55 2.07 -8.27 10.43
N ILE B 56 1.54 -7.34 11.23
CA ILE B 56 2.33 -6.24 11.77
C ILE B 56 3.61 -6.73 12.45
N SER B 57 3.48 -7.73 13.30
CA SER B 57 4.60 -8.28 14.04
C SER B 57 5.74 -8.73 13.12
N ASP B 58 5.37 -9.36 12.00
CA ASP B 58 6.36 -9.84 11.05
C ASP B 58 6.95 -8.71 10.22
N ILE B 59 6.09 -7.85 9.69
CA ILE B 59 6.53 -6.72 8.88
C ILE B 59 7.38 -5.75 9.69
N ASP B 60 6.95 -5.48 10.92
CA ASP B 60 7.65 -4.57 11.81
C ASP B 60 9.06 -5.09 12.09
N ASP B 61 9.17 -6.41 12.21
CA ASP B 61 10.45 -7.05 12.49
C ASP B 61 11.38 -6.93 11.28
N ALA B 62 10.78 -6.93 10.08
CA ALA B 62 11.55 -6.81 8.86
C ALA B 62 12.05 -5.38 8.68
N VAL B 63 11.27 -4.42 9.16
CA VAL B 63 11.62 -3.01 9.08
C VAL B 63 12.81 -2.70 10.00
N ARG B 64 12.79 -3.27 11.20
CA ARG B 64 13.87 -3.03 12.15
C ARG B 64 15.13 -3.82 11.76
N LYS B 65 14.92 -4.98 11.15
CA LYS B 65 16.03 -5.84 10.75
C LYS B 65 16.21 -5.81 9.24
N LEU B 66 16.82 -4.75 8.73
CA LEU B 66 17.05 -4.62 7.30
C LEU B 66 18.29 -5.43 6.90
N TYR C 1 11.51 -14.58 -26.37
CA TYR C 1 11.44 -14.57 -24.89
C TYR C 1 12.30 -13.43 -24.33
N GLY C 2 13.38 -13.10 -25.05
CA GLY C 2 14.28 -12.04 -24.62
C GLY C 2 13.54 -10.74 -24.38
N ALA C 3 12.62 -10.41 -25.27
CA ALA C 3 11.84 -9.18 -25.16
C ALA C 3 10.99 -9.19 -23.89
N LEU C 4 10.44 -10.36 -23.57
CA LEU C 4 9.61 -10.52 -22.39
C LEU C 4 10.45 -10.38 -21.13
N ASP C 5 11.65 -10.96 -21.14
CA ASP C 5 12.53 -10.90 -19.99
C ASP C 5 13.00 -9.46 -19.74
N MET C 6 13.21 -8.72 -20.82
CA MET C 6 13.65 -7.33 -20.73
C MET C 6 12.52 -6.45 -20.22
N ALA C 7 11.28 -6.91 -20.38
CA ALA C 7 10.13 -6.16 -19.94
C ALA C 7 10.06 -6.12 -18.41
N ASP C 8 10.65 -7.11 -17.75
CA ASP C 8 10.65 -7.15 -16.30
C ASP C 8 11.53 -6.05 -15.74
N PHE C 9 12.48 -5.60 -16.54
CA PHE C 9 13.39 -4.52 -16.14
C PHE C 9 12.66 -3.18 -16.19
N GLU C 10 11.42 -3.21 -16.64
CA GLU C 10 10.60 -2.02 -16.70
C GLU C 10 9.64 -2.01 -15.52
N PHE C 11 8.93 -3.12 -15.35
CA PHE C 11 7.97 -3.25 -14.27
C PHE C 11 8.68 -3.30 -12.91
N GLU C 12 9.48 -4.34 -12.70
CA GLU C 12 10.18 -4.52 -11.44
C GLU C 12 11.45 -3.68 -11.37
N GLN C 13 11.32 -2.40 -11.69
CA GLN C 13 12.45 -1.48 -11.67
C GLN C 13 11.96 -0.04 -11.72
N MET C 14 11.03 0.23 -12.62
CA MET C 14 10.47 1.57 -12.77
C MET C 14 9.18 1.70 -11.97
N PHE C 15 8.27 0.75 -12.18
CA PHE C 15 6.99 0.77 -11.49
C PHE C 15 7.17 0.62 -9.98
N THR C 16 7.91 -0.40 -9.57
CA THR C 16 8.17 -0.66 -8.15
C THR C 16 8.98 0.47 -7.51
N ASP C 17 9.63 1.28 -8.33
CA ASP C 17 10.43 2.41 -7.82
C ASP C 17 9.54 3.62 -7.61
N ALA C 18 8.73 3.91 -8.63
CA ALA C 18 7.82 5.05 -8.58
C ALA C 18 6.77 4.88 -7.48
N LEU C 19 6.53 3.64 -7.08
CA LEU C 19 5.57 3.33 -6.04
C LEU C 19 5.99 3.92 -4.69
N GLY C 20 7.29 4.15 -4.54
CA GLY C 20 7.80 4.70 -3.30
C GLY C 20 8.90 5.71 -3.54
N ILE C 21 8.88 6.36 -4.69
CA ILE C 21 9.89 7.35 -5.02
C ILE C 21 9.74 8.62 -4.19
N ASP C 22 8.49 9.03 -3.99
CA ASP C 22 8.20 10.24 -3.21
C ASP C 22 7.82 9.88 -1.79
N GLU C 23 8.01 8.61 -1.42
CA GLU C 23 7.68 8.13 -0.08
C GLU C 23 8.51 8.82 0.99
N TYR C 24 9.73 9.21 0.63
CA TYR C 24 10.61 9.87 1.57
C TYR C 24 10.16 11.31 1.83
N GLY C 25 9.11 11.73 1.13
CA GLY C 25 8.59 13.06 1.29
C GLY C 25 7.17 13.04 1.82
N GLY C 26 6.72 11.88 2.29
CA GLY C 26 5.38 11.76 2.81
C GLY C 26 5.32 11.99 4.31
N ALA A 1 11.51 -9.31 1.75
CA ALA A 1 10.61 -10.49 1.81
C ALA A 1 9.19 -10.09 1.42
N MET A 2 8.46 -11.04 0.85
CA MET A 2 7.09 -10.80 0.44
C MET A 2 6.13 -11.50 1.39
N PHE A 3 5.32 -10.73 2.11
CA PHE A 3 4.36 -11.29 3.06
C PHE A 3 2.98 -11.35 2.43
N GLN A 4 2.18 -12.32 2.85
CA GLN A 4 0.84 -12.49 2.32
C GLN A 4 -0.21 -11.98 3.30
N ILE A 5 -1.05 -11.07 2.83
CA ILE A 5 -2.11 -10.49 3.67
C ILE A 5 -3.49 -10.85 3.13
N GLY A 6 -3.51 -11.58 2.02
CA GLY A 6 -4.77 -11.97 1.42
C GLY A 6 -4.60 -12.56 0.04
N LYS A 7 -5.71 -12.92 -0.58
CA LYS A 7 -5.70 -13.50 -1.92
C LYS A 7 -5.18 -12.50 -2.94
N MET A 8 -4.06 -12.86 -3.56
CA MET A 8 -3.41 -12.03 -4.59
C MET A 8 -2.90 -10.71 -4.03
N ARG A 9 -2.95 -10.55 -2.71
CA ARG A 9 -2.47 -9.34 -2.07
C ARG A 9 -1.24 -9.65 -1.24
N TYR A 10 -0.10 -9.14 -1.67
CA TYR A 10 1.15 -9.38 -0.97
C TYR A 10 1.84 -8.08 -0.61
N VAL A 11 2.70 -8.17 0.39
CA VAL A 11 3.47 -7.03 0.87
C VAL A 11 4.96 -7.31 0.68
N SER A 12 5.52 -6.74 -0.36
CA SER A 12 6.94 -6.94 -0.65
C SER A 12 7.79 -5.88 0.04
N VAL A 13 8.37 -6.25 1.18
CA VAL A 13 9.21 -5.36 1.95
C VAL A 13 10.64 -5.42 1.44
N ARG A 14 11.14 -4.30 0.93
CA ARG A 14 12.51 -4.22 0.42
C ARG A 14 13.17 -2.93 0.90
N ASP A 15 14.47 -2.79 0.62
CA ASP A 15 15.21 -1.60 1.02
C ASP A 15 15.63 -0.80 -0.21
N PHE A 16 15.80 0.50 -0.03
CA PHE A 16 16.22 1.37 -1.11
C PHE A 16 16.77 2.67 -0.53
N LYS A 17 18.05 2.94 -0.82
CA LYS A 17 18.72 4.16 -0.34
C LYS A 17 18.86 4.11 1.18
N GLY A 18 18.87 2.90 1.73
CA GLY A 18 18.99 2.75 3.17
C GLY A 18 17.65 2.90 3.85
N LYS A 19 16.61 3.12 3.04
CA LYS A 19 15.27 3.29 3.55
C LYS A 19 14.47 2.01 3.34
N VAL A 20 13.19 2.04 3.67
CA VAL A 20 12.34 0.86 3.54
C VAL A 20 11.18 1.12 2.58
N LEU A 21 10.92 0.13 1.73
CA LEU A 21 9.84 0.20 0.77
C LEU A 21 8.86 -0.95 0.98
N ILE A 22 7.75 -0.65 1.63
CA ILE A 22 6.72 -1.65 1.90
C ILE A 22 5.74 -1.68 0.73
N ASP A 23 5.95 -2.59 -0.21
CA ASP A 23 5.11 -2.69 -1.40
C ASP A 23 3.80 -3.40 -1.12
N ILE A 24 2.71 -2.66 -1.15
CA ILE A 24 1.39 -3.23 -0.94
C ILE A 24 0.65 -3.19 -2.27
N ARG A 25 0.77 -4.26 -3.03
CA ARG A 25 0.15 -4.33 -4.34
C ARG A 25 -0.49 -5.69 -4.58
N GLU A 26 -1.29 -5.77 -5.63
CA GLU A 26 -1.94 -7.01 -6.00
C GLU A 26 -1.04 -7.74 -6.99
N TYR A 27 -0.78 -8.99 -6.73
CA TYR A 27 0.08 -9.78 -7.60
C TYR A 27 -0.72 -10.89 -8.27
N TRP A 28 -0.77 -10.84 -9.59
CA TRP A 28 -1.52 -11.82 -10.37
C TRP A 28 -0.58 -12.85 -10.98
N MET A 29 -1.05 -14.08 -11.10
CA MET A 29 -0.26 -15.17 -11.65
C MET A 29 0.00 -14.97 -13.14
N ASP A 30 1.26 -15.06 -13.52
CA ASP A 30 1.67 -14.90 -14.91
C ASP A 30 1.84 -16.25 -15.60
N PRO A 31 2.05 -16.27 -16.94
CA PRO A 31 2.25 -17.50 -17.69
C PRO A 31 3.68 -18.04 -17.53
N GLU A 32 4.24 -17.80 -16.36
CA GLU A 32 5.59 -18.25 -16.03
C GLU A 32 5.52 -19.10 -14.78
N GLY A 33 4.76 -18.62 -13.81
CA GLY A 33 4.61 -19.31 -12.55
C GLY A 33 4.92 -18.39 -11.39
N GLU A 34 4.89 -17.10 -11.66
CA GLU A 34 5.17 -16.09 -10.66
C GLU A 34 3.98 -15.16 -10.50
N MET A 35 4.12 -14.16 -9.65
CA MET A 35 3.06 -13.20 -9.41
C MET A 35 3.52 -11.81 -9.82
N LYS A 36 2.87 -11.26 -10.82
CA LYS A 36 3.21 -9.93 -11.32
C LYS A 36 2.31 -8.88 -10.70
N PRO A 37 2.89 -7.72 -10.34
CA PRO A 37 2.15 -6.62 -9.71
C PRO A 37 1.18 -5.95 -10.67
N GLY A 38 -0.11 -6.01 -10.33
CA GLY A 38 -1.14 -5.40 -11.15
C GLY A 38 -1.06 -3.88 -11.11
N ARG A 39 -1.80 -3.23 -12.00
CA ARG A 39 -1.80 -1.78 -12.06
C ARG A 39 -2.72 -1.16 -11.02
N LYS A 40 -2.47 -1.50 -9.75
CA LYS A 40 -3.25 -0.99 -8.63
C LYS A 40 -2.55 -1.30 -7.33
N GLY A 41 -2.00 -0.28 -6.69
CA GLY A 41 -1.32 -0.49 -5.43
C GLY A 41 -0.57 0.73 -4.96
N ILE A 42 0.01 0.63 -3.76
CA ILE A 42 0.78 1.71 -3.17
C ILE A 42 1.78 1.14 -2.17
N SER A 43 2.83 1.87 -1.88
CA SER A 43 3.84 1.41 -0.94
C SER A 43 3.83 2.25 0.33
N LEU A 44 4.62 1.84 1.31
CA LEU A 44 4.72 2.56 2.57
C LEU A 44 6.18 2.66 3.00
N ASN A 45 6.51 3.74 3.71
CA ASN A 45 7.87 3.94 4.19
C ASN A 45 7.87 3.98 5.72
N PRO A 46 9.05 3.91 6.37
CA PRO A 46 9.16 3.92 7.84
C PRO A 46 8.33 5.01 8.51
N GLU A 47 8.41 6.22 7.96
CA GLU A 47 7.68 7.36 8.47
C GLU A 47 6.17 7.09 8.53
N GLN A 48 5.62 6.62 7.41
CA GLN A 48 4.19 6.32 7.34
C GLN A 48 3.87 5.07 8.15
N TRP A 49 4.78 4.10 8.12
CA TRP A 49 4.62 2.84 8.83
C TRP A 49 4.40 3.09 10.33
N SER A 50 5.19 3.98 10.91
CA SER A 50 5.06 4.30 12.32
C SER A 50 3.69 4.90 12.60
N GLN A 51 3.32 5.91 11.83
CA GLN A 51 2.03 6.58 11.99
C GLN A 51 0.87 5.62 11.77
N LEU A 52 1.01 4.70 10.82
CA LEU A 52 -0.03 3.72 10.54
C LEU A 52 -0.28 2.86 11.76
N LYS A 53 0.80 2.39 12.39
CA LYS A 53 0.70 1.56 13.58
C LYS A 53 0.08 2.35 14.73
N GLU A 54 0.41 3.64 14.78
CA GLU A 54 -0.09 4.52 15.82
C GLU A 54 -1.56 4.90 15.57
N GLN A 55 -2.07 4.54 14.40
CA GLN A 55 -3.46 4.83 14.05
C GLN A 55 -4.30 3.57 13.98
N ILE A 56 -3.69 2.42 14.27
CA ILE A 56 -4.40 1.14 14.23
C ILE A 56 -5.64 1.16 15.11
N SER A 57 -5.46 1.52 16.37
CA SER A 57 -6.55 1.58 17.32
C SER A 57 -7.65 2.54 16.87
N ASP A 58 -7.24 3.66 16.29
CA ASP A 58 -8.18 4.67 15.80
C ASP A 58 -8.99 4.14 14.62
N ILE A 59 -8.29 3.62 13.61
CA ILE A 59 -8.95 3.09 12.42
C ILE A 59 -9.82 1.88 12.75
N ASP A 60 -9.26 0.97 13.55
CA ASP A 60 -9.97 -0.25 13.93
C ASP A 60 -11.26 0.05 14.68
N ASP A 61 -11.20 1.03 15.59
CA ASP A 61 -12.38 1.40 16.36
C ASP A 61 -13.43 2.01 15.46
N ALA A 62 -12.98 2.77 14.46
CA ALA A 62 -13.88 3.40 13.50
C ALA A 62 -14.60 2.33 12.69
N VAL A 63 -13.85 1.30 12.29
CA VAL A 63 -14.41 0.19 11.54
C VAL A 63 -15.41 -0.57 12.40
N ARG A 64 -15.05 -0.78 13.67
CA ARG A 64 -15.91 -1.48 14.62
C ARG A 64 -17.18 -0.68 14.91
N LYS A 65 -17.11 0.63 14.71
CA LYS A 65 -18.24 1.51 14.94
C LYS A 65 -19.23 1.41 13.78
N LEU A 66 -18.71 1.14 12.59
CA LEU A 66 -19.54 1.02 11.40
C LEU A 66 -20.00 -0.42 11.21
N ALA B 1 -13.35 9.40 10.05
CA ALA B 1 -13.01 8.15 9.35
C ALA B 1 -11.91 8.39 8.32
N MET B 2 -11.62 9.65 8.06
CA MET B 2 -10.60 10.01 7.09
C MET B 2 -9.26 10.24 7.78
N PHE B 3 -8.54 9.15 8.00
CA PHE B 3 -7.24 9.23 8.66
C PHE B 3 -6.17 9.60 7.65
N GLN B 4 -5.05 10.10 8.14
CA GLN B 4 -3.97 10.53 7.27
C GLN B 4 -2.63 10.01 7.77
N ILE B 5 -1.97 9.19 6.95
CA ILE B 5 -0.67 8.65 7.31
C ILE B 5 0.41 9.51 6.67
N GLY B 6 0.93 10.45 7.44
CA GLY B 6 1.95 11.35 6.93
C GLY B 6 1.32 12.51 6.19
N LYS B 7 1.17 12.37 4.89
CA LYS B 7 0.55 13.40 4.06
C LYS B 7 0.18 12.81 2.70
N MET B 8 -0.84 13.38 2.07
CA MET B 8 -1.32 12.95 0.74
C MET B 8 -2.11 11.64 0.83
N ARG B 9 -1.52 10.64 1.48
CA ARG B 9 -2.17 9.34 1.62
C ARG B 9 -3.27 9.40 2.67
N TYR B 10 -4.51 9.31 2.22
CA TYR B 10 -5.64 9.35 3.13
C TYR B 10 -6.32 8.00 3.23
N VAL B 11 -6.57 7.56 4.45
CA VAL B 11 -7.22 6.29 4.70
C VAL B 11 -8.73 6.48 4.49
N SER B 12 -9.14 6.39 3.23
CA SER B 12 -10.53 6.57 2.88
C SER B 12 -11.32 5.26 2.98
N VAL B 13 -11.92 5.05 4.14
CA VAL B 13 -12.75 3.87 4.36
C VAL B 13 -14.16 4.16 3.88
N ARG B 14 -14.32 4.19 2.56
CA ARG B 14 -15.61 4.51 1.97
C ARG B 14 -16.33 3.26 1.48
N ASP B 15 -17.65 3.28 1.63
CA ASP B 15 -18.50 2.20 1.17
C ASP B 15 -18.77 2.36 -0.31
N PHE B 16 -18.50 1.34 -1.09
CA PHE B 16 -18.72 1.38 -2.52
C PHE B 16 -19.74 0.34 -2.94
N LYS B 17 -20.98 0.78 -3.15
CA LYS B 17 -22.08 -0.09 -3.58
C LYS B 17 -22.33 -1.22 -2.58
N GLY B 18 -22.15 -0.93 -1.29
CA GLY B 18 -22.37 -1.93 -0.27
C GLY B 18 -21.11 -2.67 0.09
N LYS B 19 -19.99 -2.19 -0.42
CA LYS B 19 -18.70 -2.81 -0.15
C LYS B 19 -17.78 -1.84 0.58
N VAL B 20 -17.56 -2.09 1.87
CA VAL B 20 -16.69 -1.24 2.67
C VAL B 20 -15.25 -1.52 2.30
N LEU B 21 -14.64 -0.60 1.57
CA LEU B 21 -13.26 -0.77 1.15
C LEU B 21 -12.38 0.33 1.71
N ILE B 22 -11.32 -0.09 2.39
CA ILE B 22 -10.37 0.85 2.95
C ILE B 22 -9.34 1.18 1.88
N ASP B 23 -9.69 2.12 1.03
CA ASP B 23 -8.84 2.52 -0.07
C ASP B 23 -7.97 3.70 0.32
N ILE B 24 -6.73 3.43 0.64
CA ILE B 24 -5.78 4.48 1.00
C ILE B 24 -5.19 5.05 -0.28
N ARG B 25 -5.78 6.13 -0.75
CA ARG B 25 -5.35 6.74 -1.99
C ARG B 25 -4.59 8.04 -1.74
N GLU B 26 -3.68 8.36 -2.66
CA GLU B 26 -2.89 9.58 -2.57
C GLU B 26 -3.68 10.76 -3.15
N TYR B 27 -4.00 11.72 -2.30
CA TYR B 27 -4.73 12.90 -2.72
C TYR B 27 -3.76 14.03 -3.02
N TRP B 28 -3.59 14.32 -4.30
CA TRP B 28 -2.68 15.38 -4.73
C TRP B 28 -3.47 16.60 -5.16
N MET B 29 -2.99 17.78 -4.79
CA MET B 29 -3.65 19.03 -5.11
C MET B 29 -3.59 19.33 -6.61
N ASP B 30 -4.74 19.65 -7.17
CA ASP B 30 -4.85 19.98 -8.58
C ASP B 30 -4.66 21.49 -8.77
N PRO B 31 -4.60 21.99 -10.03
CA PRO B 31 -4.43 23.43 -10.30
C PRO B 31 -5.58 24.26 -9.75
N GLU B 32 -6.71 23.62 -9.50
CA GLU B 32 -7.89 24.30 -8.97
C GLU B 32 -7.69 24.60 -7.49
N GLY B 33 -7.17 23.62 -6.75
CA GLY B 33 -6.94 23.78 -5.34
C GLY B 33 -7.63 22.72 -4.50
N GLU B 34 -7.95 21.61 -5.14
CA GLU B 34 -8.62 20.50 -4.48
C GLU B 34 -7.71 19.28 -4.43
N MET B 35 -8.02 18.33 -3.56
CA MET B 35 -7.22 17.12 -3.44
C MET B 35 -7.81 16.02 -4.33
N LYS B 36 -7.07 15.63 -5.34
CA LYS B 36 -7.53 14.61 -6.27
C LYS B 36 -6.79 13.30 -6.04
N PRO B 37 -7.55 12.21 -5.83
CA PRO B 37 -6.96 10.88 -5.61
C PRO B 37 -6.39 10.29 -6.89
N GLY B 38 -5.08 10.05 -6.89
CA GLY B 38 -4.43 9.49 -8.06
C GLY B 38 -4.55 7.97 -8.13
N ARG B 39 -3.64 7.34 -8.86
CA ARG B 39 -3.66 5.89 -9.02
C ARG B 39 -2.92 5.23 -7.88
N LYS B 40 -2.05 6.00 -7.22
CA LYS B 40 -1.29 5.49 -6.09
C LYS B 40 -2.22 5.25 -4.92
N GLY B 41 -2.48 3.98 -4.64
CA GLY B 41 -3.36 3.62 -3.54
C GLY B 41 -3.86 2.20 -3.69
N ILE B 42 -4.26 1.59 -2.59
CA ILE B 42 -4.76 0.23 -2.60
C ILE B 42 -6.05 0.11 -1.79
N SER B 43 -7.02 -0.58 -2.35
CA SER B 43 -8.30 -0.79 -1.70
C SER B 43 -8.34 -2.14 -0.99
N LEU B 44 -8.30 -2.11 0.33
CA LEU B 44 -8.33 -3.33 1.11
C LEU B 44 -9.63 -3.46 1.89
N ASN B 45 -10.19 -4.66 1.91
CA ASN B 45 -11.44 -4.91 2.61
C ASN B 45 -11.15 -5.22 4.08
N PRO B 46 -12.19 -5.25 4.95
CA PRO B 46 -12.03 -5.55 6.39
C PRO B 46 -11.28 -6.85 6.62
N GLU B 47 -11.37 -7.76 5.67
CA GLU B 47 -10.68 -9.04 5.76
C GLU B 47 -9.17 -8.82 5.70
N GLN B 48 -8.72 -8.08 4.68
CA GLN B 48 -7.30 -7.78 4.51
C GLN B 48 -6.80 -6.92 5.66
N TRP B 49 -7.68 -6.05 6.17
CA TRP B 49 -7.33 -5.17 7.28
C TRP B 49 -6.88 -5.98 8.49
N SER B 50 -7.58 -7.08 8.77
CA SER B 50 -7.24 -7.93 9.90
C SER B 50 -5.91 -8.63 9.67
N GLN B 51 -5.78 -9.31 8.53
CA GLN B 51 -4.57 -10.03 8.19
C GLN B 51 -3.36 -9.10 8.15
N LEU B 52 -3.57 -7.88 7.66
CA LEU B 52 -2.50 -6.89 7.59
C LEU B 52 -1.95 -6.61 8.99
N LYS B 53 -2.84 -6.37 9.93
CA LYS B 53 -2.46 -6.10 11.31
C LYS B 53 -1.74 -7.29 11.92
N GLU B 54 -2.23 -8.48 11.60
CA GLU B 54 -1.65 -9.72 12.12
C GLU B 54 -0.25 -9.96 11.54
N GLN B 55 -0.02 -9.50 10.31
CA GLN B 55 1.28 -9.67 9.67
C GLN B 55 2.24 -8.56 10.06
N ILE B 56 1.74 -7.55 10.76
CA ILE B 56 2.57 -6.42 11.18
C ILE B 56 3.75 -6.88 12.01
N SER B 57 3.55 -7.88 12.86
CA SER B 57 4.61 -8.42 13.71
C SER B 57 5.80 -8.92 12.87
N ASP B 58 5.51 -9.38 11.67
CA ASP B 58 6.54 -9.89 10.78
C ASP B 58 7.09 -8.78 9.89
N ILE B 59 6.19 -7.96 9.38
CA ILE B 59 6.57 -6.85 8.50
C ILE B 59 7.43 -5.83 9.25
N ASP B 60 7.00 -5.45 10.45
CA ASP B 60 7.72 -4.48 11.25
C ASP B 60 9.13 -4.98 11.56
N ASP B 61 9.23 -6.27 11.83
CA ASP B 61 10.51 -6.90 12.13
C ASP B 61 11.44 -6.81 10.92
N ALA B 62 10.88 -7.07 9.74
CA ALA B 62 11.65 -7.00 8.50
C ALA B 62 12.13 -5.59 8.23
N VAL B 63 11.33 -4.59 8.62
CA VAL B 63 11.68 -3.19 8.43
C VAL B 63 12.96 -2.85 9.17
N ARG B 64 13.15 -3.47 10.33
CA ARG B 64 14.33 -3.24 11.15
C ARG B 64 15.31 -4.40 11.00
N LYS B 65 15.18 -5.14 9.90
CA LYS B 65 16.05 -6.28 9.64
C LYS B 65 16.47 -6.27 8.17
N LEU B 66 16.90 -5.11 7.70
CA LEU B 66 17.34 -4.96 6.33
C LEU B 66 18.81 -4.61 6.29
N TYR C 1 6.80 -18.28 -19.51
CA TYR C 1 7.01 -17.69 -20.84
C TYR C 1 6.15 -16.44 -21.02
N GLY C 2 6.76 -15.37 -21.52
CA GLY C 2 6.04 -14.14 -21.77
C GLY C 2 5.91 -13.24 -20.54
N ALA C 3 6.41 -13.69 -19.40
CA ALA C 3 6.33 -12.91 -18.17
C ALA C 3 7.33 -11.76 -18.20
N LEU C 4 8.46 -12.01 -18.85
CA LEU C 4 9.52 -11.02 -18.96
C LEU C 4 9.02 -9.71 -19.59
N ASP C 5 8.12 -9.83 -20.56
CA ASP C 5 7.58 -8.65 -21.23
C ASP C 5 6.81 -7.75 -20.27
N MET C 6 6.06 -8.37 -19.36
CA MET C 6 5.28 -7.62 -18.39
C MET C 6 6.18 -7.14 -17.25
N ALA C 7 7.26 -7.88 -17.02
CA ALA C 7 8.22 -7.54 -15.97
C ALA C 7 8.80 -6.15 -16.17
N ASP C 8 8.92 -5.75 -17.44
CA ASP C 8 9.44 -4.44 -17.80
C ASP C 8 8.61 -3.32 -17.18
N PHE C 9 7.31 -3.55 -17.09
CA PHE C 9 6.40 -2.56 -16.51
C PHE C 9 6.13 -2.86 -15.05
N GLU C 10 6.49 -4.05 -14.61
CA GLU C 10 6.29 -4.45 -13.22
C GLU C 10 7.23 -3.65 -12.31
N PHE C 11 8.45 -3.44 -12.77
CA PHE C 11 9.44 -2.70 -12.01
C PHE C 11 9.15 -1.22 -12.03
N GLU C 12 8.39 -0.77 -13.03
CA GLU C 12 8.06 0.64 -13.16
C GLU C 12 7.22 1.11 -11.98
N GLN C 13 6.04 0.52 -11.81
CA GLN C 13 5.15 0.90 -10.71
C GLN C 13 5.78 0.59 -9.35
N MET C 14 6.66 -0.41 -9.33
CA MET C 14 7.34 -0.81 -8.11
C MET C 14 8.48 0.15 -7.76
N PHE C 15 8.75 1.10 -8.66
CA PHE C 15 9.81 2.06 -8.45
C PHE C 15 9.27 3.47 -8.27
N THR C 16 8.48 3.94 -9.23
CA THR C 16 7.93 5.29 -9.19
C THR C 16 7.07 5.52 -7.95
N ASP C 17 6.11 4.63 -7.73
CA ASP C 17 5.22 4.73 -6.59
C ASP C 17 5.99 4.66 -5.27
N ALA C 18 6.91 3.70 -5.21
CA ALA C 18 7.72 3.48 -4.00
C ALA C 18 8.63 4.66 -3.71
N LEU C 19 9.32 5.15 -4.73
CA LEU C 19 10.24 6.27 -4.56
C LEU C 19 9.53 7.50 -4.00
N GLY C 20 8.38 7.82 -4.57
CA GLY C 20 7.62 8.96 -4.12
C GLY C 20 7.00 8.75 -2.74
N ILE C 21 6.83 7.49 -2.37
CA ILE C 21 6.24 7.14 -1.08
C ILE C 21 7.24 7.31 0.05
N ASP C 22 8.46 6.85 -0.16
CA ASP C 22 9.50 6.94 0.86
C ASP C 22 10.11 8.34 0.94
N GLU C 23 10.42 8.92 -0.21
CA GLU C 23 11.05 10.23 -0.26
C GLU C 23 10.13 11.32 0.28
N TYR C 24 8.86 11.29 -0.09
CA TYR C 24 7.93 12.30 0.37
C TYR C 24 6.62 11.66 0.81
N GLY C 25 6.67 11.00 1.95
CA GLY C 25 5.49 10.34 2.48
C GLY C 25 4.78 11.18 3.53
N GLY C 26 5.57 11.97 4.24
CA GLY C 26 5.02 12.81 5.28
C GLY C 26 5.45 14.25 5.13
N ALA A 1 11.56 -8.97 0.37
CA ALA A 1 10.63 -9.88 1.06
C ALA A 1 9.20 -9.59 0.64
N MET A 2 8.37 -10.62 0.57
CA MET A 2 6.99 -10.46 0.16
C MET A 2 6.04 -11.05 1.21
N PHE A 3 5.40 -10.19 1.97
CA PHE A 3 4.47 -10.62 3.01
C PHE A 3 3.04 -10.59 2.48
N GLN A 4 2.34 -11.71 2.60
CA GLN A 4 0.96 -11.79 2.14
C GLN A 4 0.03 -11.29 3.24
N ILE A 5 -0.89 -10.41 2.87
CA ILE A 5 -1.85 -9.87 3.82
C ILE A 5 -3.28 -10.20 3.42
N GLY A 6 -3.40 -11.10 2.45
CA GLY A 6 -4.71 -11.50 1.97
C GLY A 6 -4.62 -12.15 0.60
N LYS A 7 -5.75 -12.65 0.13
CA LYS A 7 -5.78 -13.30 -1.17
C LYS A 7 -5.40 -12.33 -2.29
N MET A 8 -4.33 -12.68 -3.00
CA MET A 8 -3.80 -11.90 -4.12
C MET A 8 -3.24 -10.55 -3.65
N ARG A 9 -3.06 -10.39 -2.35
CA ARG A 9 -2.53 -9.14 -1.81
C ARG A 9 -1.17 -9.41 -1.17
N TYR A 10 -0.12 -8.87 -1.77
CA TYR A 10 1.23 -9.08 -1.27
C TYR A 10 1.97 -7.77 -1.03
N VAL A 11 2.62 -7.68 0.10
CA VAL A 11 3.40 -6.51 0.44
C VAL A 11 4.84 -6.72 0.02
N SER A 12 5.23 -6.06 -1.06
CA SER A 12 6.56 -6.19 -1.61
C SER A 12 7.55 -5.30 -0.86
N VAL A 13 8.05 -5.80 0.26
CA VAL A 13 9.03 -5.08 1.06
C VAL A 13 10.41 -5.31 0.47
N ARG A 14 10.83 -4.41 -0.40
CA ARG A 14 12.13 -4.52 -1.05
C ARG A 14 12.86 -3.19 -1.03
N ASP A 15 14.02 -3.16 -1.69
CA ASP A 15 14.83 -1.95 -1.76
C ASP A 15 14.94 -1.49 -3.20
N PHE A 16 14.93 -0.19 -3.40
CA PHE A 16 15.03 0.40 -4.73
C PHE A 16 15.81 1.70 -4.67
N LYS A 17 17.11 1.63 -4.96
CA LYS A 17 18.00 2.79 -4.93
C LYS A 17 18.20 3.31 -3.52
N GLY A 18 18.12 2.41 -2.54
CA GLY A 18 18.30 2.81 -1.15
C GLY A 18 17.02 3.33 -0.54
N LYS A 19 15.97 2.54 -0.63
CA LYS A 19 14.67 2.92 -0.11
C LYS A 19 13.92 1.71 0.41
N VAL A 20 13.41 1.82 1.63
CA VAL A 20 12.65 0.75 2.23
C VAL A 20 11.24 0.77 1.67
N LEU A 21 11.05 0.14 0.52
CA LEU A 21 9.77 0.13 -0.15
C LEU A 21 8.87 -0.97 0.39
N ILE A 22 7.89 -0.57 1.18
CA ILE A 22 6.90 -1.49 1.71
C ILE A 22 5.68 -1.40 0.81
N ASP A 23 5.89 -1.80 -0.45
CA ASP A 23 4.86 -1.72 -1.48
C ASP A 23 3.70 -2.68 -1.26
N ILE A 24 2.60 -2.14 -0.76
CA ILE A 24 1.40 -2.92 -0.55
C ILE A 24 0.64 -2.97 -1.86
N ARG A 25 0.65 -4.12 -2.51
CA ARG A 25 0.01 -4.24 -3.81
C ARG A 25 -0.65 -5.60 -4.00
N GLU A 26 -1.41 -5.71 -5.08
CA GLU A 26 -2.08 -6.93 -5.43
C GLU A 26 -1.28 -7.64 -6.51
N TYR A 27 -1.19 -8.95 -6.42
CA TYR A 27 -0.44 -9.74 -7.39
C TYR A 27 -1.34 -10.77 -8.04
N TRP A 28 -1.43 -10.69 -9.36
CA TRP A 28 -2.25 -11.62 -10.12
C TRP A 28 -1.37 -12.48 -11.01
N MET A 29 -1.85 -13.68 -11.34
CA MET A 29 -1.07 -14.58 -12.19
C MET A 29 -1.30 -14.21 -13.65
N ASP A 30 -0.21 -13.91 -14.34
CA ASP A 30 -0.26 -13.53 -15.74
C ASP A 30 -0.33 -14.77 -16.64
N PRO A 31 -0.58 -14.58 -17.95
CA PRO A 31 -0.67 -15.69 -18.92
C PRO A 31 0.58 -16.60 -18.91
N GLU A 32 1.73 -16.03 -18.58
CA GLU A 32 2.97 -16.79 -18.56
C GLU A 32 3.01 -17.71 -17.34
N GLY A 33 2.64 -17.17 -16.19
CA GLY A 33 2.63 -17.97 -14.97
C GLY A 33 3.46 -17.33 -13.88
N GLU A 34 3.52 -16.01 -13.90
CA GLU A 34 4.29 -15.27 -12.92
C GLU A 34 3.36 -14.39 -12.08
N MET A 35 3.89 -13.86 -10.99
CA MET A 35 3.11 -12.99 -10.12
C MET A 35 3.26 -11.56 -10.60
N LYS A 36 2.27 -11.08 -11.34
CA LYS A 36 2.29 -9.74 -11.87
C LYS A 36 1.46 -8.81 -11.00
N PRO A 37 2.07 -7.73 -10.51
CA PRO A 37 1.40 -6.76 -9.65
C PRO A 37 0.50 -5.81 -10.43
N GLY A 38 -0.60 -5.40 -9.80
CA GLY A 38 -1.52 -4.48 -10.43
C GLY A 38 -1.11 -3.04 -10.26
N ARG A 39 -1.97 -2.12 -10.70
CA ARG A 39 -1.70 -0.69 -10.60
C ARG A 39 -1.92 -0.22 -9.16
N LYS A 40 -2.79 -0.91 -8.44
CA LYS A 40 -3.10 -0.57 -7.06
C LYS A 40 -1.97 -1.02 -6.14
N GLY A 41 -0.91 -0.22 -6.07
CA GLY A 41 0.21 -0.53 -5.22
C GLY A 41 0.84 0.71 -4.65
N ILE A 42 1.04 0.73 -3.35
CA ILE A 42 1.63 1.86 -2.68
C ILE A 42 2.82 1.44 -1.82
N SER A 43 4.02 1.88 -2.21
CA SER A 43 5.23 1.55 -1.48
C SER A 43 5.36 2.42 -0.23
N LEU A 44 4.99 1.87 0.91
CA LEU A 44 5.09 2.60 2.16
C LEU A 44 6.54 2.65 2.64
N ASN A 45 6.78 3.43 3.66
CA ASN A 45 8.10 3.57 4.24
C ASN A 45 7.99 3.45 5.77
N PRO A 46 9.11 3.11 6.46
CA PRO A 46 9.13 2.96 7.92
C PRO A 46 8.34 4.03 8.68
N GLU A 47 8.50 5.29 8.28
CA GLU A 47 7.80 6.40 8.93
C GLU A 47 6.29 6.27 8.73
N GLN A 48 5.89 6.07 7.48
CA GLN A 48 4.47 5.94 7.13
C GLN A 48 3.87 4.71 7.79
N TRP A 49 4.64 3.62 7.79
CA TRP A 49 4.21 2.37 8.40
C TRP A 49 3.91 2.58 9.88
N SER A 50 4.80 3.29 10.56
CA SER A 50 4.63 3.57 11.98
C SER A 50 3.40 4.44 12.20
N GLN A 51 3.21 5.42 11.32
CA GLN A 51 2.07 6.32 11.40
C GLN A 51 0.76 5.54 11.20
N LEU A 52 0.78 4.63 10.23
CA LEU A 52 -0.38 3.80 9.93
C LEU A 52 -0.79 2.99 11.15
N LYS A 53 0.19 2.46 11.86
CA LYS A 53 -0.05 1.67 13.05
C LYS A 53 -0.71 2.50 14.15
N GLU A 54 -0.34 3.78 14.19
CA GLU A 54 -0.89 4.69 15.20
C GLU A 54 -2.31 5.11 14.84
N GLN A 55 -2.70 4.89 13.58
CA GLN A 55 -4.03 5.25 13.13
C GLN A 55 -4.96 4.03 13.12
N ILE A 56 -4.40 2.87 13.41
CA ILE A 56 -5.15 1.61 13.44
C ILE A 56 -6.34 1.70 14.39
N SER A 57 -6.12 2.33 15.54
CA SER A 57 -7.16 2.49 16.55
C SER A 57 -8.36 3.27 15.99
N ASP A 58 -8.08 4.15 15.05
CA ASP A 58 -9.11 4.96 14.42
C ASP A 58 -9.68 4.27 13.19
N ILE A 59 -8.79 3.62 12.42
CA ILE A 59 -9.21 2.91 11.21
C ILE A 59 -10.17 1.77 11.56
N ASP A 60 -9.76 0.93 12.52
CA ASP A 60 -10.57 -0.20 12.95
C ASP A 60 -11.89 0.29 13.53
N ASP A 61 -11.86 1.50 14.09
CA ASP A 61 -13.05 2.11 14.68
C ASP A 61 -14.10 2.35 13.62
N ALA A 62 -13.69 2.97 12.52
CA ALA A 62 -14.59 3.26 11.42
C ALA A 62 -15.07 1.98 10.74
N VAL A 63 -14.20 0.97 10.70
CA VAL A 63 -14.52 -0.31 10.10
C VAL A 63 -15.71 -0.97 10.83
N ARG A 64 -15.67 -0.90 12.14
CA ARG A 64 -16.73 -1.49 12.97
C ARG A 64 -17.99 -0.63 12.94
N LYS A 65 -17.82 0.65 12.64
CA LYS A 65 -18.95 1.58 12.57
C LYS A 65 -19.74 1.36 11.28
N LEU A 66 -19.03 1.24 10.17
CA LEU A 66 -19.67 1.03 8.87
C LEU A 66 -20.16 -0.40 8.73
N ALA B 1 -13.60 9.92 8.71
CA ALA B 1 -13.20 8.60 8.25
C ALA B 1 -11.95 8.69 7.38
N MET B 2 -11.38 9.89 7.31
CA MET B 2 -10.19 10.12 6.52
C MET B 2 -9.01 10.37 7.44
N PHE B 3 -8.08 9.43 7.45
CA PHE B 3 -6.91 9.54 8.31
C PHE B 3 -5.67 9.82 7.47
N GLN B 4 -4.65 10.39 8.11
CA GLN B 4 -3.42 10.72 7.42
C GLN B 4 -2.25 9.93 8.01
N ILE B 5 -1.42 9.37 7.14
CA ILE B 5 -0.27 8.58 7.57
C ILE B 5 1.02 9.09 6.93
N GLY B 6 1.05 10.38 6.64
CA GLY B 6 2.22 10.97 6.03
C GLY B 6 1.86 12.15 5.15
N LYS B 7 2.84 12.66 4.42
CA LYS B 7 2.61 13.78 3.52
C LYS B 7 1.74 13.37 2.34
N MET B 8 0.48 13.80 2.36
CA MET B 8 -0.48 13.51 1.29
C MET B 8 -1.01 12.07 1.33
N ARG B 9 -0.37 11.21 2.12
CA ARG B 9 -0.82 9.82 2.22
C ARG B 9 -2.01 9.74 3.17
N TYR B 10 -3.16 9.37 2.63
CA TYR B 10 -4.38 9.29 3.43
C TYR B 10 -4.97 7.88 3.42
N VAL B 11 -5.83 7.63 4.40
CA VAL B 11 -6.51 6.36 4.54
C VAL B 11 -8.01 6.61 4.46
N SER B 12 -8.65 6.10 3.42
CA SER B 12 -10.07 6.30 3.25
C SER B 12 -10.87 5.06 3.61
N VAL B 13 -11.55 5.11 4.75
CA VAL B 13 -12.37 4.01 5.20
C VAL B 13 -13.83 4.36 4.98
N ARG B 14 -14.47 3.69 4.04
CA ARG B 14 -15.88 3.97 3.74
C ARG B 14 -16.60 2.74 3.20
N ASP B 15 -17.93 2.79 3.22
CA ASP B 15 -18.74 1.69 2.74
C ASP B 15 -18.89 1.80 1.22
N PHE B 16 -18.32 0.85 0.51
CA PHE B 16 -18.40 0.84 -0.94
C PHE B 16 -19.38 -0.21 -1.42
N LYS B 17 -20.66 0.16 -1.46
CA LYS B 17 -21.73 -0.73 -1.92
C LYS B 17 -21.84 -1.97 -1.04
N GLY B 18 -21.78 -1.77 0.27
CA GLY B 18 -21.89 -2.89 1.19
C GLY B 18 -20.55 -3.56 1.45
N LYS B 19 -19.51 -2.74 1.48
CA LYS B 19 -18.16 -3.24 1.72
C LYS B 19 -17.31 -2.18 2.40
N VAL B 20 -16.88 -2.45 3.63
CA VAL B 20 -16.04 -1.51 4.35
C VAL B 20 -14.63 -1.58 3.78
N LEU B 21 -14.37 -0.75 2.80
CA LEU B 21 -13.08 -0.74 2.15
C LEU B 21 -12.16 0.31 2.74
N ILE B 22 -10.95 -0.12 3.05
CA ILE B 22 -9.92 0.75 3.59
C ILE B 22 -8.94 1.05 2.47
N ASP B 23 -9.21 2.13 1.75
CA ASP B 23 -8.38 2.53 0.63
C ASP B 23 -7.25 3.46 1.05
N ILE B 24 -6.05 2.91 1.11
CA ILE B 24 -4.86 3.67 1.46
C ILE B 24 -4.33 4.29 0.18
N ARG B 25 -4.69 5.54 -0.05
CA ARG B 25 -4.29 6.22 -1.27
C ARG B 25 -3.71 7.60 -1.00
N GLU B 26 -2.82 8.03 -1.87
CA GLU B 26 -2.20 9.34 -1.75
C GLU B 26 -3.14 10.37 -2.37
N TYR B 27 -3.43 11.42 -1.64
CA TYR B 27 -4.32 12.46 -2.14
C TYR B 27 -3.53 13.68 -2.58
N TRP B 28 -3.70 14.05 -3.82
CA TRP B 28 -3.00 15.20 -4.38
C TRP B 28 -3.92 16.40 -4.40
N MET B 29 -3.40 17.56 -4.02
CA MET B 29 -4.20 18.77 -3.99
C MET B 29 -4.45 19.29 -5.40
N ASP B 30 -5.65 19.78 -5.62
CA ASP B 30 -6.05 20.32 -6.90
C ASP B 30 -6.04 21.85 -6.86
N PRO B 31 -6.10 22.52 -8.04
CA PRO B 31 -6.10 23.98 -8.15
C PRO B 31 -7.21 24.66 -7.34
N GLU B 32 -8.34 23.97 -7.17
CA GLU B 32 -9.46 24.51 -6.41
C GLU B 32 -9.13 24.56 -4.92
N GLY B 33 -8.37 23.57 -4.47
CA GLY B 33 -7.97 23.53 -3.07
C GLY B 33 -8.46 22.29 -2.35
N GLU B 34 -8.80 21.26 -3.11
CA GLU B 34 -9.27 20.02 -2.52
C GLU B 34 -8.25 18.90 -2.72
N MET B 35 -8.36 17.86 -1.91
CA MET B 35 -7.45 16.73 -2.01
C MET B 35 -8.09 15.62 -2.82
N LYS B 36 -7.55 15.37 -4.00
CA LYS B 36 -8.09 14.35 -4.89
C LYS B 36 -7.26 13.08 -4.81
N PRO B 37 -7.92 11.91 -4.74
CA PRO B 37 -7.23 10.63 -4.68
C PRO B 37 -6.41 10.36 -5.94
N GLY B 38 -5.10 10.21 -5.76
CA GLY B 38 -4.23 9.96 -6.88
C GLY B 38 -4.45 8.58 -7.47
N ARG B 39 -3.90 8.33 -8.64
CA ARG B 39 -4.05 7.05 -9.31
C ARG B 39 -3.06 6.03 -8.76
N LYS B 40 -2.99 5.94 -7.44
CA LYS B 40 -2.10 5.02 -6.77
C LYS B 40 -2.54 4.81 -5.33
N GLY B 41 -3.13 3.66 -5.06
CA GLY B 41 -3.59 3.34 -3.73
C GLY B 41 -4.11 1.92 -3.67
N ILE B 42 -4.20 1.37 -2.47
CA ILE B 42 -4.68 0.00 -2.32
C ILE B 42 -5.94 -0.05 -1.45
N SER B 43 -7.00 -0.60 -2.01
CA SER B 43 -8.27 -0.72 -1.30
C SER B 43 -8.37 -2.09 -0.63
N LEU B 44 -8.19 -2.11 0.68
CA LEU B 44 -8.26 -3.35 1.44
C LEU B 44 -9.63 -3.50 2.08
N ASN B 45 -9.94 -4.72 2.50
CA ASN B 45 -11.21 -5.02 3.15
C ASN B 45 -10.93 -5.45 4.60
N PRO B 46 -11.96 -5.57 5.45
CA PRO B 46 -11.77 -6.00 6.85
C PRO B 46 -11.00 -7.31 6.97
N GLU B 47 -11.15 -8.16 5.96
CA GLU B 47 -10.47 -9.46 5.90
C GLU B 47 -8.96 -9.27 5.79
N GLN B 48 -8.52 -8.54 4.78
CA GLN B 48 -7.10 -8.29 4.56
C GLN B 48 -6.57 -7.32 5.59
N TRP B 49 -7.45 -6.46 6.10
CA TRP B 49 -7.08 -5.50 7.13
C TRP B 49 -6.73 -6.26 8.41
N SER B 50 -7.47 -7.34 8.65
CA SER B 50 -7.24 -8.17 9.81
C SER B 50 -5.86 -8.82 9.70
N GLN B 51 -5.60 -9.43 8.55
CA GLN B 51 -4.32 -10.09 8.31
C GLN B 51 -3.18 -9.09 8.36
N LEU B 52 -3.42 -7.88 7.87
CA LEU B 52 -2.41 -6.83 7.87
C LEU B 52 -1.97 -6.54 9.31
N LYS B 53 -2.94 -6.45 10.21
CA LYS B 53 -2.65 -6.20 11.62
C LYS B 53 -1.90 -7.37 12.24
N GLU B 54 -2.16 -8.57 11.73
CA GLU B 54 -1.52 -9.77 12.24
C GLU B 54 -0.11 -9.91 11.67
N GLN B 55 0.12 -9.33 10.50
CA GLN B 55 1.42 -9.39 9.85
C GLN B 55 2.35 -8.30 10.39
N ILE B 56 1.79 -7.38 11.16
CA ILE B 56 2.58 -6.28 11.72
C ILE B 56 3.75 -6.78 12.56
N SER B 57 3.51 -7.80 13.37
CA SER B 57 4.54 -8.37 14.23
C SER B 57 5.72 -8.91 13.41
N ASP B 58 5.43 -9.34 12.18
CA ASP B 58 6.46 -9.88 11.31
C ASP B 58 7.15 -8.78 10.52
N ILE B 59 6.35 -7.83 10.01
CA ILE B 59 6.89 -6.72 9.23
C ILE B 59 7.72 -5.80 10.12
N ASP B 60 7.19 -5.47 11.29
CA ASP B 60 7.87 -4.59 12.24
C ASP B 60 9.26 -5.13 12.58
N ASP B 61 9.31 -6.44 12.82
CA ASP B 61 10.56 -7.11 13.16
C ASP B 61 11.59 -6.97 12.05
N ALA B 62 11.13 -7.03 10.81
CA ALA B 62 12.02 -6.92 9.66
C ALA B 62 12.45 -5.46 9.45
N VAL B 63 11.51 -4.54 9.60
CA VAL B 63 11.79 -3.12 9.41
C VAL B 63 12.82 -2.61 10.43
N ARG B 64 12.67 -3.04 11.69
CA ARG B 64 13.59 -2.61 12.75
C ARG B 64 14.96 -3.28 12.63
N LYS B 65 15.08 -4.23 11.71
CA LYS B 65 16.34 -4.93 11.50
C LYS B 65 17.18 -4.21 10.45
N LEU B 66 16.62 -3.17 9.85
CA LEU B 66 17.32 -2.39 8.84
C LEU B 66 17.69 -1.03 9.40
N TYR C 1 4.99 -11.59 -25.10
CA TYR C 1 4.32 -10.71 -24.13
C TYR C 1 5.29 -10.17 -23.08
N GLY C 2 6.15 -11.06 -22.57
CA GLY C 2 7.12 -10.69 -21.55
C GLY C 2 8.01 -9.52 -21.93
N ALA C 3 8.28 -9.35 -23.22
CA ALA C 3 9.12 -8.26 -23.69
C ALA C 3 8.58 -6.90 -23.25
N LEU C 4 7.28 -6.70 -23.46
CA LEU C 4 6.64 -5.45 -23.08
C LEU C 4 6.17 -5.50 -21.63
N ASP C 5 5.79 -6.70 -21.21
CA ASP C 5 5.29 -6.94 -19.85
C ASP C 5 6.31 -6.50 -18.80
N MET C 6 7.55 -6.91 -18.97
CA MET C 6 8.61 -6.55 -18.04
C MET C 6 8.82 -5.04 -18.02
N ALA C 7 8.68 -4.41 -19.19
CA ALA C 7 8.84 -2.98 -19.30
C ALA C 7 7.70 -2.26 -18.58
N ASP C 8 6.50 -2.82 -18.70
CA ASP C 8 5.32 -2.26 -18.06
C ASP C 8 5.43 -2.39 -16.55
N PHE C 9 5.85 -3.58 -16.11
CA PHE C 9 6.04 -3.86 -14.69
C PHE C 9 7.07 -2.91 -14.11
N GLU C 10 8.16 -2.71 -14.86
CA GLU C 10 9.23 -1.82 -14.43
C GLU C 10 8.74 -0.39 -14.37
N PHE C 11 7.82 -0.03 -15.28
CA PHE C 11 7.25 1.31 -15.31
C PHE C 11 6.48 1.58 -14.02
N GLU C 12 5.65 0.62 -13.63
CA GLU C 12 4.86 0.73 -12.41
C GLU C 12 5.79 0.73 -11.19
N GLN C 13 6.77 -0.16 -11.22
CA GLN C 13 7.73 -0.29 -10.13
C GLN C 13 8.52 1.01 -9.94
N MET C 14 8.85 1.65 -11.04
CA MET C 14 9.62 2.89 -11.02
C MET C 14 8.74 4.06 -10.56
N PHE C 15 7.44 3.89 -10.67
CA PHE C 15 6.49 4.92 -10.27
C PHE C 15 6.48 5.06 -8.75
N THR C 16 6.39 3.92 -8.07
CA THR C 16 6.37 3.88 -6.62
C THR C 16 7.80 3.81 -6.05
N ASP C 17 8.78 3.70 -6.95
CA ASP C 17 10.19 3.62 -6.57
C ASP C 17 10.62 4.79 -5.71
N ALA C 18 10.11 5.97 -6.01
CA ALA C 18 10.47 7.18 -5.27
C ALA C 18 9.43 7.53 -4.20
N LEU C 19 8.58 6.59 -3.85
CA LEU C 19 7.54 6.84 -2.86
C LEU C 19 8.06 6.58 -1.45
N GLY C 20 8.65 5.41 -1.24
CA GLY C 20 9.15 5.03 0.08
C GLY C 20 10.45 5.72 0.46
N ILE C 21 10.54 7.01 0.17
CA ILE C 21 11.72 7.79 0.50
C ILE C 21 11.35 9.26 0.72
N ASP C 22 10.15 9.65 0.30
CA ASP C 22 9.70 11.02 0.45
C ASP C 22 9.45 11.34 1.92
N GLU C 23 8.96 10.34 2.66
CA GLU C 23 8.69 10.51 4.08
C GLU C 23 9.98 10.47 4.90
N TYR C 24 11.09 10.24 4.23
CA TYR C 24 12.40 10.17 4.89
C TYR C 24 12.94 11.56 5.17
N GLY C 25 12.45 12.55 4.42
CA GLY C 25 12.92 13.91 4.61
C GLY C 25 12.10 14.91 3.81
N GLY C 26 12.33 16.18 4.04
CA GLY C 26 11.60 17.22 3.34
C GLY C 26 10.26 17.50 3.98
N ALA A 1 11.22 -9.07 1.25
CA ALA A 1 10.31 -9.85 2.12
C ALA A 1 8.85 -9.59 1.73
N MET A 2 8.21 -10.59 1.13
CA MET A 2 6.82 -10.44 0.71
C MET A 2 5.90 -11.32 1.54
N PHE A 3 4.92 -10.70 2.18
CA PHE A 3 3.96 -11.42 3.01
C PHE A 3 2.55 -11.27 2.45
N GLN A 4 1.75 -12.31 2.55
CA GLN A 4 0.38 -12.28 2.05
C GLN A 4 -0.56 -11.65 3.07
N ILE A 5 -1.28 -10.62 2.65
CA ILE A 5 -2.22 -9.95 3.52
C ILE A 5 -3.65 -10.12 3.00
N GLY A 6 -3.82 -11.08 2.11
CA GLY A 6 -5.13 -11.34 1.54
C GLY A 6 -5.03 -11.98 0.18
N LYS A 7 -6.17 -12.33 -0.40
CA LYS A 7 -6.19 -12.97 -1.70
C LYS A 7 -5.69 -12.02 -2.78
N MET A 8 -4.62 -12.43 -3.45
CA MET A 8 -4.01 -11.66 -4.54
C MET A 8 -3.39 -10.35 -4.03
N ARG A 9 -3.02 -10.30 -2.75
CA ARG A 9 -2.41 -9.10 -2.19
C ARG A 9 -1.17 -9.48 -1.39
N TYR A 10 -0.02 -8.94 -1.80
CA TYR A 10 1.24 -9.25 -1.13
C TYR A 10 1.99 -7.98 -0.75
N VAL A 11 2.50 -7.97 0.47
CA VAL A 11 3.28 -6.85 0.97
C VAL A 11 4.75 -7.10 0.65
N SER A 12 5.27 -6.34 -0.31
CA SER A 12 6.64 -6.51 -0.73
C SER A 12 7.57 -5.54 -0.03
N VAL A 13 8.10 -5.97 1.11
CA VAL A 13 9.03 -5.15 1.87
C VAL A 13 10.40 -5.22 1.21
N ARG A 14 10.83 -4.11 0.65
CA ARG A 14 12.11 -4.05 -0.06
C ARG A 14 12.83 -2.74 0.28
N ASP A 15 13.87 -2.44 -0.48
CA ASP A 15 14.64 -1.22 -0.28
C ASP A 15 14.73 -0.43 -1.57
N PHE A 16 14.61 0.88 -1.48
CA PHE A 16 14.70 1.75 -2.64
C PHE A 16 15.30 3.08 -2.24
N LYS A 17 16.51 3.35 -2.75
CA LYS A 17 17.23 4.60 -2.48
C LYS A 17 17.67 4.68 -1.03
N GLY A 18 17.64 3.55 -0.33
CA GLY A 18 18.06 3.54 1.06
C GLY A 18 16.88 3.57 2.01
N LYS A 19 15.67 3.59 1.46
CA LYS A 19 14.47 3.62 2.27
C LYS A 19 13.75 2.28 2.17
N VAL A 20 13.34 1.74 3.32
CA VAL A 20 12.62 0.48 3.35
C VAL A 20 11.21 0.71 2.80
N LEU A 21 10.97 0.21 1.61
CA LEU A 21 9.69 0.39 0.96
C LEU A 21 8.78 -0.81 1.15
N ILE A 22 7.70 -0.59 1.89
CA ILE A 22 6.70 -1.61 2.10
C ILE A 22 5.68 -1.50 0.97
N ASP A 23 5.95 -2.21 -0.11
CA ASP A 23 5.11 -2.17 -1.30
C ASP A 23 3.85 -3.02 -1.15
N ILE A 24 2.74 -2.36 -0.88
CA ILE A 24 1.46 -3.03 -0.76
C ILE A 24 0.75 -2.98 -2.10
N ARG A 25 1.14 -3.89 -2.98
CA ARG A 25 0.58 -3.94 -4.32
C ARG A 25 -0.16 -5.25 -4.55
N GLU A 26 -1.11 -5.23 -5.47
CA GLU A 26 -1.87 -6.43 -5.80
C GLU A 26 -0.99 -7.39 -6.57
N TYR A 27 -1.10 -8.67 -6.27
CA TYR A 27 -0.31 -9.69 -6.94
C TYR A 27 -1.20 -10.66 -7.68
N TRP A 28 -1.13 -10.62 -8.99
CA TRP A 28 -1.93 -11.48 -9.85
C TRP A 28 -1.07 -12.61 -10.38
N MET A 29 -1.65 -13.78 -10.56
CA MET A 29 -0.91 -14.93 -11.07
C MET A 29 -0.96 -14.94 -12.59
N ASP A 30 0.18 -15.24 -13.21
CA ASP A 30 0.29 -15.27 -14.66
C ASP A 30 0.21 -16.72 -15.16
N PRO A 31 0.25 -16.96 -16.49
CA PRO A 31 0.18 -18.31 -17.05
C PRO A 31 1.39 -19.17 -16.66
N GLU A 32 2.42 -18.54 -16.12
CA GLU A 32 3.61 -19.25 -15.69
C GLU A 32 3.46 -19.75 -14.25
N GLY A 33 2.48 -19.18 -13.56
CA GLY A 33 2.21 -19.56 -12.19
C GLY A 33 2.97 -18.68 -11.22
N GLU A 34 3.47 -17.56 -11.72
CA GLU A 34 4.24 -16.63 -10.91
C GLU A 34 3.34 -15.53 -10.37
N MET A 35 3.79 -14.90 -9.29
CA MET A 35 3.04 -13.81 -8.69
C MET A 35 3.53 -12.49 -9.27
N LYS A 36 2.69 -11.87 -10.08
CA LYS A 36 3.05 -10.63 -10.73
C LYS A 36 2.27 -9.46 -10.14
N PRO A 37 2.97 -8.39 -9.74
CA PRO A 37 2.33 -7.21 -9.16
C PRO A 37 1.56 -6.40 -10.21
N GLY A 38 0.39 -5.91 -9.83
CA GLY A 38 -0.41 -5.12 -10.74
C GLY A 38 0.01 -3.66 -10.71
N ARG A 39 -0.78 -2.78 -11.32
CA ARG A 39 -0.45 -1.37 -11.34
C ARG A 39 -1.06 -0.64 -10.16
N LYS A 40 -1.91 -1.34 -9.41
CA LYS A 40 -2.56 -0.76 -8.25
C LYS A 40 -1.85 -1.20 -6.97
N GLY A 41 -1.24 -0.25 -6.29
CA GLY A 41 -0.53 -0.56 -5.06
C GLY A 41 0.00 0.69 -4.40
N ILE A 42 0.44 0.55 -3.16
CA ILE A 42 0.97 1.68 -2.43
C ILE A 42 2.21 1.28 -1.63
N SER A 43 3.32 1.94 -1.90
CA SER A 43 4.57 1.68 -1.21
C SER A 43 4.76 2.68 -0.08
N LEU A 44 4.71 2.19 1.14
CA LEU A 44 4.86 3.04 2.31
C LEU A 44 6.17 2.73 3.01
N ASN A 45 6.91 3.77 3.37
CA ASN A 45 8.17 3.58 4.07
C ASN A 45 7.92 3.63 5.59
N PRO A 46 8.93 3.34 6.43
CA PRO A 46 8.80 3.33 7.90
C PRO A 46 8.00 4.51 8.46
N GLU A 47 8.17 5.70 7.88
CA GLU A 47 7.46 6.88 8.33
C GLU A 47 5.95 6.66 8.31
N GLN A 48 5.43 6.17 7.18
CA GLN A 48 4.00 5.91 7.05
C GLN A 48 3.62 4.66 7.84
N TRP A 49 4.55 3.70 7.88
CA TRP A 49 4.33 2.46 8.60
C TRP A 49 4.02 2.73 10.07
N SER A 50 4.89 3.48 10.74
CA SER A 50 4.71 3.80 12.14
C SER A 50 3.42 4.62 12.34
N GLN A 51 3.19 5.58 11.44
CA GLN A 51 1.98 6.41 11.52
C GLN A 51 0.73 5.57 11.32
N LEU A 52 0.79 4.64 10.38
CA LEU A 52 -0.35 3.77 10.09
C LEU A 52 -0.70 2.92 11.30
N LYS A 53 0.33 2.37 11.96
CA LYS A 53 0.12 1.54 13.14
C LYS A 53 -0.54 2.35 14.25
N GLU A 54 -0.32 3.66 14.24
CA GLU A 54 -0.90 4.53 15.24
C GLU A 54 -2.36 4.79 14.92
N GLN A 55 -2.65 4.94 13.63
CA GLN A 55 -4.00 5.21 13.17
C GLN A 55 -4.87 3.96 13.21
N ILE A 56 -4.23 2.78 13.26
CA ILE A 56 -4.96 1.52 13.29
C ILE A 56 -6.03 1.48 14.38
N SER A 57 -5.71 2.04 15.54
CA SER A 57 -6.64 2.07 16.66
C SER A 57 -7.89 2.91 16.36
N ASP A 58 -7.81 3.77 15.34
CA ASP A 58 -8.95 4.59 14.96
C ASP A 58 -9.59 4.02 13.70
N ILE A 59 -8.76 3.46 12.82
CA ILE A 59 -9.23 2.86 11.58
C ILE A 59 -10.10 1.65 11.89
N ASP A 60 -9.59 0.79 12.76
CA ASP A 60 -10.29 -0.43 13.16
C ASP A 60 -11.65 -0.08 13.76
N ASP A 61 -11.67 1.00 14.52
CA ASP A 61 -12.88 1.47 15.17
C ASP A 61 -13.90 1.94 14.13
N ALA A 62 -13.40 2.63 13.11
CA ALA A 62 -14.25 3.15 12.04
C ALA A 62 -14.89 2.00 11.26
N VAL A 63 -14.12 0.93 11.05
CA VAL A 63 -14.61 -0.24 10.34
C VAL A 63 -15.79 -0.87 11.08
N ARG A 64 -15.68 -0.92 12.40
CA ARG A 64 -16.71 -1.49 13.24
C ARG A 64 -17.96 -0.62 13.24
N LYS A 65 -17.77 0.68 13.07
CA LYS A 65 -18.88 1.64 13.05
C LYS A 65 -19.69 1.48 11.76
N LEU A 66 -19.04 1.00 10.72
CA LEU A 66 -19.69 0.79 9.44
C LEU A 66 -20.10 -0.66 9.26
N ALA B 1 -13.30 9.77 8.94
CA ALA B 1 -12.83 8.48 8.46
C ALA B 1 -11.62 8.67 7.54
N MET B 2 -11.00 9.84 7.64
CA MET B 2 -9.84 10.16 6.83
C MET B 2 -8.64 10.44 7.72
N PHE B 3 -7.79 9.44 7.86
CA PHE B 3 -6.60 9.56 8.69
C PHE B 3 -5.36 9.79 7.83
N GLN B 4 -4.48 10.68 8.28
CA GLN B 4 -3.28 10.97 7.52
C GLN B 4 -2.10 10.11 7.96
N ILE B 5 -1.32 9.66 6.98
CA ILE B 5 -0.14 8.85 7.23
C ILE B 5 1.00 9.31 6.31
N GLY B 6 1.84 10.19 6.83
CA GLY B 6 2.93 10.71 6.05
C GLY B 6 2.61 12.06 5.45
N LYS B 7 2.94 12.25 4.19
CA LYS B 7 2.67 13.51 3.50
C LYS B 7 1.71 13.27 2.34
N MET B 8 0.57 13.96 2.37
CA MET B 8 -0.44 13.87 1.32
C MET B 8 -1.08 12.48 1.21
N ARG B 9 -0.69 11.56 2.08
CA ARG B 9 -1.23 10.21 2.06
C ARG B 9 -2.32 10.08 3.11
N TYR B 10 -3.50 9.63 2.71
CA TYR B 10 -4.61 9.50 3.64
C TYR B 10 -5.29 8.14 3.55
N VAL B 11 -5.70 7.63 4.70
CA VAL B 11 -6.39 6.36 4.79
C VAL B 11 -7.88 6.63 4.75
N SER B 12 -8.53 6.24 3.66
CA SER B 12 -9.96 6.48 3.50
C SER B 12 -10.78 5.22 3.82
N VAL B 13 -11.38 5.20 4.98
CA VAL B 13 -12.24 4.10 5.39
C VAL B 13 -13.68 4.44 5.08
N ARG B 14 -14.18 3.94 3.96
CA ARG B 14 -15.54 4.24 3.56
C ARG B 14 -16.32 2.99 3.17
N ASP B 15 -17.63 3.06 3.28
CA ASP B 15 -18.51 1.96 2.93
C ASP B 15 -19.03 2.14 1.51
N PHE B 16 -18.62 1.25 0.63
CA PHE B 16 -19.05 1.32 -0.76
C PHE B 16 -20.29 0.47 -0.99
N LYS B 17 -21.44 1.01 -0.59
CA LYS B 17 -22.72 0.33 -0.75
C LYS B 17 -22.71 -1.04 -0.07
N GLY B 18 -22.42 -1.04 1.23
CA GLY B 18 -22.38 -2.29 1.98
C GLY B 18 -21.05 -2.98 1.83
N LYS B 19 -20.00 -2.19 1.63
CA LYS B 19 -18.65 -2.71 1.48
C LYS B 19 -17.65 -1.80 2.16
N VAL B 20 -17.40 -2.06 3.43
CA VAL B 20 -16.45 -1.28 4.20
C VAL B 20 -15.04 -1.57 3.71
N LEU B 21 -14.49 -0.66 2.93
CA LEU B 21 -13.16 -0.84 2.38
C LEU B 21 -12.21 0.24 2.85
N ILE B 22 -11.04 -0.18 3.30
CA ILE B 22 -10.03 0.75 3.75
C ILE B 22 -9.14 1.09 2.57
N ASP B 23 -9.55 2.09 1.82
CA ASP B 23 -8.82 2.52 0.64
C ASP B 23 -7.78 3.58 0.97
N ILE B 24 -6.56 3.13 1.17
CA ILE B 24 -5.46 4.03 1.48
C ILE B 24 -5.01 4.69 0.18
N ARG B 25 -5.15 6.00 0.09
CA ARG B 25 -4.80 6.70 -1.13
C ARG B 25 -4.17 8.05 -0.86
N GLU B 26 -3.32 8.48 -1.78
CA GLU B 26 -2.65 9.76 -1.67
C GLU B 26 -3.50 10.83 -2.33
N TYR B 27 -3.23 12.09 -2.03
CA TYR B 27 -3.99 13.18 -2.62
C TYR B 27 -3.13 14.00 -3.57
N TRP B 28 -3.65 14.21 -4.76
CA TRP B 28 -2.97 15.00 -5.77
C TRP B 28 -3.80 16.23 -6.08
N MET B 29 -3.17 17.34 -6.37
CA MET B 29 -3.91 18.56 -6.67
C MET B 29 -3.80 18.90 -8.15
N ASP B 30 -4.92 19.31 -8.73
CA ASP B 30 -4.96 19.64 -10.16
C ASP B 30 -4.74 21.15 -10.36
N PRO B 31 -4.58 21.61 -11.61
CA PRO B 31 -4.37 23.04 -11.91
C PRO B 31 -5.56 23.92 -11.54
N GLU B 32 -6.70 23.29 -11.28
CA GLU B 32 -7.90 24.04 -10.90
C GLU B 32 -7.86 24.37 -9.42
N GLY B 33 -7.43 23.40 -8.61
CA GLY B 33 -7.35 23.61 -7.18
C GLY B 33 -8.21 22.63 -6.43
N GLU B 34 -8.44 21.46 -7.01
CA GLU B 34 -9.26 20.44 -6.39
C GLU B 34 -8.38 19.26 -5.96
N MET B 35 -8.83 18.58 -4.91
CA MET B 35 -8.10 17.43 -4.39
C MET B 35 -8.56 16.16 -5.08
N LYS B 36 -7.69 15.56 -5.87
CA LYS B 36 -8.03 14.35 -6.59
C LYS B 36 -7.25 13.17 -6.04
N PRO B 37 -7.89 12.00 -5.93
CA PRO B 37 -7.26 10.79 -5.42
C PRO B 37 -6.10 10.34 -6.32
N GLY B 38 -4.96 10.04 -5.71
CA GLY B 38 -3.80 9.61 -6.45
C GLY B 38 -3.97 8.24 -7.06
N ARG B 39 -3.14 7.95 -8.06
CA ARG B 39 -3.19 6.65 -8.73
C ARG B 39 -2.66 5.55 -7.83
N LYS B 40 -1.83 5.92 -6.87
CA LYS B 40 -1.25 4.96 -5.95
C LYS B 40 -2.17 4.75 -4.76
N GLY B 41 -2.23 3.52 -4.29
CA GLY B 41 -3.08 3.19 -3.17
C GLY B 41 -3.79 1.88 -3.37
N ILE B 42 -4.33 1.31 -2.30
CA ILE B 42 -5.02 0.04 -2.38
C ILE B 42 -6.18 -0.01 -1.39
N SER B 43 -7.27 -0.64 -1.82
CA SER B 43 -8.45 -0.78 -0.99
C SER B 43 -8.46 -2.13 -0.29
N LEU B 44 -8.27 -2.13 1.01
CA LEU B 44 -8.25 -3.37 1.78
C LEU B 44 -9.62 -3.67 2.38
N ASN B 45 -10.07 -4.91 2.24
CA ASN B 45 -11.36 -5.32 2.78
C ASN B 45 -11.18 -5.79 4.23
N PRO B 46 -12.28 -5.99 4.98
CA PRO B 46 -12.21 -6.45 6.38
C PRO B 46 -11.24 -7.62 6.61
N GLU B 47 -11.18 -8.54 5.65
CA GLU B 47 -10.29 -9.70 5.75
C GLU B 47 -8.83 -9.25 5.66
N GLN B 48 -8.53 -8.51 4.61
CA GLN B 48 -7.18 -8.00 4.38
C GLN B 48 -6.75 -7.07 5.50
N TRP B 49 -7.70 -6.32 6.02
CA TRP B 49 -7.45 -5.40 7.12
C TRP B 49 -6.91 -6.14 8.33
N SER B 50 -7.52 -7.29 8.63
CA SER B 50 -7.10 -8.10 9.75
C SER B 50 -5.73 -8.71 9.47
N GLN B 51 -5.57 -9.26 8.27
CA GLN B 51 -4.32 -9.87 7.86
C GLN B 51 -3.17 -8.86 7.94
N LEU B 52 -3.43 -7.64 7.50
CA LEU B 52 -2.43 -6.58 7.54
C LEU B 52 -1.95 -6.38 8.97
N LYS B 53 -2.89 -6.30 9.90
CA LYS B 53 -2.58 -6.10 11.31
C LYS B 53 -1.83 -7.32 11.87
N GLU B 54 -2.17 -8.49 11.36
CA GLU B 54 -1.55 -9.73 11.80
C GLU B 54 -0.13 -9.88 11.27
N GLN B 55 0.10 -9.47 10.02
CA GLN B 55 1.43 -9.61 9.42
C GLN B 55 2.37 -8.50 9.88
N ILE B 56 1.85 -7.55 10.65
CA ILE B 56 2.66 -6.43 11.16
C ILE B 56 3.91 -6.94 11.88
N SER B 57 3.74 -8.00 12.66
CA SER B 57 4.86 -8.57 13.43
C SER B 57 6.02 -8.99 12.52
N ASP B 58 5.69 -9.50 11.34
CA ASP B 58 6.71 -9.94 10.39
C ASP B 58 7.27 -8.76 9.61
N ILE B 59 6.37 -7.90 9.14
CA ILE B 59 6.76 -6.73 8.37
C ILE B 59 7.69 -5.82 9.18
N ASP B 60 7.24 -5.47 10.37
CA ASP B 60 8.01 -4.59 11.25
C ASP B 60 9.36 -5.22 11.60
N ASP B 61 9.35 -6.53 11.83
CA ASP B 61 10.57 -7.26 12.18
C ASP B 61 11.63 -7.11 11.09
N ALA B 62 11.20 -7.12 9.84
CA ALA B 62 12.11 -6.97 8.71
C ALA B 62 12.50 -5.52 8.51
N VAL B 63 11.55 -4.61 8.70
CA VAL B 63 11.80 -3.18 8.54
C VAL B 63 12.77 -2.66 9.60
N ARG B 64 12.67 -3.20 10.81
CA ARG B 64 13.53 -2.76 11.91
C ARG B 64 14.90 -3.43 11.86
N LYS B 65 15.08 -4.37 10.94
CA LYS B 65 16.35 -5.07 10.81
C LYS B 65 16.96 -4.87 9.43
N LEU B 66 17.66 -3.76 9.26
CA LEU B 66 18.29 -3.44 7.99
C LEU B 66 19.80 -3.42 8.17
N TYR C 1 8.14 -17.91 -24.34
CA TYR C 1 7.93 -16.47 -24.59
C TYR C 1 7.14 -15.83 -23.44
N GLY C 2 6.29 -16.61 -22.79
CA GLY C 2 5.51 -16.10 -21.68
C GLY C 2 6.36 -15.54 -20.57
N ALA C 3 7.42 -16.27 -20.24
CA ALA C 3 8.35 -15.86 -19.18
C ALA C 3 9.29 -14.75 -19.64
N LEU C 4 8.86 -14.01 -20.64
CA LEU C 4 9.63 -12.91 -21.19
C LEU C 4 8.68 -11.77 -21.54
N ASP C 5 7.67 -12.09 -22.34
CA ASP C 5 6.67 -11.12 -22.77
C ASP C 5 5.95 -10.51 -21.56
N MET C 6 5.63 -11.35 -20.60
CA MET C 6 4.95 -10.89 -19.40
C MET C 6 5.92 -10.79 -18.23
N ALA C 7 7.21 -10.74 -18.54
CA ALA C 7 8.24 -10.64 -17.51
C ALA C 7 9.02 -9.33 -17.63
N ASP C 8 9.56 -9.09 -18.82
CA ASP C 8 10.34 -7.89 -19.08
C ASP C 8 9.50 -6.63 -18.86
N PHE C 9 8.22 -6.72 -19.21
CA PHE C 9 7.30 -5.61 -19.04
C PHE C 9 6.54 -5.71 -17.73
N GLU C 10 7.01 -6.57 -16.83
CA GLU C 10 6.35 -6.77 -15.54
C GLU C 10 7.22 -6.24 -14.41
N PHE C 11 8.53 -6.29 -14.60
CA PHE C 11 9.49 -5.83 -13.60
C PHE C 11 9.25 -4.35 -13.27
N GLU C 12 8.95 -3.55 -14.28
CA GLU C 12 8.72 -2.13 -14.11
C GLU C 12 7.34 -1.81 -13.55
N GLN C 13 6.60 -2.83 -13.14
CA GLN C 13 5.27 -2.62 -12.58
C GLN C 13 5.38 -2.03 -11.19
N MET C 14 6.55 -2.22 -10.57
CA MET C 14 6.80 -1.69 -9.24
C MET C 14 8.26 -1.26 -9.07
N PHE C 15 9.09 -1.48 -10.08
CA PHE C 15 10.50 -1.11 -9.99
C PHE C 15 10.67 0.41 -10.04
N THR C 16 10.70 0.98 -11.24
CA THR C 16 10.86 2.44 -11.37
C THR C 16 9.66 3.17 -10.78
N ASP C 17 8.57 2.43 -10.63
CA ASP C 17 7.33 2.97 -10.08
C ASP C 17 7.50 3.33 -8.61
N ALA C 18 8.51 2.73 -7.98
CA ALA C 18 8.79 2.96 -6.57
C ALA C 18 9.22 4.41 -6.32
N LEU C 19 9.66 5.08 -7.38
CA LEU C 19 10.08 6.47 -7.26
C LEU C 19 8.85 7.35 -7.01
N GLY C 20 7.91 7.30 -7.96
CA GLY C 20 6.70 8.09 -7.85
C GLY C 20 5.65 7.42 -6.98
N ILE C 21 6.04 7.14 -5.74
CA ILE C 21 5.15 6.51 -4.76
C ILE C 21 5.79 6.59 -3.38
N ASP C 22 7.11 6.54 -3.34
CA ASP C 22 7.84 6.63 -2.08
C ASP C 22 8.14 8.09 -1.76
N GLU C 23 8.79 8.77 -2.69
CA GLU C 23 9.15 10.17 -2.50
C GLU C 23 7.97 11.10 -2.81
N TYR C 24 6.90 10.92 -2.05
CA TYR C 24 5.70 11.73 -2.20
C TYR C 24 4.86 11.63 -0.93
N GLY C 25 4.57 10.40 -0.53
CA GLY C 25 3.77 10.17 0.65
C GLY C 25 4.58 10.13 1.92
N GLY C 26 5.91 10.18 1.78
CA GLY C 26 6.76 10.14 2.94
C GLY C 26 8.21 10.37 2.59
#